data_2ZZX
#
_entry.id   2ZZX
#
_cell.length_a   162.792
_cell.length_b   103.501
_cell.length_c   90.760
_cell.angle_alpha   90.00
_cell.angle_beta   101.86
_cell.angle_gamma   90.00
#
_symmetry.space_group_name_H-M   'C 1 2 1'
#
loop_
_entity.id
_entity.type
_entity.pdbx_description
1 polymer 'ABC transporter, solute-binding protein'
2 non-polymer 'LACTIC ACID'
3 non-polymer 'PHOSPHATE ION'
4 non-polymer GLYCEROL
5 non-polymer 'CALCIUM ION'
6 water water
#
_entity_poly.entity_id   1
_entity_poly.type   'polypeptide(L)'
_entity_poly.pdbx_seq_one_letter_code
;MKRVSRRAFLRRLGVGVAATAAFSPLAVAQARRYRWRIQTAWDAGTVGYSLFQKFTERVKELTDGQLEVQPFPAGAVVGT
FDMFDAVKTGVLDGMNPFTLYWAGRMPVTAFLSSYALGLDRPDQWETWFYSLGGLDIARRAFAEQGLFYVGPVQHDLNII
HSKKPIRRFEDFKGVKLRVPGGMIAEVFAAAGASTVLLPGGEVYPALERGVIDAADFVGPAVNYNLGFHQVAKYIIMGPP
ETPAIHQPVDLMDFTINLNRWRSLPKPLQERFIAAVHEYSWIHYAGIQKANLEAWPKYRQAGVEVIRLSNEDVRKFRRLA
IPIWFKWAKMDKYSREAFASQLEYMKGIGYVTDEELKGLSL
;
_entity_poly.pdbx_strand_id   A,B,C,D
#
loop_
_chem_comp.id
_chem_comp.type
_chem_comp.name
_chem_comp.formula
CA non-polymer 'CALCIUM ION' 'Ca 2'
GOL non-polymer GLYCEROL 'C3 H8 O3'
LAC non-polymer 'LACTIC ACID' 'C3 H6 O3'
PO4 non-polymer 'PHOSPHATE ION' 'O4 P -3'
#
# COMPACT_ATOMS: atom_id res chain seq x y z
N ARG A 32 -25.85 -19.32 -5.77
CA ARG A 32 -25.30 -19.83 -4.49
C ARG A 32 -23.85 -19.40 -4.22
N ARG A 33 -23.54 -19.24 -2.94
CA ARG A 33 -22.22 -18.81 -2.51
C ARG A 33 -21.39 -19.91 -1.84
N TYR A 34 -20.11 -19.98 -2.20
CA TYR A 34 -19.18 -20.95 -1.65
C TYR A 34 -18.17 -20.22 -0.78
N ARG A 35 -17.81 -20.81 0.35
CA ARG A 35 -16.83 -20.18 1.24
C ARG A 35 -15.67 -21.11 1.53
N TRP A 36 -14.46 -20.61 1.30
CA TRP A 36 -13.25 -21.39 1.53
C TRP A 36 -12.35 -20.73 2.53
N ARG A 37 -11.78 -21.53 3.43
CA ARG A 37 -10.81 -21.00 4.38
C ARG A 37 -9.46 -21.38 3.79
N ILE A 38 -8.60 -20.40 3.56
CA ILE A 38 -7.27 -20.66 3.02
C ILE A 38 -6.19 -19.96 3.83
N GLN A 39 -5.22 -20.75 4.29
CA GLN A 39 -4.12 -20.18 5.05
C GLN A 39 -2.91 -20.02 4.16
N THR A 40 -2.19 -18.91 4.35
CA THR A 40 -1.00 -18.65 3.56
C THR A 40 0.26 -18.86 4.41
N ALA A 41 1.38 -19.08 3.72
CA ALA A 41 2.65 -19.25 4.41
C ALA A 41 3.16 -17.89 4.92
N TRP A 42 2.54 -16.82 4.45
CA TRP A 42 2.95 -15.48 4.84
C TRP A 42 2.50 -15.17 6.25
N ASP A 43 3.44 -14.70 7.07
CA ASP A 43 3.12 -14.34 8.45
C ASP A 43 2.38 -12.99 8.46
N ALA A 44 1.59 -12.76 9.50
CA ALA A 44 0.88 -11.49 9.63
C ALA A 44 1.93 -10.38 9.71
N GLY A 45 1.58 -9.19 9.23
CA GLY A 45 2.51 -8.08 9.28
C GLY A 45 3.54 -8.03 8.17
N THR A 46 3.37 -8.87 7.16
CA THR A 46 4.31 -8.86 6.05
C THR A 46 3.63 -8.29 4.82
N VAL A 47 4.44 -7.84 3.88
CA VAL A 47 3.94 -7.31 2.61
C VAL A 47 3.17 -8.45 1.95
N GLY A 48 3.70 -9.67 2.07
CA GLY A 48 3.06 -10.85 1.49
C GLY A 48 1.65 -11.10 1.99
N TYR A 49 1.45 -11.03 3.30
CA TYR A 49 0.11 -11.24 3.80
C TYR A 49 -0.84 -10.14 3.28
N SER A 50 -0.35 -8.91 3.15
CA SER A 50 -1.21 -7.81 2.68
C SER A 50 -1.64 -8.11 1.25
N LEU A 51 -0.70 -8.61 0.46
CA LEU A 51 -1.01 -8.94 -0.93
C LEU A 51 -2.05 -10.03 -0.98
N PHE A 52 -1.90 -11.03 -0.11
CA PHE A 52 -2.82 -12.16 -0.03
C PHE A 52 -4.23 -11.74 0.36
N GLN A 53 -4.33 -10.82 1.31
CA GLN A 53 -5.63 -10.32 1.73
C GLN A 53 -6.32 -9.68 0.54
N LYS A 54 -5.59 -8.83 -0.18
CA LYS A 54 -6.13 -8.13 -1.34
C LYS A 54 -6.64 -9.13 -2.37
N PHE A 55 -5.94 -10.26 -2.48
CA PHE A 55 -6.32 -11.32 -3.41
C PHE A 55 -7.71 -11.85 -3.12
N THR A 56 -8.03 -12.01 -1.84
CA THR A 56 -9.35 -12.53 -1.50
C THR A 56 -10.45 -11.59 -1.96
N GLU A 57 -10.22 -10.29 -1.95
CA GLU A 57 -11.28 -9.42 -2.42
C GLU A 57 -11.37 -9.42 -3.94
N ARG A 58 -10.25 -9.71 -4.60
CA ARG A 58 -10.24 -9.80 -6.05
C ARG A 58 -11.02 -11.03 -6.48
N VAL A 59 -10.94 -12.09 -5.69
CA VAL A 59 -11.65 -13.32 -6.00
C VAL A 59 -13.17 -13.10 -5.86
N LYS A 60 -13.56 -12.39 -4.81
CA LYS A 60 -14.98 -12.13 -4.62
C LYS A 60 -15.51 -11.32 -5.80
N GLU A 61 -14.73 -10.34 -6.23
CA GLU A 61 -15.11 -9.48 -7.35
C GLU A 61 -15.23 -10.28 -8.65
N LEU A 62 -14.23 -11.09 -8.95
CA LEU A 62 -14.25 -11.89 -10.17
C LEU A 62 -15.35 -12.97 -10.18
N THR A 63 -15.88 -13.32 -9.01
CA THR A 63 -16.93 -14.34 -8.96
C THR A 63 -18.28 -13.74 -8.57
N ASP A 64 -18.35 -12.41 -8.54
CA ASP A 64 -19.57 -11.71 -8.16
C ASP A 64 -20.06 -12.20 -6.80
N GLY A 65 -19.13 -12.40 -5.88
CA GLY A 65 -19.47 -12.84 -4.55
C GLY A 65 -19.82 -14.31 -4.43
N GLN A 66 -19.76 -15.06 -5.53
CA GLN A 66 -20.10 -16.47 -5.48
C GLN A 66 -19.04 -17.39 -4.83
N LEU A 67 -17.80 -16.94 -4.81
CA LEU A 67 -16.71 -17.69 -4.19
C LEU A 67 -16.00 -16.71 -3.29
N GLU A 68 -16.04 -17.00 -2.00
CA GLU A 68 -15.42 -16.13 -1.03
C GLU A 68 -14.29 -16.88 -0.32
N VAL A 69 -13.15 -16.22 -0.21
CA VAL A 69 -12.01 -16.83 0.46
C VAL A 69 -11.71 -16.08 1.76
N GLN A 70 -11.71 -16.83 2.86
CA GLN A 70 -11.38 -16.24 4.16
C GLN A 70 -9.87 -16.43 4.38
N PRO A 71 -9.10 -15.34 4.36
CA PRO A 71 -7.65 -15.47 4.55
C PRO A 71 -7.19 -15.68 5.99
N PHE A 72 -6.19 -16.55 6.17
CA PHE A 72 -5.61 -16.82 7.48
C PHE A 72 -4.09 -16.72 7.36
N PRO A 73 -3.44 -15.93 8.23
CA PRO A 73 -1.99 -15.79 8.17
C PRO A 73 -1.30 -17.07 8.66
N ALA A 74 0.01 -17.17 8.44
CA ALA A 74 0.75 -18.36 8.84
C ALA A 74 0.52 -18.73 10.31
N GLY A 75 0.19 -20.00 10.56
CA GLY A 75 -0.02 -20.47 11.91
C GLY A 75 -1.39 -20.26 12.54
N ALA A 76 -2.21 -19.40 11.94
CA ALA A 76 -3.52 -19.14 12.51
C ALA A 76 -4.37 -20.39 12.71
N VAL A 77 -4.36 -21.33 11.77
CA VAL A 77 -5.18 -22.53 11.89
C VAL A 77 -4.37 -23.78 12.16
N VAL A 78 -3.16 -23.82 11.61
CA VAL A 78 -2.31 -24.97 11.76
C VAL A 78 -0.90 -24.45 11.53
N GLY A 79 0.11 -25.18 11.99
CA GLY A 79 1.47 -24.75 11.78
C GLY A 79 1.72 -24.80 10.28
N THR A 80 2.56 -23.92 9.78
CA THR A 80 2.86 -23.88 8.35
C THR A 80 3.24 -25.24 7.76
N PHE A 81 4.15 -25.94 8.40
CA PHE A 81 4.60 -27.22 7.86
C PHE A 81 3.55 -28.34 7.91
N ASP A 82 2.45 -28.09 8.60
CA ASP A 82 1.38 -29.07 8.71
C ASP A 82 0.18 -28.70 7.84
N MET A 83 0.28 -27.61 7.08
CA MET A 83 -0.82 -27.19 6.23
C MET A 83 -1.19 -28.26 5.22
N PHE A 84 -0.18 -28.90 4.65
CA PHE A 84 -0.38 -29.94 3.65
C PHE A 84 -1.39 -30.99 4.14
N ASP A 85 -1.16 -31.50 5.34
CA ASP A 85 -2.05 -32.50 5.90
C ASP A 85 -3.40 -31.92 6.31
N ALA A 86 -3.39 -30.67 6.76
CA ALA A 86 -4.64 -30.03 7.15
C ALA A 86 -5.55 -29.81 5.93
N VAL A 87 -4.94 -29.53 4.77
CA VAL A 87 -5.76 -29.35 3.57
C VAL A 87 -6.20 -30.73 3.08
N LYS A 88 -5.29 -31.69 3.15
CA LYS A 88 -5.59 -33.04 2.70
C LYS A 88 -6.80 -33.59 3.46
N THR A 89 -6.83 -33.35 4.77
CA THR A 89 -7.93 -33.84 5.58
C THR A 89 -9.17 -32.93 5.57
N GLY A 90 -9.03 -31.72 5.05
CA GLY A 90 -10.19 -30.85 4.99
C GLY A 90 -10.40 -29.86 6.12
N VAL A 91 -9.52 -29.80 7.12
CA VAL A 91 -9.70 -28.81 8.18
C VAL A 91 -9.60 -27.44 7.50
N LEU A 92 -8.72 -27.36 6.49
CA LEU A 92 -8.56 -26.15 5.70
C LEU A 92 -9.04 -26.53 4.30
N ASP A 93 -9.64 -25.58 3.59
CA ASP A 93 -10.12 -25.86 2.24
C ASP A 93 -8.97 -25.76 1.23
N GLY A 94 -7.98 -24.94 1.57
CA GLY A 94 -6.83 -24.77 0.69
C GLY A 94 -5.70 -24.04 1.37
N MET A 95 -4.60 -23.89 0.63
CA MET A 95 -3.41 -23.25 1.16
C MET A 95 -2.65 -22.50 0.10
N ASN A 96 -1.83 -21.56 0.54
CA ASN A 96 -0.97 -20.75 -0.33
C ASN A 96 0.44 -20.87 0.28
N PRO A 97 1.08 -22.05 0.12
CA PRO A 97 2.42 -22.29 0.67
C PRO A 97 3.54 -21.99 -0.29
N PHE A 98 4.76 -22.18 0.21
CA PHE A 98 5.95 -22.13 -0.62
C PHE A 98 5.97 -23.62 -0.95
N THR A 99 5.76 -23.92 -2.22
CA THR A 99 5.67 -25.30 -2.67
C THR A 99 6.73 -26.29 -2.23
N LEU A 100 7.98 -25.85 -2.18
CA LEU A 100 9.03 -26.78 -1.81
C LEU A 100 9.04 -27.24 -0.35
N TYR A 101 8.11 -26.73 0.45
CA TYR A 101 8.02 -27.20 1.85
C TYR A 101 7.65 -28.69 1.91
N TRP A 102 7.04 -29.21 0.84
CA TRP A 102 6.62 -30.61 0.83
C TRP A 102 7.66 -31.56 0.24
N ALA A 103 8.86 -31.05 0.00
CA ALA A 103 9.91 -31.84 -0.63
C ALA A 103 10.19 -33.17 0.08
N GLY A 104 10.09 -33.15 1.40
CA GLY A 104 10.32 -34.34 2.20
C GLY A 104 9.28 -35.43 2.04
N ARG A 105 8.05 -35.09 1.67
CA ARG A 105 7.04 -36.12 1.50
C ARG A 105 6.60 -36.27 0.03
N MET A 106 6.89 -35.26 -0.78
CA MET A 106 6.57 -35.28 -2.23
C MET A 106 7.79 -34.74 -2.94
N PRO A 107 8.73 -35.61 -3.33
CA PRO A 107 9.96 -35.24 -4.01
C PRO A 107 9.74 -34.29 -5.21
N VAL A 108 8.63 -34.46 -5.92
CA VAL A 108 8.37 -33.61 -7.07
C VAL A 108 8.31 -32.12 -6.67
N THR A 109 7.89 -31.82 -5.43
CA THR A 109 7.81 -30.42 -5.04
C THR A 109 9.15 -29.70 -4.99
N ALA A 110 10.26 -30.44 -4.89
CA ALA A 110 11.60 -29.84 -4.90
C ALA A 110 11.89 -29.28 -6.31
N PHE A 111 11.10 -29.74 -7.28
CA PHE A 111 11.22 -29.30 -8.65
C PHE A 111 10.06 -28.40 -9.06
N LEU A 112 9.21 -28.01 -8.10
CA LEU A 112 8.10 -27.13 -8.45
C LEU A 112 8.39 -25.73 -7.93
N SER A 113 9.66 -25.51 -7.59
CA SER A 113 10.15 -24.21 -7.14
C SER A 113 11.65 -24.24 -7.49
N SER A 114 12.32 -23.09 -7.51
CA SER A 114 13.71 -23.13 -7.90
C SER A 114 14.64 -23.92 -6.99
N TYR A 115 15.69 -24.44 -7.62
CA TYR A 115 16.73 -25.16 -6.90
C TYR A 115 18.06 -24.60 -7.40
N ALA A 116 19.11 -24.85 -6.66
CA ALA A 116 20.41 -24.27 -6.97
C ALA A 116 20.94 -24.39 -8.40
N LEU A 117 21.22 -23.23 -8.96
CA LEU A 117 21.79 -23.07 -10.28
C LEU A 117 21.02 -23.66 -11.47
N GLY A 118 19.72 -23.85 -11.30
CA GLY A 118 18.91 -24.34 -12.42
C GLY A 118 18.28 -23.12 -13.10
N LEU A 119 17.09 -23.29 -13.67
CA LEU A 119 16.37 -22.20 -14.32
C LEU A 119 16.28 -21.11 -13.25
N ASP A 120 16.62 -19.88 -13.61
CA ASP A 120 16.66 -18.80 -12.62
C ASP A 120 15.92 -17.51 -12.90
N ARG A 121 15.01 -17.53 -13.86
CA ARG A 121 14.20 -16.37 -14.17
C ARG A 121 12.72 -16.70 -14.05
N PRO A 122 11.91 -15.74 -13.57
CA PRO A 122 10.48 -15.98 -13.43
C PRO A 122 9.88 -16.48 -14.75
N ASP A 123 10.29 -15.86 -15.86
CA ASP A 123 9.72 -16.23 -17.18
C ASP A 123 10.04 -17.67 -17.60
N GLN A 124 11.17 -18.20 -17.13
CA GLN A 124 11.55 -19.57 -17.46
C GLN A 124 10.63 -20.53 -16.71
N TRP A 125 10.34 -20.22 -15.45
CA TRP A 125 9.46 -21.08 -14.70
C TRP A 125 8.04 -21.02 -15.27
N GLU A 126 7.63 -19.83 -15.70
CA GLU A 126 6.31 -19.65 -16.28
C GLU A 126 6.21 -20.53 -17.54
N THR A 127 7.26 -20.48 -18.35
CA THR A 127 7.29 -21.27 -19.59
C THR A 127 7.23 -22.76 -19.30
N TRP A 128 8.02 -23.21 -18.35
CA TRP A 128 8.04 -24.64 -18.05
C TRP A 128 6.68 -25.10 -17.56
N PHE A 129 6.08 -24.35 -16.65
CA PHE A 129 4.77 -24.72 -16.14
C PHE A 129 3.66 -24.69 -17.19
N TYR A 130 3.61 -23.59 -17.93
CA TYR A 130 2.51 -23.38 -18.85
C TYR A 130 2.60 -23.84 -20.30
N SER A 131 3.78 -24.26 -20.77
CA SER A 131 3.83 -24.77 -22.13
C SER A 131 4.70 -26.02 -22.25
N LEU A 132 5.57 -26.26 -21.29
CA LEU A 132 6.45 -27.43 -21.38
C LEU A 132 5.98 -28.61 -20.57
N GLY A 133 4.74 -28.54 -20.08
CA GLY A 133 4.15 -29.64 -19.34
C GLY A 133 4.24 -29.68 -17.82
N GLY A 134 4.80 -28.64 -17.21
CA GLY A 134 4.94 -28.64 -15.75
C GLY A 134 3.64 -28.64 -14.98
N LEU A 135 2.67 -27.87 -15.44
CA LEU A 135 1.39 -27.80 -14.74
C LEU A 135 0.72 -29.17 -14.63
N ASP A 136 0.75 -29.96 -15.70
CA ASP A 136 0.12 -31.29 -15.66
C ASP A 136 0.85 -32.26 -14.74
N ILE A 137 2.17 -32.17 -14.69
CA ILE A 137 2.96 -33.07 -13.84
C ILE A 137 2.57 -32.74 -12.39
N ALA A 138 2.55 -31.46 -12.06
CA ALA A 138 2.19 -31.02 -10.71
C ALA A 138 0.78 -31.46 -10.34
N ARG A 139 -0.16 -31.25 -11.26
CA ARG A 139 -1.52 -31.65 -10.97
C ARG A 139 -1.69 -33.14 -10.76
N ARG A 140 -1.00 -33.96 -11.54
CA ARG A 140 -1.12 -35.40 -11.39
C ARG A 140 -0.53 -35.88 -10.07
N ALA A 141 0.61 -35.33 -9.69
CA ALA A 141 1.26 -35.70 -8.44
C ALA A 141 0.37 -35.31 -7.24
N PHE A 142 -0.16 -34.09 -7.23
CA PHE A 142 -1.02 -33.64 -6.14
C PHE A 142 -2.34 -34.38 -6.08
N ALA A 143 -2.88 -34.74 -7.25
CA ALA A 143 -4.15 -35.45 -7.29
C ALA A 143 -4.05 -36.76 -6.55
N GLU A 144 -2.89 -37.41 -6.63
CA GLU A 144 -2.70 -38.69 -5.92
C GLU A 144 -2.76 -38.47 -4.41
N GLN A 145 -2.58 -37.22 -3.99
CA GLN A 145 -2.59 -36.84 -2.57
C GLN A 145 -3.94 -36.26 -2.14
N GLY A 146 -4.90 -36.28 -3.04
CA GLY A 146 -6.21 -35.73 -2.72
C GLY A 146 -6.19 -34.23 -2.67
N LEU A 147 -5.35 -33.61 -3.51
CA LEU A 147 -5.22 -32.16 -3.56
C LEU A 147 -5.25 -31.69 -5.01
N PHE A 148 -5.81 -30.52 -5.23
CA PHE A 148 -5.84 -29.97 -6.57
C PHE A 148 -4.83 -28.82 -6.62
N TYR A 149 -3.73 -29.01 -7.34
CA TYR A 149 -2.72 -27.94 -7.49
C TYR A 149 -3.25 -26.96 -8.55
N VAL A 150 -3.61 -25.75 -8.13
CA VAL A 150 -4.16 -24.78 -9.07
C VAL A 150 -3.11 -24.24 -10.04
N GLY A 151 -2.06 -23.67 -9.49
CA GLY A 151 -1.02 -23.11 -10.31
C GLY A 151 0.01 -22.43 -9.43
N PRO A 152 1.18 -22.12 -9.97
CA PRO A 152 2.25 -21.46 -9.23
C PRO A 152 1.97 -19.98 -9.05
N VAL A 153 2.55 -19.42 -7.99
CA VAL A 153 2.40 -18.00 -7.72
C VAL A 153 3.84 -17.45 -7.70
N GLN A 154 4.16 -16.58 -8.66
CA GLN A 154 5.49 -15.99 -8.73
C GLN A 154 5.72 -15.15 -7.48
N HIS A 155 6.99 -15.04 -7.11
CA HIS A 155 7.29 -14.37 -5.87
C HIS A 155 8.60 -13.61 -5.85
N ASP A 156 9.74 -14.31 -5.78
CA ASP A 156 10.99 -13.58 -5.59
C ASP A 156 12.20 -14.50 -5.53
N LEU A 157 13.39 -13.91 -5.50
CA LEU A 157 14.61 -14.70 -5.30
C LEU A 157 14.78 -14.60 -3.78
N ASN A 158 15.58 -15.47 -3.17
CA ASN A 158 15.75 -15.40 -1.72
C ASN A 158 17.16 -14.92 -1.40
N ILE A 159 17.33 -14.35 -0.20
CA ILE A 159 18.64 -13.88 0.24
C ILE A 159 18.91 -14.55 1.57
N ILE A 160 20.16 -14.44 2.05
CA ILE A 160 20.55 -15.02 3.33
C ILE A 160 20.92 -13.89 4.29
N HIS A 161 20.51 -14.03 5.55
CA HIS A 161 20.86 -13.08 6.61
C HIS A 161 21.77 -13.85 7.53
N SER A 162 22.89 -13.24 7.89
CA SER A 162 23.85 -13.94 8.72
C SER A 162 24.45 -13.03 9.76
N LYS A 163 24.75 -13.60 10.93
CA LYS A 163 25.37 -12.85 12.02
C LYS A 163 26.88 -12.81 11.73
N LYS A 164 27.34 -13.81 10.99
CA LYS A 164 28.75 -13.95 10.63
C LYS A 164 28.97 -13.52 9.17
N PRO A 165 30.10 -12.88 8.87
CA PRO A 165 30.35 -12.47 7.49
C PRO A 165 30.78 -13.69 6.68
N ILE A 166 29.92 -14.12 5.77
CA ILE A 166 30.19 -15.27 4.90
C ILE A 166 30.57 -14.64 3.56
N ARG A 167 31.87 -14.57 3.27
CA ARG A 167 32.36 -13.92 2.07
C ARG A 167 32.83 -14.83 0.95
N ARG A 168 32.89 -16.13 1.20
CA ARG A 168 33.33 -17.08 0.18
C ARG A 168 32.73 -18.45 0.45
N PHE A 169 32.79 -19.31 -0.55
CA PHE A 169 32.26 -20.66 -0.45
C PHE A 169 32.69 -21.35 0.85
N GLU A 170 33.98 -21.27 1.14
CA GLU A 170 34.55 -21.91 2.32
C GLU A 170 34.01 -21.41 3.67
N ASP A 171 33.39 -20.24 3.70
CA ASP A 171 32.85 -19.72 4.94
C ASP A 171 31.54 -20.39 5.38
N PHE A 172 30.96 -21.23 4.53
CA PHE A 172 29.72 -21.90 4.87
C PHE A 172 29.93 -23.09 5.82
N LYS A 173 31.15 -23.63 5.82
CA LYS A 173 31.48 -24.77 6.66
C LYS A 173 31.24 -24.46 8.14
N GLY A 174 30.44 -25.30 8.81
CA GLY A 174 30.16 -25.12 10.23
C GLY A 174 29.05 -24.13 10.59
N VAL A 175 28.52 -23.43 9.59
CA VAL A 175 27.48 -22.46 9.83
C VAL A 175 26.13 -23.15 10.10
N LYS A 176 25.48 -22.78 11.20
CA LYS A 176 24.16 -23.34 11.52
C LYS A 176 23.22 -22.47 10.70
N LEU A 177 22.65 -23.05 9.66
CA LEU A 177 21.82 -22.32 8.72
C LEU A 177 20.39 -22.80 8.58
N ARG A 178 19.43 -21.90 8.79
CA ARG A 178 18.03 -22.25 8.60
C ARG A 178 17.81 -22.25 7.08
N VAL A 179 17.19 -23.31 6.57
CA VAL A 179 16.86 -23.42 5.15
C VAL A 179 15.55 -24.20 5.06
N PRO A 180 14.86 -24.14 3.90
CA PRO A 180 13.58 -24.83 3.74
C PRO A 180 13.68 -26.32 3.41
N GLY A 181 14.67 -27.00 3.97
CA GLY A 181 14.83 -28.42 3.70
C GLY A 181 14.99 -28.79 2.24
N GLY A 182 14.64 -30.03 1.92
CA GLY A 182 14.71 -30.51 0.55
C GLY A 182 16.06 -30.43 -0.12
N MET A 183 16.04 -30.13 -1.41
CA MET A 183 17.26 -30.02 -2.19
C MET A 183 18.06 -28.76 -1.80
N ILE A 184 17.37 -27.72 -1.35
CA ILE A 184 18.05 -26.49 -0.93
C ILE A 184 18.97 -26.82 0.24
N ALA A 185 18.43 -27.54 1.22
CA ALA A 185 19.19 -27.91 2.39
C ALA A 185 20.35 -28.82 2.02
N GLU A 186 20.11 -29.75 1.11
CA GLU A 186 21.17 -30.68 0.73
C GLU A 186 22.38 -30.00 0.10
N VAL A 187 22.15 -28.97 -0.70
CA VAL A 187 23.26 -28.28 -1.35
C VAL A 187 24.06 -27.51 -0.30
N PHE A 188 23.39 -26.86 0.65
CA PHE A 188 24.11 -26.14 1.70
C PHE A 188 24.85 -27.13 2.60
N ALA A 189 24.26 -28.30 2.82
CA ALA A 189 24.92 -29.32 3.65
C ALA A 189 26.17 -29.85 2.94
N ALA A 190 26.12 -29.95 1.61
CA ALA A 190 27.27 -30.42 0.85
C ALA A 190 28.40 -29.39 0.92
N ALA A 191 28.05 -28.15 1.22
CA ALA A 191 29.03 -27.07 1.35
C ALA A 191 29.50 -26.99 2.82
N GLY A 192 29.07 -27.95 3.64
CA GLY A 192 29.51 -27.96 5.02
C GLY A 192 28.66 -27.27 6.07
N ALA A 193 27.54 -26.67 5.67
CA ALA A 193 26.67 -26.04 6.66
C ALA A 193 25.85 -27.05 7.47
N SER A 194 25.44 -26.65 8.67
CA SER A 194 24.60 -27.51 9.51
C SER A 194 23.23 -26.88 9.29
N THR A 195 22.39 -27.57 8.52
CA THR A 195 21.08 -27.03 8.20
C THR A 195 20.01 -27.32 9.23
N VAL A 196 19.14 -26.34 9.42
CA VAL A 196 18.04 -26.42 10.36
C VAL A 196 16.73 -26.07 9.66
N LEU A 197 15.66 -26.79 9.97
CA LEU A 197 14.36 -26.52 9.38
C LEU A 197 13.53 -25.77 10.41
N LEU A 198 13.07 -24.56 10.05
CA LEU A 198 12.27 -23.73 10.95
C LEU A 198 11.33 -22.84 10.15
N PRO A 199 10.13 -22.56 10.69
CA PRO A 199 9.23 -21.69 9.95
C PRO A 199 9.81 -20.28 10.01
N GLY A 200 9.50 -19.45 9.01
CA GLY A 200 10.03 -18.11 8.97
C GLY A 200 9.79 -17.33 10.25
N GLY A 201 8.63 -17.56 10.86
CA GLY A 201 8.28 -16.86 12.08
C GLY A 201 9.07 -17.25 13.31
N GLU A 202 9.92 -18.25 13.20
CA GLU A 202 10.73 -18.65 14.34
C GLU A 202 12.20 -18.30 14.11
N VAL A 203 12.47 -17.66 12.97
CA VAL A 203 13.84 -17.30 12.64
C VAL A 203 14.45 -16.20 13.51
N TYR A 204 13.68 -15.16 13.79
CA TYR A 204 14.20 -14.06 14.61
C TYR A 204 14.69 -14.56 15.97
N PRO A 205 13.84 -15.28 16.74
CA PRO A 205 14.31 -15.74 18.04
C PRO A 205 15.47 -16.75 17.94
N ALA A 206 15.47 -17.60 16.92
CA ALA A 206 16.54 -18.57 16.73
C ALA A 206 17.88 -17.84 16.54
N LEU A 207 17.85 -16.75 15.79
CA LEU A 207 19.07 -15.96 15.54
C LEU A 207 19.49 -15.25 16.82
N GLU A 208 18.52 -14.66 17.49
CA GLU A 208 18.77 -13.93 18.73
C GLU A 208 19.34 -14.84 19.82
N ARG A 209 18.84 -16.06 19.93
CA ARG A 209 19.30 -17.00 20.93
C ARG A 209 20.52 -17.80 20.48
N GLY A 210 20.98 -17.57 19.26
CA GLY A 210 22.16 -18.28 18.78
C GLY A 210 21.90 -19.72 18.36
N VAL A 211 20.63 -20.11 18.26
CA VAL A 211 20.31 -21.46 17.82
C VAL A 211 20.85 -21.59 16.39
N ILE A 212 20.76 -20.51 15.63
CA ILE A 212 21.30 -20.51 14.26
C ILE A 212 22.18 -19.29 14.05
N ASP A 213 23.09 -19.39 13.08
CA ASP A 213 24.00 -18.30 12.75
C ASP A 213 23.49 -17.51 11.55
N ALA A 214 22.71 -18.16 10.71
CA ALA A 214 22.23 -17.51 9.49
C ALA A 214 20.90 -18.12 9.05
N ALA A 215 20.21 -17.44 8.15
CA ALA A 215 18.92 -17.92 7.70
C ALA A 215 18.60 -17.52 6.27
N ASP A 216 18.12 -18.50 5.51
CA ASP A 216 17.67 -18.26 4.15
C ASP A 216 16.13 -18.29 4.22
N PHE A 217 15.49 -17.13 4.21
CA PHE A 217 14.03 -17.12 4.24
C PHE A 217 13.52 -16.60 2.91
N VAL A 218 13.09 -15.34 2.84
CA VAL A 218 12.63 -14.87 1.52
C VAL A 218 13.49 -13.69 1.03
N GLY A 219 12.84 -12.74 0.33
CA GLY A 219 13.53 -11.57 -0.19
C GLY A 219 13.72 -10.44 0.82
N PRO A 220 14.37 -9.34 0.41
CA PRO A 220 14.64 -8.18 1.28
C PRO A 220 13.48 -7.51 2.00
N ALA A 221 12.40 -7.21 1.30
CA ALA A 221 11.28 -6.54 1.95
C ALA A 221 10.66 -7.32 3.12
N VAL A 222 10.30 -8.58 2.89
CA VAL A 222 9.66 -9.35 3.95
C VAL A 222 10.63 -9.66 5.08
N ASN A 223 11.88 -9.97 4.75
CA ASN A 223 12.88 -10.26 5.80
C ASN A 223 13.01 -9.01 6.69
N TYR A 224 12.91 -7.83 6.07
CA TYR A 224 13.00 -6.58 6.83
C TYR A 224 11.76 -6.44 7.71
N ASN A 225 10.59 -6.79 7.17
CA ASN A 225 9.32 -6.75 7.91
C ASN A 225 9.44 -7.56 9.20
N LEU A 226 10.08 -8.72 9.09
CA LEU A 226 10.26 -9.60 10.24
C LEU A 226 11.42 -9.21 11.15
N GLY A 227 12.18 -8.20 10.75
CA GLY A 227 13.26 -7.68 11.57
C GLY A 227 14.61 -8.38 11.64
N PHE A 228 14.92 -9.22 10.65
CA PHE A 228 16.19 -9.92 10.69
C PHE A 228 17.40 -9.00 10.74
N HIS A 229 17.27 -7.77 10.24
CA HIS A 229 18.40 -6.83 10.25
C HIS A 229 18.79 -6.43 11.67
N GLN A 230 17.88 -6.65 12.61
CA GLN A 230 18.14 -6.30 14.01
C GLN A 230 18.97 -7.37 14.72
N VAL A 231 18.97 -8.59 14.20
CA VAL A 231 19.72 -9.68 14.83
C VAL A 231 20.81 -10.29 13.95
N ALA A 232 21.01 -9.72 12.76
CA ALA A 232 22.02 -10.21 11.81
C ALA A 232 22.42 -9.01 10.97
N LYS A 233 23.69 -8.66 10.98
CA LYS A 233 24.12 -7.50 10.23
C LYS A 233 24.64 -7.74 8.84
N TYR A 234 24.59 -8.98 8.38
CA TYR A 234 25.08 -9.25 7.03
C TYR A 234 24.01 -9.91 6.19
N ILE A 235 23.94 -9.50 4.94
CA ILE A 235 23.05 -10.13 3.98
C ILE A 235 24.07 -10.77 3.04
N ILE A 236 23.85 -12.04 2.69
CA ILE A 236 24.76 -12.75 1.81
C ILE A 236 24.03 -13.02 0.48
N MET A 237 24.63 -12.58 -0.62
CA MET A 237 24.05 -12.77 -1.96
C MET A 237 25.12 -13.27 -2.92
N GLY A 238 24.69 -13.74 -4.08
CA GLY A 238 25.64 -14.22 -5.07
C GLY A 238 26.16 -13.01 -5.84
N PRO A 239 27.04 -13.21 -6.83
CA PRO A 239 27.61 -12.13 -7.64
C PRO A 239 26.52 -11.50 -8.54
N PRO A 240 26.79 -10.30 -9.07
CA PRO A 240 25.76 -9.70 -9.93
C PRO A 240 25.33 -10.61 -11.07
N GLU A 241 26.22 -11.51 -11.47
CA GLU A 241 25.94 -12.46 -12.55
C GLU A 241 24.97 -13.56 -12.10
N THR A 242 25.03 -13.91 -10.82
CA THR A 242 24.18 -14.97 -10.23
C THR A 242 23.78 -14.51 -8.83
N PRO A 243 22.88 -13.51 -8.74
CA PRO A 243 22.38 -12.93 -7.49
C PRO A 243 21.88 -13.92 -6.46
N ALA A 244 21.19 -14.96 -6.92
CA ALA A 244 20.66 -15.96 -6.03
C ALA A 244 21.19 -17.30 -6.50
N ILE A 245 22.06 -17.88 -5.71
CA ILE A 245 22.66 -19.17 -6.06
C ILE A 245 21.68 -20.31 -5.77
N HIS A 246 21.02 -20.23 -4.62
CA HIS A 246 20.11 -21.29 -4.19
C HIS A 246 18.64 -21.21 -4.60
N GLN A 247 18.01 -20.06 -4.40
CA GLN A 247 16.59 -19.92 -4.74
C GLN A 247 16.25 -18.65 -5.50
N PRO A 248 16.53 -18.64 -6.79
CA PRO A 248 16.27 -17.49 -7.67
C PRO A 248 14.80 -17.25 -7.98
N VAL A 249 13.99 -18.31 -7.89
CA VAL A 249 12.55 -18.24 -8.19
C VAL A 249 11.81 -19.09 -7.17
N ASP A 250 11.59 -18.50 -6.00
CA ASP A 250 10.96 -19.16 -4.87
C ASP A 250 9.43 -19.13 -4.99
N LEU A 251 8.89 -20.09 -5.71
CA LEU A 251 7.46 -20.12 -5.97
C LEU A 251 6.52 -20.53 -4.86
N MET A 252 5.37 -19.86 -4.81
CA MET A 252 4.29 -20.23 -3.90
C MET A 252 3.29 -20.87 -4.86
N ASP A 253 2.10 -21.20 -4.37
CA ASP A 253 1.08 -21.79 -5.22
C ASP A 253 -0.23 -21.75 -4.47
N PHE A 254 -1.29 -22.22 -5.10
CA PHE A 254 -2.57 -22.37 -4.43
C PHE A 254 -2.92 -23.83 -4.67
N THR A 255 -3.19 -24.56 -3.59
CA THR A 255 -3.54 -25.96 -3.68
C THR A 255 -4.83 -26.10 -2.86
N ILE A 256 -5.84 -26.73 -3.45
CA ILE A 256 -7.14 -26.88 -2.78
C ILE A 256 -7.45 -28.34 -2.47
N ASN A 257 -8.23 -28.58 -1.40
CA ASN A 257 -8.62 -29.95 -1.05
C ASN A 257 -9.34 -30.43 -2.32
N LEU A 258 -9.04 -31.65 -2.77
CA LEU A 258 -9.62 -32.12 -4.02
C LEU A 258 -11.14 -32.27 -3.97
N ASN A 259 -11.66 -32.74 -2.85
CA ASN A 259 -13.11 -32.89 -2.71
C ASN A 259 -13.79 -31.54 -2.76
N ARG A 260 -13.24 -30.55 -2.07
CA ARG A 260 -13.85 -29.23 -2.07
C ARG A 260 -13.76 -28.64 -3.48
N TRP A 261 -12.66 -28.94 -4.18
CA TRP A 261 -12.46 -28.44 -5.54
C TRP A 261 -13.53 -28.99 -6.48
N ARG A 262 -13.69 -30.31 -6.45
CA ARG A 262 -14.68 -30.96 -7.31
C ARG A 262 -16.12 -30.52 -7.04
N SER A 263 -16.38 -29.99 -5.85
CA SER A 263 -17.73 -29.54 -5.52
C SER A 263 -18.00 -28.14 -6.07
N LEU A 264 -16.94 -27.43 -6.43
CA LEU A 264 -17.12 -26.09 -6.99
C LEU A 264 -17.54 -26.24 -8.45
N PRO A 265 -18.59 -25.52 -8.87
CA PRO A 265 -19.07 -25.58 -10.26
C PRO A 265 -17.91 -25.23 -11.20
N LYS A 266 -17.84 -25.90 -12.34
CA LYS A 266 -16.79 -25.66 -13.31
C LYS A 266 -16.58 -24.18 -13.66
N PRO A 267 -17.66 -23.42 -13.86
CA PRO A 267 -17.45 -22.01 -14.21
C PRO A 267 -16.62 -21.29 -13.14
N LEU A 268 -16.90 -21.59 -11.87
CA LEU A 268 -16.14 -20.96 -10.80
C LEU A 268 -14.74 -21.54 -10.70
N GLN A 269 -14.60 -22.83 -11.00
CA GLN A 269 -13.27 -23.44 -10.99
C GLN A 269 -12.40 -22.70 -12.02
N GLU A 270 -12.93 -22.51 -13.23
CA GLU A 270 -12.16 -21.83 -14.25
C GLU A 270 -11.84 -20.40 -13.86
N ARG A 271 -12.80 -19.73 -13.22
CA ARG A 271 -12.57 -18.35 -12.78
C ARG A 271 -11.45 -18.31 -11.72
N PHE A 272 -11.45 -19.29 -10.81
CA PHE A 272 -10.45 -19.29 -9.75
C PHE A 272 -9.06 -19.52 -10.33
N ILE A 273 -8.96 -20.40 -11.33
CA ILE A 273 -7.67 -20.66 -11.99
C ILE A 273 -7.14 -19.37 -12.60
N ALA A 274 -8.00 -18.65 -13.33
CA ALA A 274 -7.60 -17.38 -13.92
C ALA A 274 -7.20 -16.39 -12.83
N ALA A 275 -7.98 -16.34 -11.76
CA ALA A 275 -7.72 -15.44 -10.65
C ALA A 275 -6.34 -15.70 -10.04
N VAL A 276 -5.98 -16.96 -9.85
CA VAL A 276 -4.67 -17.28 -9.28
C VAL A 276 -3.57 -16.87 -10.26
N HIS A 277 -3.77 -17.11 -11.56
CA HIS A 277 -2.71 -16.76 -12.52
C HIS A 277 -2.48 -15.24 -12.57
N GLU A 278 -3.57 -14.46 -12.51
CA GLU A 278 -3.44 -13.01 -12.46
C GLU A 278 -2.71 -12.60 -11.16
N TYR A 279 -3.13 -13.20 -10.05
CA TYR A 279 -2.53 -12.90 -8.74
C TYR A 279 -1.05 -13.22 -8.69
N SER A 280 -0.65 -14.30 -9.36
CA SER A 280 0.75 -14.70 -9.38
C SER A 280 1.65 -13.51 -9.71
N TRP A 281 1.28 -12.76 -10.73
CA TRP A 281 2.08 -11.61 -11.14
C TRP A 281 1.79 -10.33 -10.39
N ILE A 282 0.57 -10.18 -9.89
CA ILE A 282 0.25 -8.99 -9.09
C ILE A 282 1.05 -9.13 -7.78
N HIS A 283 1.12 -10.36 -7.28
CA HIS A 283 1.88 -10.68 -6.06
C HIS A 283 3.36 -10.43 -6.35
N TYR A 284 3.85 -10.99 -7.45
CA TYR A 284 5.25 -10.83 -7.81
C TYR A 284 5.59 -9.33 -7.91
N ALA A 285 4.72 -8.58 -8.58
CA ALA A 285 4.94 -7.16 -8.76
C ALA A 285 4.98 -6.40 -7.43
N GLY A 286 4.07 -6.74 -6.53
CA GLY A 286 4.01 -6.07 -5.23
C GLY A 286 5.26 -6.32 -4.40
N ILE A 287 5.72 -7.56 -4.43
CA ILE A 287 6.93 -7.94 -3.70
C ILE A 287 8.13 -7.19 -4.28
N GLN A 288 8.27 -7.15 -5.61
CA GLN A 288 9.41 -6.48 -6.18
C GLN A 288 9.40 -4.98 -5.86
N LYS A 289 8.21 -4.39 -5.79
CA LYS A 289 8.12 -2.96 -5.46
C LYS A 289 8.65 -2.77 -4.02
N ALA A 290 8.13 -3.56 -3.10
CA ALA A 290 8.57 -3.49 -1.71
C ALA A 290 10.08 -3.74 -1.61
N ASN A 291 10.61 -4.68 -2.42
CA ASN A 291 12.04 -4.99 -2.38
C ASN A 291 12.92 -3.79 -2.74
N LEU A 292 12.53 -3.06 -3.79
CA LEU A 292 13.29 -1.89 -4.20
C LEU A 292 13.35 -0.86 -3.06
N GLU A 293 12.24 -0.74 -2.34
CA GLU A 293 12.15 0.20 -1.23
C GLU A 293 12.90 -0.29 0.00
N ALA A 294 13.11 -1.60 0.09
CA ALA A 294 13.80 -2.18 1.23
C ALA A 294 15.32 -2.03 1.24
N TRP A 295 15.96 -2.04 0.07
CA TRP A 295 17.42 -1.93 0.06
C TRP A 295 17.95 -0.68 0.75
N PRO A 296 17.34 0.49 0.50
CA PRO A 296 17.82 1.72 1.16
C PRO A 296 17.73 1.58 2.68
N LYS A 297 16.69 0.87 3.14
CA LYS A 297 16.45 0.65 4.56
C LYS A 297 17.54 -0.20 5.21
N TYR A 298 18.05 -1.20 4.48
CA TYR A 298 19.10 -2.04 5.02
C TYR A 298 20.38 -1.23 5.21
N ARG A 299 20.63 -0.32 4.29
CA ARG A 299 21.80 0.55 4.35
C ARG A 299 21.77 1.36 5.65
N GLN A 300 20.63 1.96 5.93
CA GLN A 300 20.48 2.76 7.14
C GLN A 300 20.48 1.93 8.42
N ALA A 301 20.19 0.64 8.29
CA ALA A 301 20.18 -0.25 9.46
C ALA A 301 21.59 -0.73 9.77
N GLY A 302 22.54 -0.35 8.94
CA GLY A 302 23.92 -0.77 9.16
C GLY A 302 24.20 -2.18 8.68
N VAL A 303 23.36 -2.68 7.78
CA VAL A 303 23.55 -4.01 7.24
C VAL A 303 24.43 -3.91 6.01
N GLU A 304 25.41 -4.82 5.93
CA GLU A 304 26.32 -4.86 4.81
C GLU A 304 25.83 -5.97 3.91
N VAL A 305 25.72 -5.67 2.62
CA VAL A 305 25.31 -6.64 1.63
C VAL A 305 26.62 -7.20 1.09
N ILE A 306 26.83 -8.49 1.32
CA ILE A 306 28.02 -9.20 0.87
C ILE A 306 27.74 -9.99 -0.41
N ARG A 307 28.62 -9.86 -1.38
CA ARG A 307 28.46 -10.55 -2.66
C ARG A 307 29.51 -11.62 -2.83
N LEU A 308 29.06 -12.85 -3.08
CA LEU A 308 30.00 -13.94 -3.30
C LEU A 308 30.51 -13.78 -4.72
N SER A 309 31.55 -14.53 -5.07
CA SER A 309 32.18 -14.45 -6.39
C SER A 309 31.67 -15.47 -7.40
N ASN A 310 32.06 -15.30 -8.66
CA ASN A 310 31.69 -16.25 -9.72
C ASN A 310 32.35 -17.59 -9.40
N GLU A 311 33.52 -17.55 -8.76
CA GLU A 311 34.19 -18.79 -8.41
C GLU A 311 33.39 -19.53 -7.35
N ASP A 312 32.82 -18.79 -6.40
CA ASP A 312 32.01 -19.41 -5.36
C ASP A 312 30.82 -20.08 -6.04
N VAL A 313 30.30 -19.45 -7.09
CA VAL A 313 29.18 -20.02 -7.81
C VAL A 313 29.63 -21.33 -8.47
N ARG A 314 30.81 -21.36 -9.05
CA ARG A 314 31.30 -22.59 -9.68
C ARG A 314 31.47 -23.73 -8.67
N LYS A 315 31.90 -23.40 -7.45
CA LYS A 315 32.06 -24.42 -6.42
C LYS A 315 30.69 -24.99 -6.03
N PHE A 316 29.69 -24.13 -5.92
CA PHE A 316 28.34 -24.60 -5.61
C PHE A 316 27.79 -25.43 -6.76
N ARG A 317 28.07 -25.00 -7.99
CA ARG A 317 27.57 -25.70 -9.18
C ARG A 317 28.04 -27.16 -9.23
N ARG A 318 29.31 -27.39 -8.93
CA ARG A 318 29.85 -28.75 -8.93
C ARG A 318 29.12 -29.69 -7.96
N LEU A 319 28.62 -29.12 -6.86
CA LEU A 319 27.90 -29.88 -5.87
C LEU A 319 26.42 -30.02 -6.23
N ALA A 320 25.87 -28.97 -6.83
CA ALA A 320 24.45 -28.95 -7.16
C ALA A 320 23.97 -29.91 -8.23
N ILE A 321 24.68 -29.99 -9.35
CA ILE A 321 24.23 -30.84 -10.43
C ILE A 321 24.04 -32.30 -10.01
N PRO A 322 25.01 -32.87 -9.30
CA PRO A 322 24.81 -34.28 -8.88
C PRO A 322 23.58 -34.43 -7.97
N ILE A 323 23.33 -33.40 -7.16
CA ILE A 323 22.21 -33.42 -6.24
C ILE A 323 20.90 -33.30 -7.02
N TRP A 324 20.91 -32.60 -8.15
CA TRP A 324 19.66 -32.52 -8.93
C TRP A 324 19.24 -33.95 -9.28
N PHE A 325 20.21 -34.72 -9.78
CA PHE A 325 19.94 -36.09 -10.19
C PHE A 325 19.51 -37.02 -9.08
N LYS A 326 20.10 -36.85 -7.90
CA LYS A 326 19.74 -37.65 -6.74
C LYS A 326 18.27 -37.43 -6.44
N TRP A 327 17.83 -36.18 -6.41
CA TRP A 327 16.44 -35.88 -6.12
C TRP A 327 15.50 -36.24 -7.27
N ALA A 328 15.95 -36.07 -8.50
CA ALA A 328 15.12 -36.39 -9.65
C ALA A 328 14.74 -37.87 -9.70
N LYS A 329 15.65 -38.74 -9.27
CA LYS A 329 15.39 -40.17 -9.31
C LYS A 329 14.52 -40.72 -8.19
N MET A 330 14.03 -39.87 -7.30
CA MET A 330 13.24 -40.35 -6.17
C MET A 330 11.93 -41.05 -6.53
N ASP A 331 11.17 -40.50 -7.46
CA ASP A 331 9.95 -41.16 -7.90
C ASP A 331 9.64 -40.76 -9.34
N LYS A 332 8.52 -41.21 -9.86
CA LYS A 332 8.22 -40.92 -11.25
C LYS A 332 7.91 -39.45 -11.52
N TYR A 333 7.33 -38.76 -10.54
CA TYR A 333 7.00 -37.36 -10.73
C TYR A 333 8.22 -36.48 -10.72
N SER A 334 9.13 -36.71 -9.79
CA SER A 334 10.35 -35.93 -9.74
C SER A 334 11.16 -36.21 -11.02
N ARG A 335 11.09 -37.44 -11.54
CA ARG A 335 11.81 -37.77 -12.76
C ARG A 335 11.26 -36.95 -13.93
N GLU A 336 9.94 -36.96 -14.08
CA GLU A 336 9.28 -36.22 -15.16
C GLU A 336 9.55 -34.73 -15.09
N ALA A 337 9.42 -34.14 -13.90
CA ALA A 337 9.65 -32.70 -13.77
C ALA A 337 11.07 -32.36 -14.12
N PHE A 338 12.02 -33.08 -13.52
CA PHE A 338 13.41 -32.77 -13.79
C PHE A 338 13.81 -33.02 -15.24
N ALA A 339 13.35 -34.13 -15.82
CA ALA A 339 13.73 -34.39 -17.22
C ALA A 339 13.29 -33.26 -18.16
N SER A 340 12.06 -32.78 -18.01
CA SER A 340 11.56 -31.72 -18.88
C SER A 340 12.29 -30.39 -18.60
N GLN A 341 12.65 -30.15 -17.34
CA GLN A 341 13.42 -28.94 -17.00
C GLN A 341 14.85 -29.07 -17.55
N LEU A 342 15.43 -30.27 -17.48
CA LEU A 342 16.80 -30.45 -17.99
C LEU A 342 16.86 -30.23 -19.49
N GLU A 343 15.86 -30.73 -20.22
CA GLU A 343 15.86 -30.55 -21.68
C GLU A 343 15.72 -29.05 -22.00
N TYR A 344 14.91 -28.36 -21.22
CA TYR A 344 14.72 -26.92 -21.40
C TYR A 344 16.09 -26.23 -21.15
N MET A 345 16.74 -26.56 -20.03
CA MET A 345 18.04 -25.97 -19.72
C MET A 345 19.05 -26.26 -20.82
N LYS A 346 19.02 -27.45 -21.39
CA LYS A 346 19.95 -27.74 -22.47
C LYS A 346 19.63 -26.85 -23.65
N GLY A 347 18.34 -26.60 -23.85
CA GLY A 347 17.89 -25.76 -24.94
C GLY A 347 18.27 -24.30 -24.84
N ILE A 348 18.44 -23.78 -23.62
CA ILE A 348 18.80 -22.38 -23.47
C ILE A 348 20.23 -22.16 -22.98
N GLY A 349 21.05 -23.21 -23.06
CA GLY A 349 22.44 -23.11 -22.67
C GLY A 349 22.75 -23.04 -21.19
N TYR A 350 21.84 -23.53 -20.36
CA TYR A 350 22.08 -23.51 -18.92
C TYR A 350 22.90 -24.68 -18.41
N VAL A 351 23.06 -25.72 -19.23
CA VAL A 351 23.87 -26.86 -18.82
C VAL A 351 24.52 -27.42 -20.07
N THR A 352 25.68 -28.03 -19.90
CA THR A 352 26.41 -28.63 -21.02
C THR A 352 26.47 -30.15 -20.85
N ASP A 353 26.58 -30.87 -21.95
CA ASP A 353 26.67 -32.31 -21.91
C ASP A 353 27.85 -32.75 -21.05
N GLU A 354 28.94 -31.98 -21.12
CA GLU A 354 30.14 -32.28 -20.35
C GLU A 354 29.87 -32.35 -18.86
N GLU A 355 29.17 -31.35 -18.33
CA GLU A 355 28.85 -31.28 -16.92
C GLU A 355 27.97 -32.43 -16.49
N LEU A 356 27.29 -33.05 -17.45
CA LEU A 356 26.39 -34.14 -17.14
C LEU A 356 26.99 -35.54 -17.31
N LYS A 357 28.30 -35.61 -17.46
CA LYS A 357 28.99 -36.89 -17.63
C LYS A 357 28.73 -37.88 -16.50
N GLY A 358 28.18 -39.05 -16.85
CA GLY A 358 27.91 -40.07 -15.86
C GLY A 358 26.60 -39.94 -15.10
N LEU A 359 25.85 -38.87 -15.39
CA LEU A 359 24.57 -38.64 -14.71
C LEU A 359 23.38 -38.99 -15.60
N SER A 360 22.44 -39.77 -15.06
CA SER A 360 21.25 -40.15 -15.80
C SER A 360 20.07 -40.38 -14.86
N LEU A 361 18.87 -40.43 -15.43
CA LEU A 361 17.66 -40.63 -14.64
C LEU A 361 17.23 -42.09 -14.53
N ARG B 33 -35.42 -1.90 3.86
CA ARG B 33 -36.63 -1.08 3.80
C ARG B 33 -36.38 0.40 3.50
N TYR B 34 -35.18 0.90 3.79
CA TYR B 34 -34.86 2.29 3.48
C TYR B 34 -33.65 2.37 2.57
N ARG B 35 -33.74 3.22 1.54
CA ARG B 35 -32.64 3.35 0.60
C ARG B 35 -32.42 4.81 0.22
N TRP B 36 -31.17 5.25 0.37
CA TRP B 36 -30.80 6.63 0.06
C TRP B 36 -29.75 6.73 -1.03
N ARG B 37 -29.79 7.83 -1.76
CA ARG B 37 -28.79 8.07 -2.77
C ARG B 37 -27.96 9.21 -2.19
N ILE B 38 -26.65 9.03 -2.15
CA ILE B 38 -25.78 10.08 -1.62
C ILE B 38 -24.61 10.32 -2.54
N GLN B 39 -24.41 11.57 -2.90
CA GLN B 39 -23.29 11.86 -3.75
C GLN B 39 -22.18 12.49 -2.92
N THR B 40 -20.93 12.19 -3.29
CA THR B 40 -19.79 12.75 -2.58
C THR B 40 -19.08 13.76 -3.46
N ALA B 41 -18.28 14.61 -2.84
CA ALA B 41 -17.49 15.60 -3.57
C ALA B 41 -16.28 14.92 -4.18
N TRP B 42 -15.96 13.71 -3.73
CA TRP B 42 -14.82 12.99 -4.28
C TRP B 42 -15.15 12.55 -5.70
N ASP B 43 -14.22 12.80 -6.61
CA ASP B 43 -14.40 12.40 -8.00
C ASP B 43 -14.11 10.92 -8.15
N ALA B 44 -14.65 10.31 -9.19
CA ALA B 44 -14.41 8.90 -9.44
C ALA B 44 -12.90 8.70 -9.59
N GLY B 45 -12.44 7.49 -9.31
CA GLY B 45 -11.02 7.21 -9.43
C GLY B 45 -10.11 7.86 -8.40
N THR B 46 -10.66 8.29 -7.27
CA THR B 46 -9.80 8.87 -6.23
C THR B 46 -9.86 7.98 -4.99
N VAL B 47 -8.86 8.11 -4.13
CA VAL B 47 -8.82 7.34 -2.90
C VAL B 47 -10.04 7.67 -2.07
N GLY B 48 -10.40 8.95 -2.06
CA GLY B 48 -11.55 9.41 -1.30
C GLY B 48 -12.83 8.71 -1.72
N TYR B 49 -13.05 8.55 -3.02
CA TYR B 49 -14.29 7.90 -3.44
C TYR B 49 -14.26 6.44 -3.02
N SER B 50 -13.10 5.79 -3.11
CA SER B 50 -13.01 4.39 -2.69
C SER B 50 -13.41 4.26 -1.22
N LEU B 51 -12.96 5.19 -0.40
CA LEU B 51 -13.29 5.14 1.03
C LEU B 51 -14.80 5.31 1.21
N PHE B 52 -15.36 6.24 0.45
CA PHE B 52 -16.80 6.54 0.48
C PHE B 52 -17.62 5.31 0.08
N GLN B 53 -17.21 4.62 -0.99
CA GLN B 53 -17.91 3.40 -1.42
C GLN B 53 -17.92 2.36 -0.30
N LYS B 54 -16.78 2.23 0.38
CA LYS B 54 -16.67 1.27 1.48
C LYS B 54 -17.61 1.66 2.62
N PHE B 55 -17.77 2.95 2.84
CA PHE B 55 -18.65 3.44 3.89
C PHE B 55 -20.12 3.01 3.67
N THR B 56 -20.57 3.04 2.42
CA THR B 56 -21.95 2.65 2.14
C THR B 56 -22.18 1.20 2.55
N GLU B 57 -21.15 0.37 2.39
CA GLU B 57 -21.28 -1.04 2.77
C GLU B 57 -21.33 -1.13 4.31
N ARG B 58 -20.51 -0.33 4.99
CA ARG B 58 -20.50 -0.34 6.44
C ARG B 58 -21.87 0.05 6.99
N VAL B 59 -22.52 1.02 6.36
CA VAL B 59 -23.84 1.47 6.80
C VAL B 59 -24.84 0.30 6.75
N LYS B 60 -24.82 -0.45 5.66
CA LYS B 60 -25.72 -1.59 5.52
C LYS B 60 -25.46 -2.56 6.68
N GLU B 61 -24.18 -2.79 6.98
CA GLU B 61 -23.79 -3.71 8.05
C GLU B 61 -24.29 -3.23 9.40
N LEU B 62 -24.09 -1.94 9.68
CA LEU B 62 -24.52 -1.36 10.96
C LEU B 62 -26.02 -1.24 11.15
N THR B 63 -26.78 -1.30 10.07
CA THR B 63 -28.24 -1.19 10.20
C THR B 63 -28.90 -2.53 9.90
N ASP B 64 -28.09 -3.56 9.69
CA ASP B 64 -28.63 -4.88 9.40
C ASP B 64 -29.43 -4.88 8.10
N GLY B 65 -28.99 -4.08 7.13
CA GLY B 65 -29.69 -4.01 5.85
C GLY B 65 -30.91 -3.12 5.83
N GLN B 66 -31.27 -2.54 6.97
CA GLN B 66 -32.44 -1.67 7.04
C GLN B 66 -32.28 -0.34 6.33
N LEU B 67 -31.05 0.13 6.20
CA LEU B 67 -30.78 1.38 5.51
C LEU B 67 -29.59 1.14 4.61
N GLU B 68 -29.79 1.36 3.31
CA GLU B 68 -28.71 1.18 2.35
C GLU B 68 -28.47 2.52 1.69
N VAL B 69 -27.23 2.76 1.30
CA VAL B 69 -26.87 4.00 0.65
C VAL B 69 -26.24 3.67 -0.69
N GLN B 70 -26.76 4.28 -1.74
CA GLN B 70 -26.21 4.07 -3.06
C GLN B 70 -25.23 5.22 -3.23
N PRO B 71 -23.94 4.92 -3.42
CA PRO B 71 -22.95 5.98 -3.59
C PRO B 71 -22.85 6.49 -5.04
N PHE B 72 -22.52 7.78 -5.18
CA PHE B 72 -22.32 8.41 -6.48
C PHE B 72 -21.11 9.35 -6.40
N PRO B 73 -20.20 9.27 -7.38
CA PRO B 73 -19.02 10.14 -7.35
C PRO B 73 -19.45 11.54 -7.81
N ALA B 74 -18.56 12.51 -7.65
CA ALA B 74 -18.85 13.89 -8.03
C ALA B 74 -19.30 13.97 -9.48
N GLY B 75 -20.38 14.70 -9.73
CA GLY B 75 -20.88 14.88 -11.07
C GLY B 75 -21.79 13.80 -11.63
N ALA B 76 -21.86 12.64 -10.98
CA ALA B 76 -22.69 11.53 -11.46
C ALA B 76 -24.18 11.87 -11.53
N VAL B 77 -24.69 12.51 -10.49
CA VAL B 77 -26.09 12.90 -10.46
C VAL B 77 -26.21 14.40 -10.71
N VAL B 78 -25.28 15.16 -10.16
CA VAL B 78 -25.30 16.62 -10.33
C VAL B 78 -23.88 17.15 -10.15
N GLY B 79 -23.62 18.35 -10.65
CA GLY B 79 -22.31 18.94 -10.47
C GLY B 79 -22.13 19.21 -9.00
N THR B 80 -20.89 19.16 -8.50
CA THR B 80 -20.66 19.34 -7.07
C THR B 80 -21.24 20.59 -6.42
N PHE B 81 -21.06 21.75 -7.03
CA PHE B 81 -21.58 22.94 -6.42
C PHE B 81 -23.13 22.97 -6.39
N ASP B 82 -23.77 22.15 -7.21
CA ASP B 82 -25.25 22.11 -7.25
C ASP B 82 -25.80 21.03 -6.32
N MET B 83 -24.92 20.32 -5.64
CA MET B 83 -25.32 19.25 -4.74
C MET B 83 -26.22 19.79 -3.62
N PHE B 84 -25.87 20.96 -3.10
CA PHE B 84 -26.64 21.60 -2.02
C PHE B 84 -28.10 21.67 -2.46
N ASP B 85 -28.34 22.11 -3.69
CA ASP B 85 -29.71 22.22 -4.17
C ASP B 85 -30.37 20.86 -4.44
N ALA B 86 -29.59 19.89 -4.90
CA ALA B 86 -30.15 18.58 -5.19
C ALA B 86 -30.64 17.93 -3.90
N VAL B 87 -29.90 18.16 -2.82
CA VAL B 87 -30.29 17.57 -1.55
C VAL B 87 -31.43 18.36 -0.91
N LYS B 88 -31.34 19.67 -0.96
CA LYS B 88 -32.39 20.49 -0.38
C LYS B 88 -33.74 20.15 -1.04
N THR B 89 -33.74 19.85 -2.33
CA THR B 89 -34.98 19.52 -3.04
C THR B 89 -35.36 18.03 -3.04
N GLY B 90 -34.49 17.18 -2.50
CA GLY B 90 -34.79 15.77 -2.42
C GLY B 90 -34.47 14.91 -3.62
N VAL B 91 -33.74 15.42 -4.61
CA VAL B 91 -33.40 14.55 -5.75
C VAL B 91 -32.35 13.57 -5.22
N LEU B 92 -31.45 14.08 -4.39
CA LEU B 92 -30.43 13.26 -3.74
C LEU B 92 -30.92 13.25 -2.29
N ASP B 93 -30.80 12.12 -1.60
CA ASP B 93 -31.21 12.08 -0.20
C ASP B 93 -30.16 12.77 0.68
N GLY B 94 -28.91 12.73 0.23
CA GLY B 94 -27.87 13.35 1.02
C GLY B 94 -26.62 13.63 0.22
N MET B 95 -25.64 14.22 0.88
CA MET B 95 -24.38 14.53 0.23
C MET B 95 -23.22 14.46 1.24
N ASN B 96 -22.02 14.29 0.70
CA ASN B 96 -20.79 14.22 1.50
C ASN B 96 -19.85 15.22 0.81
N PRO B 97 -20.07 16.51 1.07
CA PRO B 97 -19.27 17.56 0.46
C PRO B 97 -18.18 18.10 1.38
N PHE B 98 -17.43 19.06 0.86
CA PHE B 98 -16.45 19.76 1.66
C PHE B 98 -17.36 20.87 2.15
N THR B 99 -17.56 20.93 3.45
CA THR B 99 -18.47 21.88 4.05
C THR B 99 -18.37 23.36 3.67
N LEU B 100 -17.17 23.89 3.54
CA LEU B 100 -17.06 25.31 3.24
C LEU B 100 -17.44 25.70 1.80
N TYR B 101 -17.89 24.73 1.02
CA TYR B 101 -18.31 25.01 -0.35
C TYR B 101 -19.56 25.85 -0.32
N TRP B 102 -20.23 25.85 0.83
CA TRP B 102 -21.49 26.58 0.95
C TRP B 102 -21.31 27.95 1.59
N ALA B 103 -20.05 28.39 1.74
CA ALA B 103 -19.72 29.67 2.35
C ALA B 103 -20.53 30.83 1.77
N GLY B 104 -20.74 30.82 0.45
CA GLY B 104 -21.51 31.86 -0.21
C GLY B 104 -22.99 31.82 0.11
N ARG B 105 -23.51 30.62 0.39
CA ARG B 105 -24.93 30.43 0.72
C ARG B 105 -25.18 30.58 2.21
N MET B 106 -24.28 29.97 3.00
CA MET B 106 -24.37 29.97 4.45
C MET B 106 -23.02 30.35 5.01
N PRO B 107 -22.87 31.60 5.47
CA PRO B 107 -21.60 32.09 6.03
C PRO B 107 -21.02 31.18 7.12
N VAL B 108 -21.88 30.64 7.97
CA VAL B 108 -21.42 29.78 9.05
C VAL B 108 -20.57 28.60 8.54
N THR B 109 -20.79 28.13 7.31
CA THR B 109 -19.99 27.00 6.85
C THR B 109 -18.50 27.37 6.73
N ALA B 110 -18.20 28.67 6.68
CA ALA B 110 -16.80 29.10 6.61
C ALA B 110 -16.12 28.79 7.94
N PHE B 111 -16.94 28.56 8.97
CA PHE B 111 -16.44 28.25 10.31
C PHE B 111 -16.69 26.79 10.72
N LEU B 112 -17.10 25.96 9.76
CA LEU B 112 -17.36 24.54 10.04
C LEU B 112 -16.28 23.70 9.37
N SER B 113 -15.18 24.36 9.02
CA SER B 113 -14.02 23.75 8.41
C SER B 113 -12.91 24.76 8.72
N SER B 114 -11.67 24.32 8.73
CA SER B 114 -10.59 25.24 9.07
C SER B 114 -10.48 26.48 8.19
N TYR B 115 -9.95 27.53 8.80
CA TYR B 115 -9.67 28.77 8.10
C TYR B 115 -8.27 29.19 8.53
N ALA B 116 -7.63 30.02 7.72
CA ALA B 116 -6.27 30.49 7.93
C ALA B 116 -5.83 30.83 9.36
N LEU B 117 -4.81 30.12 9.79
CA LEU B 117 -4.17 30.27 11.09
C LEU B 117 -4.99 30.13 12.36
N GLY B 118 -6.11 29.44 12.29
CA GLY B 118 -6.90 29.23 13.48
C GLY B 118 -6.62 27.82 13.98
N LEU B 119 -7.60 27.20 14.65
CA LEU B 119 -7.44 25.83 15.14
C LEU B 119 -6.90 25.02 13.98
N ASP B 120 -5.83 24.27 14.23
CA ASP B 120 -5.18 23.54 13.15
C ASP B 120 -4.90 22.06 13.34
N ARG B 121 -5.50 21.44 14.36
CA ARG B 121 -5.31 20.02 14.58
C ARG B 121 -6.65 19.30 14.50
N PRO B 122 -6.67 18.11 13.90
CA PRO B 122 -7.96 17.39 13.82
C PRO B 122 -8.61 17.29 15.19
N ASP B 123 -7.82 17.04 16.22
CA ASP B 123 -8.39 16.86 17.55
C ASP B 123 -9.05 18.10 18.13
N GLN B 124 -8.59 19.27 17.69
CA GLN B 124 -9.17 20.51 18.16
C GLN B 124 -10.53 20.71 17.52
N TRP B 125 -10.64 20.39 16.23
CA TRP B 125 -11.94 20.54 15.59
C TRP B 125 -12.88 19.48 16.17
N GLU B 126 -12.35 18.30 16.45
CA GLU B 126 -13.20 17.26 17.03
C GLU B 126 -13.73 17.75 18.40
N THR B 127 -12.86 18.35 19.20
CA THR B 127 -13.25 18.88 20.51
C THR B 127 -14.28 20.00 20.41
N TRP B 128 -14.04 20.94 19.51
CA TRP B 128 -14.99 22.06 19.38
C TRP B 128 -16.37 21.56 18.96
N PHE B 129 -16.42 20.65 18.00
CA PHE B 129 -17.68 20.11 17.53
C PHE B 129 -18.40 19.28 18.59
N TYR B 130 -17.68 18.36 19.20
CA TYR B 130 -18.29 17.42 20.12
C TYR B 130 -18.38 17.70 21.60
N SER B 131 -17.70 18.74 22.10
CA SER B 131 -17.87 19.08 23.51
C SER B 131 -18.07 20.58 23.74
N LEU B 132 -17.68 21.43 22.78
CA LEU B 132 -17.81 22.89 22.97
C LEU B 132 -19.04 23.51 22.30
N GLY B 133 -19.97 22.68 21.84
CA GLY B 133 -21.19 23.18 21.23
C GLY B 133 -21.26 23.37 19.72
N GLY B 134 -20.15 23.11 19.03
CA GLY B 134 -20.13 23.26 17.59
C GLY B 134 -21.16 22.47 16.81
N LEU B 135 -21.39 21.21 17.17
CA LEU B 135 -22.35 20.38 16.43
C LEU B 135 -23.76 20.99 16.42
N ASP B 136 -24.20 21.51 17.56
CA ASP B 136 -25.54 22.07 17.63
C ASP B 136 -25.70 23.34 16.79
N ILE B 137 -24.65 24.13 16.73
CA ILE B 137 -24.69 25.35 15.94
C ILE B 137 -24.85 24.96 14.47
N ALA B 138 -24.06 23.98 14.03
CA ALA B 138 -24.17 23.55 12.65
C ALA B 138 -25.57 22.98 12.38
N ARG B 139 -26.10 22.22 13.32
CA ARG B 139 -27.41 21.62 13.10
C ARG B 139 -28.53 22.63 12.99
N ARG B 140 -28.50 23.67 13.81
CA ARG B 140 -29.53 24.70 13.75
C ARG B 140 -29.44 25.52 12.46
N ALA B 141 -28.23 25.83 12.02
CA ALA B 141 -28.05 26.60 10.79
C ALA B 141 -28.54 25.81 9.59
N PHE B 142 -28.16 24.53 9.52
CA PHE B 142 -28.59 23.73 8.37
C PHE B 142 -30.10 23.46 8.37
N ALA B 143 -30.70 23.37 9.55
CA ALA B 143 -32.14 23.11 9.63
C ALA B 143 -32.93 24.23 8.96
N GLU B 144 -32.48 25.46 9.10
CA GLU B 144 -33.19 26.58 8.48
C GLU B 144 -33.11 26.46 6.95
N GLN B 145 -32.22 25.59 6.47
CA GLN B 145 -32.05 25.37 5.03
C GLN B 145 -32.77 24.12 4.56
N GLY B 146 -33.46 23.44 5.47
CA GLY B 146 -34.15 22.22 5.11
C GLY B 146 -33.18 21.04 5.01
N LEU B 147 -32.08 21.10 5.76
CA LEU B 147 -31.07 20.03 5.72
C LEU B 147 -30.69 19.58 7.13
N PHE B 148 -30.33 18.30 7.27
CA PHE B 148 -29.89 17.83 8.59
C PHE B 148 -28.40 17.56 8.49
N TYR B 149 -27.61 18.29 9.28
CA TYR B 149 -26.15 18.14 9.32
C TYR B 149 -25.85 16.98 10.28
N VAL B 150 -25.38 15.84 9.77
CA VAL B 150 -25.14 14.68 10.64
C VAL B 150 -23.90 14.91 11.51
N GLY B 151 -22.81 15.28 10.85
CA GLY B 151 -21.58 15.54 11.59
C GLY B 151 -20.43 15.73 10.64
N PRO B 152 -19.29 16.23 11.15
CA PRO B 152 -18.09 16.46 10.37
C PRO B 152 -17.32 15.15 10.08
N VAL B 153 -16.64 15.11 8.93
CA VAL B 153 -15.85 13.98 8.48
C VAL B 153 -14.40 14.49 8.38
N GLN B 154 -13.54 13.93 9.24
CA GLN B 154 -12.15 14.34 9.24
C GLN B 154 -11.55 13.95 7.92
N HIS B 155 -10.56 14.72 7.51
CA HIS B 155 -10.01 14.53 6.21
C HIS B 155 -8.51 14.76 6.08
N ASP B 156 -8.10 16.02 6.02
CA ASP B 156 -6.67 16.26 5.78
C ASP B 156 -6.39 17.74 5.79
N LEU B 157 -5.11 18.09 5.66
CA LEU B 157 -4.72 19.49 5.51
C LEU B 157 -4.61 19.64 3.99
N ASN B 158 -4.64 20.86 3.49
CA ASN B 158 -4.56 21.08 2.04
C ASN B 158 -3.20 21.64 1.64
N ILE B 159 -2.79 21.37 0.41
CA ILE B 159 -1.54 21.93 -0.08
C ILE B 159 -1.86 22.69 -1.36
N ILE B 160 -0.89 23.48 -1.83
CA ILE B 160 -1.08 24.26 -3.05
C ILE B 160 -0.13 23.76 -4.13
N HIS B 161 -0.65 23.61 -5.35
CA HIS B 161 0.14 23.19 -6.51
C HIS B 161 0.26 24.42 -7.40
N SER B 162 1.46 24.70 -7.89
CA SER B 162 1.65 25.87 -8.74
C SER B 162 2.53 25.61 -9.95
N LYS B 163 2.29 26.35 -11.03
CA LYS B 163 3.10 26.22 -12.23
C LYS B 163 4.29 27.15 -12.06
N LYS B 164 4.14 28.13 -11.19
CA LYS B 164 5.20 29.10 -10.92
C LYS B 164 5.73 28.93 -9.51
N PRO B 165 6.99 29.30 -9.27
CA PRO B 165 7.57 29.18 -7.92
C PRO B 165 7.11 30.32 -7.02
N ILE B 166 6.48 29.97 -5.90
CA ILE B 166 6.03 30.96 -4.92
C ILE B 166 6.86 30.67 -3.68
N ARG B 167 7.94 31.43 -3.50
CA ARG B 167 8.86 31.21 -2.39
C ARG B 167 8.75 32.15 -1.22
N ARG B 168 7.89 33.17 -1.34
CA ARG B 168 7.71 34.14 -0.28
C ARG B 168 6.33 34.75 -0.35
N PHE B 169 5.88 35.32 0.76
CA PHE B 169 4.56 35.95 0.83
C PHE B 169 4.31 36.87 -0.36
N GLU B 170 5.28 37.72 -0.66
CA GLU B 170 5.17 38.68 -1.75
C GLU B 170 4.93 38.01 -3.10
N ASP B 171 5.37 36.75 -3.24
CA ASP B 171 5.20 36.03 -4.50
C ASP B 171 3.76 35.64 -4.85
N PHE B 172 2.84 35.85 -3.91
CA PHE B 172 1.43 35.52 -4.14
C PHE B 172 0.74 36.59 -4.97
N LYS B 173 1.28 37.81 -4.92
CA LYS B 173 0.71 38.93 -5.64
C LYS B 173 0.62 38.62 -7.13
N GLY B 174 -0.59 38.75 -7.68
CA GLY B 174 -0.79 38.49 -9.11
C GLY B 174 -0.98 37.04 -9.52
N VAL B 175 -0.91 36.12 -8.57
CA VAL B 175 -1.09 34.70 -8.89
C VAL B 175 -2.56 34.36 -9.10
N LYS B 176 -2.88 33.74 -10.23
CA LYS B 176 -4.26 33.33 -10.53
C LYS B 176 -4.41 31.99 -9.81
N LEU B 177 -5.03 32.05 -8.63
CA LEU B 177 -5.19 30.90 -7.75
C LEU B 177 -6.58 30.30 -7.57
N ARG B 178 -6.73 29.01 -7.84
CA ARG B 178 -8.01 28.34 -7.61
C ARG B 178 -8.10 28.07 -6.11
N VAL B 179 -9.21 28.46 -5.50
CA VAL B 179 -9.44 28.23 -4.08
C VAL B 179 -10.93 27.90 -3.86
N PRO B 180 -11.26 27.37 -2.68
CA PRO B 180 -12.67 27.04 -2.43
C PRO B 180 -13.55 28.19 -1.96
N GLY B 181 -13.27 29.40 -2.45
CA GLY B 181 -14.07 30.55 -2.05
C GLY B 181 -14.03 30.85 -0.56
N GLY B 182 -15.07 31.52 -0.07
CA GLY B 182 -15.18 31.85 1.33
C GLY B 182 -14.06 32.67 1.95
N MET B 183 -13.81 32.43 3.22
CA MET B 183 -12.78 33.16 3.95
C MET B 183 -11.40 32.82 3.42
N ILE B 184 -11.24 31.60 2.91
CA ILE B 184 -9.98 31.16 2.35
C ILE B 184 -9.62 32.05 1.15
N ALA B 185 -10.56 32.22 0.24
CA ALA B 185 -10.32 33.06 -0.93
C ALA B 185 -10.04 34.50 -0.52
N GLU B 186 -10.71 34.99 0.50
CA GLU B 186 -10.50 36.38 0.92
C GLU B 186 -9.10 36.64 1.45
N VAL B 187 -8.57 35.71 2.25
CA VAL B 187 -7.23 35.88 2.80
C VAL B 187 -6.20 35.86 1.68
N PHE B 188 -6.41 35.01 0.69
CA PHE B 188 -5.50 34.94 -0.45
C PHE B 188 -5.60 36.19 -1.31
N ALA B 189 -6.81 36.74 -1.42
CA ALA B 189 -7.00 37.96 -2.19
C ALA B 189 -6.29 39.10 -1.44
N ALA B 190 -6.38 39.09 -0.11
CA ALA B 190 -5.75 40.09 0.72
C ALA B 190 -4.23 40.08 0.54
N ALA B 191 -3.71 38.96 0.08
CA ALA B 191 -2.28 38.83 -0.15
C ALA B 191 -1.95 39.18 -1.59
N GLY B 192 -2.96 39.58 -2.36
CA GLY B 192 -2.74 39.97 -3.74
C GLY B 192 -3.00 38.97 -4.85
N ALA B 193 -3.50 37.78 -4.51
CA ALA B 193 -3.79 36.79 -5.55
C ALA B 193 -5.16 37.00 -6.18
N SER B 194 -5.31 36.57 -7.43
CA SER B 194 -6.58 36.65 -8.13
C SER B 194 -7.25 35.29 -7.94
N THR B 195 -8.21 35.23 -7.03
CA THR B 195 -8.90 33.97 -6.73
C THR B 195 -9.95 33.52 -7.74
N VAL B 196 -10.07 32.21 -7.88
CA VAL B 196 -11.02 31.59 -8.81
C VAL B 196 -11.70 30.35 -8.20
N LEU B 197 -13.00 30.20 -8.45
CA LEU B 197 -13.76 29.07 -7.96
C LEU B 197 -13.89 28.03 -9.06
N LEU B 198 -13.46 26.80 -8.77
CA LEU B 198 -13.51 25.71 -9.73
C LEU B 198 -13.64 24.37 -9.01
N PRO B 199 -14.46 23.45 -9.53
CA PRO B 199 -14.56 22.16 -8.85
C PRO B 199 -13.20 21.49 -8.99
N GLY B 200 -12.86 20.61 -8.05
CA GLY B 200 -11.56 19.95 -8.13
C GLY B 200 -11.32 19.25 -9.45
N GLY B 201 -12.37 18.66 -10.01
CA GLY B 201 -12.24 17.94 -11.27
C GLY B 201 -11.98 18.81 -12.48
N GLU B 202 -12.00 20.14 -12.30
CA GLU B 202 -11.74 21.06 -13.40
C GLU B 202 -10.40 21.77 -13.28
N VAL B 203 -9.64 21.43 -12.25
CA VAL B 203 -8.35 22.05 -12.00
C VAL B 203 -7.27 21.64 -12.98
N TYR B 204 -7.18 20.34 -13.27
CA TYR B 204 -6.17 19.85 -14.21
C TYR B 204 -6.21 20.62 -15.54
N PRO B 205 -7.38 20.65 -16.22
CA PRO B 205 -7.50 21.36 -17.50
C PRO B 205 -7.15 22.84 -17.38
N ALA B 206 -7.65 23.48 -16.33
CA ALA B 206 -7.40 24.88 -16.11
C ALA B 206 -5.90 25.17 -16.00
N LEU B 207 -5.18 24.25 -15.36
CA LEU B 207 -3.73 24.39 -15.20
C LEU B 207 -3.06 24.15 -16.54
N GLU B 208 -3.44 23.06 -17.18
CA GLU B 208 -2.87 22.70 -18.47
C GLU B 208 -3.12 23.79 -19.53
N ARG B 209 -4.27 24.46 -19.44
CA ARG B 209 -4.62 25.51 -20.40
C ARG B 209 -4.17 26.90 -19.97
N GLY B 210 -3.51 26.97 -18.82
CA GLY B 210 -3.03 28.26 -18.33
C GLY B 210 -4.10 29.20 -17.80
N VAL B 211 -5.31 28.69 -17.59
CA VAL B 211 -6.39 29.51 -17.05
C VAL B 211 -6.02 30.00 -15.66
N ILE B 212 -5.36 29.14 -14.89
CA ILE B 212 -4.92 29.47 -13.53
C ILE B 212 -3.42 29.15 -13.40
N ASP B 213 -2.77 29.78 -12.42
CA ASP B 213 -1.35 29.58 -12.19
C ASP B 213 -1.11 28.55 -11.08
N ALA B 214 -1.99 28.58 -10.07
CA ALA B 214 -1.88 27.68 -8.93
C ALA B 214 -3.25 27.17 -8.52
N ALA B 215 -3.26 26.19 -7.61
CA ALA B 215 -4.52 25.63 -7.15
C ALA B 215 -4.38 25.01 -5.78
N ASP B 216 -5.36 25.30 -4.93
CA ASP B 216 -5.42 24.72 -3.61
C ASP B 216 -6.63 23.81 -3.64
N PHE B 217 -6.41 22.50 -3.71
CA PHE B 217 -7.53 21.57 -3.69
C PHE B 217 -7.46 20.76 -2.40
N VAL B 218 -6.93 19.54 -2.43
CA VAL B 218 -6.85 18.81 -1.18
C VAL B 218 -5.41 18.40 -0.85
N GLY B 219 -5.25 17.20 -0.29
CA GLY B 219 -3.93 16.74 0.09
C GLY B 219 -3.13 16.14 -1.03
N PRO B 220 -1.92 15.66 -0.72
CA PRO B 220 -1.10 15.09 -1.77
C PRO B 220 -1.61 13.88 -2.54
N ALA B 221 -2.17 12.87 -1.87
CA ALA B 221 -2.61 11.69 -2.60
C ALA B 221 -3.74 11.90 -3.63
N VAL B 222 -4.80 12.58 -3.24
CA VAL B 222 -5.90 12.80 -4.18
C VAL B 222 -5.47 13.75 -5.29
N ASN B 223 -4.68 14.78 -4.94
CA ASN B 223 -4.20 15.72 -5.97
C ASN B 223 -3.42 14.93 -7.02
N TYR B 224 -2.70 13.91 -6.56
CA TYR B 224 -1.93 13.06 -7.46
C TYR B 224 -2.90 12.22 -8.30
N ASN B 225 -3.95 11.72 -7.65
CA ASN B 225 -4.98 10.93 -8.35
C ASN B 225 -5.50 11.78 -9.52
N LEU B 226 -5.69 13.07 -9.27
CA LEU B 226 -6.20 13.99 -10.28
C LEU B 226 -5.12 14.48 -11.27
N GLY B 227 -3.89 13.98 -11.10
CA GLY B 227 -2.78 14.29 -11.98
C GLY B 227 -2.13 15.65 -12.00
N PHE B 228 -2.32 16.45 -10.94
CA PHE B 228 -1.72 17.78 -10.93
C PHE B 228 -0.21 17.77 -11.16
N HIS B 229 0.44 16.66 -10.85
CA HIS B 229 1.89 16.55 -11.03
C HIS B 229 2.33 16.65 -12.49
N GLN B 230 1.39 16.44 -13.41
CA GLN B 230 1.72 16.52 -14.82
C GLN B 230 1.69 17.96 -15.32
N VAL B 231 0.89 18.80 -14.67
CA VAL B 231 0.71 20.18 -15.09
C VAL B 231 1.16 21.29 -14.14
N ALA B 232 1.90 20.93 -13.10
CA ALA B 232 2.40 21.89 -12.12
C ALA B 232 3.58 21.25 -11.42
N LYS B 233 4.75 21.86 -11.51
CA LYS B 233 5.93 21.27 -10.89
C LYS B 233 6.32 21.84 -9.53
N TYR B 234 5.41 22.57 -8.91
CA TYR B 234 5.69 23.12 -7.59
C TYR B 234 4.54 22.89 -6.62
N ILE B 235 4.90 22.62 -5.38
CA ILE B 235 3.95 22.44 -4.29
C ILE B 235 4.42 23.49 -3.29
N ILE B 236 3.48 24.29 -2.80
CA ILE B 236 3.82 25.34 -1.83
C ILE B 236 3.21 24.97 -0.50
N MET B 237 4.03 24.99 0.55
CA MET B 237 3.57 24.65 1.89
C MET B 237 4.13 25.63 2.87
N GLY B 238 3.58 25.64 4.07
CA GLY B 238 4.05 26.53 5.10
C GLY B 238 5.32 25.93 5.69
N PRO B 239 5.92 26.59 6.68
CA PRO B 239 7.15 26.06 7.30
C PRO B 239 6.81 24.84 8.16
N PRO B 240 7.83 24.09 8.60
CA PRO B 240 7.57 22.91 9.43
C PRO B 240 6.68 23.25 10.63
N GLU B 241 6.86 24.45 11.18
CA GLU B 241 6.08 24.86 12.34
C GLU B 241 4.60 25.12 12.00
N THR B 242 4.32 25.39 10.73
CA THR B 242 2.96 25.66 10.29
C THR B 242 2.85 25.16 8.85
N PRO B 243 2.78 23.83 8.66
CA PRO B 243 2.68 23.19 7.34
C PRO B 243 1.52 23.67 6.45
N ALA B 244 0.38 23.94 7.08
CA ALA B 244 -0.79 24.40 6.33
C ALA B 244 -1.21 25.72 6.92
N ILE B 245 -1.03 26.77 6.14
CA ILE B 245 -1.39 28.10 6.60
C ILE B 245 -2.87 28.39 6.43
N HIS B 246 -3.44 27.93 5.32
CA HIS B 246 -4.83 28.22 5.03
C HIS B 246 -5.88 27.20 5.42
N GLN B 247 -5.66 25.93 5.12
CA GLN B 247 -6.63 24.88 5.46
C GLN B 247 -5.98 23.65 6.10
N PRO B 248 -5.67 23.73 7.38
CA PRO B 248 -5.04 22.62 8.10
C PRO B 248 -5.97 21.45 8.41
N VAL B 249 -7.28 21.73 8.45
CA VAL B 249 -8.29 20.72 8.77
C VAL B 249 -9.49 20.99 7.86
N ASP B 250 -9.37 20.48 6.64
CA ASP B 250 -10.36 20.63 5.60
C ASP B 250 -11.45 19.58 5.74
N LEU B 251 -12.42 19.89 6.57
CA LEU B 251 -13.51 18.97 6.85
C LEU B 251 -14.55 18.72 5.80
N MET B 252 -15.04 17.49 5.78
CA MET B 252 -16.14 17.11 4.92
C MET B 252 -17.27 16.90 5.93
N ASP B 253 -18.43 16.44 5.45
CA ASP B 253 -19.53 16.20 6.37
C ASP B 253 -20.54 15.35 5.65
N PHE B 254 -21.60 14.96 6.37
CA PHE B 254 -22.72 14.26 5.77
C PHE B 254 -23.91 15.14 6.12
N THR B 255 -24.65 15.55 5.10
CA THR B 255 -25.82 16.39 5.26
C THR B 255 -26.95 15.69 4.50
N ILE B 256 -28.07 15.49 5.20
CA ILE B 256 -29.24 14.79 4.67
C ILE B 256 -30.48 15.70 4.51
N ASN B 257 -31.28 15.44 3.47
CA ASN B 257 -32.50 16.23 3.27
C ASN B 257 -33.27 16.10 4.60
N LEU B 258 -33.61 17.24 5.22
CA LEU B 258 -34.29 17.26 6.52
C LEU B 258 -35.58 16.43 6.56
N ASN B 259 -36.42 16.55 5.53
CA ASN B 259 -37.65 15.76 5.53
C ASN B 259 -37.34 14.26 5.40
N ARG B 260 -36.37 13.88 4.56
CA ARG B 260 -36.02 12.47 4.43
C ARG B 260 -35.49 11.99 5.78
N TRP B 261 -34.66 12.83 6.40
CA TRP B 261 -34.08 12.51 7.72
C TRP B 261 -35.17 12.27 8.77
N ARG B 262 -36.11 13.20 8.86
CA ARG B 262 -37.17 13.10 9.86
C ARG B 262 -38.13 11.93 9.69
N SER B 263 -38.14 11.35 8.49
CA SER B 263 -38.99 10.19 8.21
C SER B 263 -38.28 8.89 8.56
N LEU B 264 -36.98 8.97 8.80
CA LEU B 264 -36.22 7.77 9.13
C LEU B 264 -36.42 7.47 10.61
N PRO B 265 -36.75 6.21 10.96
CA PRO B 265 -36.97 5.83 12.37
C PRO B 265 -35.78 6.28 13.23
N LYS B 266 -36.07 6.78 14.43
CA LYS B 266 -35.02 7.28 15.32
C LYS B 266 -33.86 6.30 15.55
N PRO B 267 -34.16 5.00 15.75
CA PRO B 267 -33.06 4.06 15.97
C PRO B 267 -32.10 4.07 14.79
N LEU B 268 -32.65 4.16 13.59
CA LEU B 268 -31.83 4.18 12.39
C LEU B 268 -31.08 5.50 12.27
N GLN B 269 -31.69 6.58 12.76
CA GLN B 269 -31.04 7.89 12.74
C GLN B 269 -29.81 7.80 13.64
N GLU B 270 -29.99 7.31 14.86
CA GLU B 270 -28.88 7.21 15.79
C GLU B 270 -27.76 6.33 15.22
N ARG B 271 -28.12 5.23 14.57
CA ARG B 271 -27.10 4.36 14.00
C ARG B 271 -26.33 5.04 12.88
N PHE B 272 -27.01 5.87 12.09
CA PHE B 272 -26.34 6.55 10.99
C PHE B 272 -25.37 7.58 11.55
N ILE B 273 -25.79 8.24 12.64
CA ILE B 273 -24.94 9.24 13.27
C ILE B 273 -23.66 8.54 13.75
N ALA B 274 -23.83 7.40 14.44
CA ALA B 274 -22.65 6.66 14.90
C ALA B 274 -21.80 6.22 13.72
N ALA B 275 -22.44 5.74 12.65
CA ALA B 275 -21.74 5.30 11.45
C ALA B 275 -20.88 6.42 10.85
N VAL B 276 -21.45 7.63 10.77
CA VAL B 276 -20.72 8.77 10.21
C VAL B 276 -19.55 9.17 11.10
N HIS B 277 -19.74 9.13 12.41
CA HIS B 277 -18.67 9.51 13.31
C HIS B 277 -17.52 8.49 13.20
N GLU B 278 -17.86 7.22 13.08
CA GLU B 278 -16.84 6.20 12.91
C GLU B 278 -16.13 6.40 11.59
N TYR B 279 -16.90 6.61 10.52
CA TYR B 279 -16.33 6.81 9.19
C TYR B 279 -15.39 7.99 9.12
N SER B 280 -15.72 9.02 9.89
CA SER B 280 -14.92 10.23 9.88
C SER B 280 -13.45 9.90 10.08
N TRP B 281 -13.19 9.02 11.04
CA TRP B 281 -11.82 8.66 11.33
C TRP B 281 -11.25 7.57 10.46
N ILE B 282 -12.09 6.65 9.99
CA ILE B 282 -11.66 5.62 9.04
C ILE B 282 -11.23 6.36 7.75
N HIS B 283 -12.02 7.36 7.37
CA HIS B 283 -11.75 8.18 6.18
C HIS B 283 -10.46 8.98 6.39
N TYR B 284 -10.35 9.62 7.53
CA TYR B 284 -9.14 10.39 7.83
C TYR B 284 -7.90 9.49 7.73
N ALA B 285 -7.99 8.31 8.34
CA ALA B 285 -6.86 7.38 8.35
C ALA B 285 -6.47 6.89 6.97
N GLY B 286 -7.47 6.61 6.12
CA GLY B 286 -7.20 6.12 4.78
C GLY B 286 -6.54 7.19 3.93
N ILE B 287 -6.97 8.43 4.12
CA ILE B 287 -6.39 9.55 3.39
C ILE B 287 -4.94 9.75 3.81
N GLN B 288 -4.68 9.73 5.12
CA GLN B 288 -3.31 9.90 5.62
C GLN B 288 -2.37 8.79 5.13
N LYS B 289 -2.86 7.56 5.09
CA LYS B 289 -2.03 6.46 4.58
C LYS B 289 -1.66 6.75 3.12
N ALA B 290 -2.67 7.06 2.30
CA ALA B 290 -2.42 7.35 0.89
C ALA B 290 -1.45 8.54 0.76
N ASN B 291 -1.57 9.51 1.65
CA ASN B 291 -0.68 10.66 1.61
C ASN B 291 0.79 10.27 1.84
N LEU B 292 1.02 9.36 2.77
CA LEU B 292 2.38 8.91 3.06
C LEU B 292 2.98 8.33 1.78
N GLU B 293 2.17 7.57 1.05
CA GLU B 293 2.60 6.94 -0.19
C GLU B 293 2.72 7.87 -1.39
N ALA B 294 2.10 9.05 -1.31
CA ALA B 294 2.14 9.98 -2.44
C ALA B 294 3.38 10.85 -2.53
N TRP B 295 3.93 11.23 -1.39
CA TRP B 295 5.09 12.11 -1.40
C TRP B 295 6.27 11.60 -2.26
N PRO B 296 6.61 10.31 -2.18
CA PRO B 296 7.71 9.79 -2.99
C PRO B 296 7.37 9.89 -4.49
N LYS B 297 6.08 9.85 -4.79
CA LYS B 297 5.61 9.93 -6.17
C LYS B 297 5.82 11.33 -6.75
N TYR B 298 5.67 12.35 -5.90
CA TYR B 298 5.90 13.71 -6.35
C TYR B 298 7.38 13.90 -6.65
N ARG B 299 8.21 13.30 -5.82
CA ARG B 299 9.65 13.40 -5.99
C ARG B 299 10.03 12.84 -7.36
N GLN B 300 9.48 11.68 -7.69
CA GLN B 300 9.78 11.04 -8.96
C GLN B 300 9.30 11.86 -10.16
N ALA B 301 8.21 12.61 -9.97
CA ALA B 301 7.65 13.45 -11.01
C ALA B 301 8.37 14.80 -11.16
N GLY B 302 9.48 14.95 -10.46
CA GLY B 302 10.22 16.19 -10.55
C GLY B 302 9.54 17.40 -9.93
N VAL B 303 8.58 17.14 -9.05
CA VAL B 303 7.86 18.23 -8.39
C VAL B 303 8.66 18.68 -7.16
N GLU B 304 8.88 19.98 -7.06
CA GLU B 304 9.62 20.57 -5.95
C GLU B 304 8.69 21.09 -4.86
N VAL B 305 8.96 20.70 -3.62
CA VAL B 305 8.17 21.15 -2.47
C VAL B 305 8.82 22.38 -1.85
N ILE B 306 8.17 23.52 -2.05
CA ILE B 306 8.64 24.79 -1.53
C ILE B 306 8.04 25.04 -0.17
N ARG B 307 8.88 25.45 0.78
CA ARG B 307 8.42 25.73 2.13
C ARG B 307 8.53 27.22 2.43
N LEU B 308 7.41 27.83 2.82
CA LEU B 308 7.42 29.24 3.16
C LEU B 308 8.05 29.39 4.55
N SER B 309 8.29 30.63 4.97
CA SER B 309 8.92 30.90 6.25
C SER B 309 7.98 31.28 7.37
N ASN B 310 8.50 31.30 8.59
CA ASN B 310 7.70 31.69 9.74
C ASN B 310 7.31 33.15 9.56
N GLU B 311 8.19 33.91 8.92
CA GLU B 311 7.95 35.32 8.64
C GLU B 311 6.75 35.40 7.70
N ASP B 312 6.76 34.55 6.67
CA ASP B 312 5.68 34.51 5.70
C ASP B 312 4.38 34.25 6.42
N VAL B 313 4.44 33.38 7.43
CA VAL B 313 3.28 33.03 8.22
C VAL B 313 2.77 34.24 9.01
N ARG B 314 3.67 34.98 9.64
CA ARG B 314 3.26 36.14 10.41
C ARG B 314 2.57 37.17 9.51
N LYS B 315 3.04 37.26 8.27
CA LYS B 315 2.47 38.20 7.33
C LYS B 315 1.02 37.83 7.00
N PHE B 316 0.77 36.53 6.83
CA PHE B 316 -0.57 36.05 6.53
C PHE B 316 -1.44 36.24 7.75
N ARG B 317 -0.88 35.96 8.92
CA ARG B 317 -1.59 36.07 10.18
C ARG B 317 -2.17 37.47 10.37
N ARG B 318 -1.39 38.49 10.04
CA ARG B 318 -1.85 39.87 10.21
C ARG B 318 -3.06 40.14 9.32
N LEU B 319 -3.11 39.51 8.15
CA LEU B 319 -4.23 39.68 7.25
C LEU B 319 -5.43 38.83 7.67
N ALA B 320 -5.14 37.58 8.03
CA ALA B 320 -6.17 36.62 8.41
C ALA B 320 -7.04 36.95 9.61
N ILE B 321 -6.45 37.32 10.74
CA ILE B 321 -7.25 37.59 11.92
C ILE B 321 -8.36 38.63 11.75
N PRO B 322 -8.08 39.76 11.08
CA PRO B 322 -9.15 40.74 10.91
C PRO B 322 -10.26 40.15 10.08
N ILE B 323 -9.88 39.33 9.09
CA ILE B 323 -10.85 38.70 8.21
C ILE B 323 -11.75 37.72 8.98
N TRP B 324 -11.23 37.13 10.05
CA TRP B 324 -12.06 36.20 10.85
C TRP B 324 -13.25 37.00 11.35
N PHE B 325 -12.99 38.21 11.79
CA PHE B 325 -14.04 39.04 12.33
C PHE B 325 -15.05 39.51 11.30
N LYS B 326 -14.58 39.90 10.11
CA LYS B 326 -15.51 40.33 9.06
C LYS B 326 -16.52 39.19 8.79
N TRP B 327 -16.01 37.98 8.66
CA TRP B 327 -16.87 36.84 8.38
C TRP B 327 -17.72 36.45 9.57
N ALA B 328 -17.14 36.52 10.76
CA ALA B 328 -17.87 36.16 11.95
C ALA B 328 -19.14 36.99 12.11
N LYS B 329 -19.05 38.26 11.71
CA LYS B 329 -20.18 39.17 11.85
C LYS B 329 -21.25 39.04 10.78
N MET B 330 -21.09 38.11 9.86
CA MET B 330 -22.06 37.96 8.78
C MET B 330 -23.48 37.66 9.21
N ASP B 331 -23.67 36.71 10.13
CA ASP B 331 -25.01 36.42 10.64
C ASP B 331 -24.94 35.86 12.05
N LYS B 332 -26.09 35.46 12.59
CA LYS B 332 -26.14 34.96 13.95
C LYS B 332 -25.39 33.64 14.16
N TYR B 333 -25.33 32.80 13.13
CA TYR B 333 -24.64 31.52 13.27
C TYR B 333 -23.13 31.66 13.16
N SER B 334 -22.66 32.46 12.20
CA SER B 334 -21.22 32.68 12.04
C SER B 334 -20.68 33.35 13.30
N ARG B 335 -21.48 34.26 13.84
CA ARG B 335 -21.10 34.99 15.05
C ARG B 335 -21.04 34.04 16.25
N GLU B 336 -21.99 33.11 16.34
CA GLU B 336 -22.01 32.14 17.43
C GLU B 336 -20.84 31.15 17.34
N ALA B 337 -20.57 30.66 16.13
CA ALA B 337 -19.49 29.70 15.93
C ALA B 337 -18.12 30.30 16.20
N PHE B 338 -17.83 31.46 15.61
CA PHE B 338 -16.53 32.09 15.85
C PHE B 338 -16.38 32.46 17.32
N ALA B 339 -17.47 32.88 17.94
CA ALA B 339 -17.40 33.26 19.36
C ALA B 339 -16.80 32.15 20.23
N SER B 340 -17.30 30.92 20.09
CA SER B 340 -16.76 29.83 20.89
C SER B 340 -15.41 29.35 20.40
N GLN B 341 -15.15 29.46 19.09
CA GLN B 341 -13.84 29.03 18.58
C GLN B 341 -12.77 29.99 19.07
N LEU B 342 -13.13 31.26 19.22
CA LEU B 342 -12.19 32.27 19.69
C LEU B 342 -11.85 32.01 21.16
N GLU B 343 -12.88 31.74 21.96
CA GLU B 343 -12.68 31.48 23.39
C GLU B 343 -11.79 30.25 23.57
N TYR B 344 -11.96 29.27 22.69
CA TYR B 344 -11.16 28.05 22.75
C TYR B 344 -9.71 28.38 22.38
N MET B 345 -9.54 29.16 21.32
CA MET B 345 -8.20 29.55 20.88
C MET B 345 -7.45 30.30 21.96
N LYS B 346 -8.15 31.15 22.69
CA LYS B 346 -7.51 31.89 23.77
C LYS B 346 -7.12 30.91 24.86
N GLY B 347 -8.01 29.96 25.11
CA GLY B 347 -7.77 28.95 26.11
C GLY B 347 -6.53 28.10 25.85
N ILE B 348 -6.19 27.88 24.59
CA ILE B 348 -4.99 27.09 24.31
C ILE B 348 -3.82 27.89 23.74
N GLY B 349 -3.85 29.20 23.96
CA GLY B 349 -2.78 30.08 23.50
C GLY B 349 -2.61 30.21 22.01
N TYR B 350 -3.70 30.09 21.25
CA TYR B 350 -3.60 30.21 19.80
C TYR B 350 -3.73 31.67 19.34
N VAL B 351 -4.14 32.54 20.26
CA VAL B 351 -4.30 33.96 19.97
C VAL B 351 -4.00 34.73 21.25
N THR B 352 -3.58 35.98 21.10
CA THR B 352 -3.27 36.82 22.25
C THR B 352 -4.15 38.07 22.22
N ASP B 353 -4.37 38.66 23.40
CA ASP B 353 -5.19 39.86 23.49
C ASP B 353 -4.55 40.97 22.67
N GLU B 354 -3.22 40.94 22.57
CA GLU B 354 -2.49 41.95 21.83
C GLU B 354 -2.85 41.97 20.34
N GLU B 355 -2.76 40.82 19.68
CA GLU B 355 -3.08 40.79 18.27
C GLU B 355 -4.57 41.00 17.98
N LEU B 356 -5.39 40.95 19.03
CA LEU B 356 -6.83 41.16 18.88
C LEU B 356 -7.17 42.63 19.16
N LYS B 357 -6.15 43.43 19.47
CA LYS B 357 -6.33 44.85 19.76
C LYS B 357 -7.16 45.55 18.68
N GLY B 358 -8.30 46.10 19.09
CA GLY B 358 -9.16 46.81 18.16
C GLY B 358 -10.13 45.93 17.40
N LEU B 359 -10.29 44.70 17.87
CA LEU B 359 -11.21 43.76 17.23
C LEU B 359 -12.14 43.15 18.28
N SER B 360 -13.44 43.17 17.99
CA SER B 360 -14.42 42.59 18.90
C SER B 360 -15.71 42.27 18.16
N ARG C 32 -33.07 -12.39 21.94
CA ARG C 32 -32.36 -12.49 23.23
C ARG C 32 -31.71 -11.16 23.58
N ARG C 33 -31.52 -10.94 24.87
CA ARG C 33 -30.87 -9.73 25.36
C ARG C 33 -29.54 -10.11 26.00
N TYR C 34 -28.56 -9.21 25.91
CA TYR C 34 -27.24 -9.46 26.47
C TYR C 34 -26.89 -8.40 27.49
N ARG C 35 -26.25 -8.82 28.58
CA ARG C 35 -25.88 -7.90 29.64
C ARG C 35 -24.43 -8.13 30.00
N TRP C 36 -23.61 -7.09 29.85
CA TRP C 36 -22.19 -7.17 30.15
C TRP C 36 -21.77 -6.28 31.31
N ARG C 37 -21.05 -6.86 32.26
CA ARG C 37 -20.54 -6.08 33.39
C ARG C 37 -19.17 -5.57 32.92
N ILE C 38 -18.98 -4.25 32.94
CA ILE C 38 -17.70 -3.68 32.50
C ILE C 38 -17.21 -2.66 33.51
N GLN C 39 -15.97 -2.85 33.96
CA GLN C 39 -15.38 -1.91 34.89
C GLN C 39 -14.38 -1.04 34.15
N THR C 40 -14.29 0.22 34.57
CA THR C 40 -13.35 1.16 33.96
C THR C 40 -12.22 1.51 34.93
N ALA C 41 -11.11 1.98 34.38
CA ALA C 41 -10.00 2.45 35.21
C ALA C 41 -10.38 3.81 35.84
N TRP C 42 -11.46 4.43 35.36
CA TRP C 42 -11.85 5.72 35.95
C TRP C 42 -12.53 5.57 37.31
N ASP C 43 -12.08 6.37 38.27
CA ASP C 43 -12.69 6.35 39.60
C ASP C 43 -14.05 7.05 39.59
N ALA C 44 -14.96 6.60 40.46
CA ALA C 44 -16.28 7.17 40.54
C ALA C 44 -16.19 8.65 40.91
N GLY C 45 -16.98 9.48 40.23
CA GLY C 45 -16.96 10.91 40.50
C GLY C 45 -16.07 11.71 39.57
N THR C 46 -15.19 11.03 38.83
CA THR C 46 -14.32 11.74 37.89
C THR C 46 -15.05 12.04 36.59
N VAL C 47 -14.53 13.01 35.84
CA VAL C 47 -15.11 13.37 34.54
C VAL C 47 -15.11 12.09 33.68
N GLY C 48 -14.03 11.31 33.80
CA GLY C 48 -13.93 10.08 33.02
C GLY C 48 -15.08 9.12 33.29
N TYR C 49 -15.35 8.85 34.58
CA TYR C 49 -16.45 7.94 34.92
C TYR C 49 -17.81 8.43 34.41
N SER C 50 -18.01 9.74 34.44
N SER C 50 -18.01 9.74 34.44
CA SER C 50 -19.27 10.32 33.96
CA SER C 50 -19.28 10.31 33.96
C SER C 50 -19.45 10.04 32.47
C SER C 50 -19.45 10.04 32.46
N LEU C 51 -18.36 10.14 31.70
CA LEU C 51 -18.44 9.91 30.26
C LEU C 51 -18.73 8.43 30.01
N PHE C 52 -18.09 7.58 30.81
CA PHE C 52 -18.24 6.13 30.69
C PHE C 52 -19.68 5.72 31.01
N GLN C 53 -20.29 6.34 32.02
CA GLN C 53 -21.67 6.01 32.33
C GLN C 53 -22.56 6.37 31.17
N LYS C 54 -22.34 7.54 30.58
CA LYS C 54 -23.18 7.95 29.46
C LYS C 54 -22.99 7.01 28.28
N PHE C 55 -21.80 6.44 28.16
CA PHE C 55 -21.54 5.53 27.05
C PHE C 55 -22.48 4.34 27.15
N THR C 56 -22.68 3.81 28.36
CA THR C 56 -23.55 2.66 28.53
C THR C 56 -24.98 2.95 28.04
N GLU C 57 -25.42 4.20 28.22
CA GLU C 57 -26.74 4.59 27.74
C GLU C 57 -26.75 4.64 26.22
N ARG C 58 -25.66 5.12 25.63
CA ARG C 58 -25.56 5.19 24.18
C ARG C 58 -25.59 3.79 23.57
N VAL C 59 -24.90 2.83 24.21
CA VAL C 59 -24.88 1.44 23.74
C VAL C 59 -26.29 0.84 23.70
N LYS C 60 -27.06 1.07 24.76
CA LYS C 60 -28.42 0.55 24.81
C LYS C 60 -29.23 1.18 23.65
N GLU C 61 -29.04 2.46 23.45
CA GLU C 61 -29.75 3.16 22.38
C GLU C 61 -29.37 2.61 21.00
N LEU C 62 -28.08 2.42 20.76
CA LEU C 62 -27.65 1.89 19.47
C LEU C 62 -28.05 0.45 19.21
N THR C 63 -28.27 -0.33 20.25
CA THR C 63 -28.62 -1.75 20.07
C THR C 63 -30.09 -2.05 20.33
N ASP C 64 -30.90 -1.01 20.54
CA ASP C 64 -32.31 -1.19 20.84
C ASP C 64 -32.51 -1.98 22.11
N GLY C 65 -31.65 -1.74 23.11
CA GLY C 65 -31.76 -2.45 24.37
C GLY C 65 -31.29 -3.90 24.34
N GLN C 66 -30.86 -4.38 23.20
CA GLN C 66 -30.39 -5.76 23.09
C GLN C 66 -29.06 -6.02 23.79
N LEU C 67 -28.22 -5.01 23.87
CA LEU C 67 -26.95 -5.17 24.57
C LEU C 67 -26.92 -4.06 25.60
N GLU C 68 -26.84 -4.46 26.86
CA GLU C 68 -26.80 -3.47 27.93
C GLU C 68 -25.51 -3.64 28.69
N VAL C 69 -24.83 -2.53 28.93
CA VAL C 69 -23.60 -2.56 29.68
C VAL C 69 -23.85 -2.00 31.06
N GLN C 70 -23.49 -2.76 32.09
CA GLN C 70 -23.63 -2.30 33.46
C GLN C 70 -22.24 -1.78 33.84
N PRO C 71 -22.12 -0.46 34.07
CA PRO C 71 -20.84 0.15 34.43
C PRO C 71 -20.41 0.01 35.90
N PHE C 72 -19.12 -0.15 36.10
CA PHE C 72 -18.55 -0.25 37.44
C PHE C 72 -17.34 0.69 37.48
N PRO C 73 -17.25 1.55 38.52
CA PRO C 73 -16.10 2.47 38.63
C PRO C 73 -14.90 1.68 39.15
N ALA C 74 -13.71 2.25 39.01
CA ALA C 74 -12.50 1.59 39.43
C ALA C 74 -12.56 1.06 40.86
N GLY C 75 -12.16 -0.20 41.02
CA GLY C 75 -12.15 -0.84 42.33
C GLY C 75 -13.47 -1.39 42.85
N ALA C 76 -14.57 -1.20 42.12
CA ALA C 76 -15.88 -1.66 42.61
C ALA C 76 -15.97 -3.19 42.65
N VAL C 77 -15.43 -3.84 41.63
CA VAL C 77 -15.46 -5.30 41.56
C VAL C 77 -14.09 -5.86 41.88
N VAL C 78 -13.06 -5.33 41.23
CA VAL C 78 -11.69 -5.74 41.52
C VAL C 78 -10.82 -4.50 41.39
N GLY C 79 -9.57 -4.61 41.83
CA GLY C 79 -8.63 -3.52 41.72
C GLY C 79 -8.35 -3.29 40.24
N THR C 80 -7.94 -2.08 39.89
CA THR C 80 -7.66 -1.74 38.50
C THR C 80 -6.67 -2.67 37.81
N PHE C 81 -5.58 -3.01 38.49
CA PHE C 81 -4.59 -3.86 37.83
C PHE C 81 -5.03 -5.31 37.76
N ASP C 82 -6.15 -5.63 38.40
CA ASP C 82 -6.68 -6.98 38.37
C ASP C 82 -7.77 -7.12 37.31
N MET C 83 -8.03 -6.07 36.53
CA MET C 83 -9.12 -6.18 35.55
C MET C 83 -8.86 -7.22 34.46
N PHE C 84 -7.62 -7.29 34.01
CA PHE C 84 -7.21 -8.23 32.95
C PHE C 84 -7.62 -9.65 33.35
N ASP C 85 -7.18 -10.08 34.54
CA ASP C 85 -7.52 -11.43 34.99
C ASP C 85 -9.03 -11.57 35.23
N ALA C 86 -9.65 -10.54 35.78
CA ALA C 86 -11.08 -10.59 36.02
C ALA C 86 -11.88 -10.81 34.73
N VAL C 87 -11.45 -10.17 33.65
CA VAL C 87 -12.16 -10.35 32.37
C VAL C 87 -11.92 -11.74 31.79
N LYS C 88 -10.67 -12.21 31.82
CA LYS C 88 -10.36 -13.55 31.30
C LYS C 88 -11.15 -14.63 32.03
N THR C 89 -11.24 -14.50 33.36
CA THR C 89 -11.95 -15.48 34.19
C THR C 89 -13.46 -15.35 34.28
N GLY C 90 -14.04 -14.24 33.80
CA GLY C 90 -15.48 -14.10 33.84
C GLY C 90 -16.04 -13.28 34.99
N VAL C 91 -15.16 -12.75 35.84
CA VAL C 91 -15.60 -11.92 36.97
C VAL C 91 -16.25 -10.68 36.36
N LEU C 92 -15.71 -10.24 35.24
CA LEU C 92 -16.23 -9.09 34.48
C LEU C 92 -16.35 -9.58 33.04
N ASP C 93 -17.26 -8.99 32.27
CA ASP C 93 -17.41 -9.37 30.87
C ASP C 93 -16.49 -8.52 30.03
N GLY C 94 -16.10 -7.37 30.56
CA GLY C 94 -15.19 -6.52 29.80
C GLY C 94 -14.57 -5.46 30.67
N MET C 95 -13.61 -4.76 30.08
CA MET C 95 -12.93 -3.69 30.81
C MET C 95 -12.62 -2.50 29.92
N ASN C 96 -12.45 -1.34 30.56
CA ASN C 96 -12.10 -0.10 29.89
C ASN C 96 -10.89 0.41 30.67
N PRO C 97 -9.70 -0.15 30.41
CA PRO C 97 -8.51 0.27 31.13
C PRO C 97 -7.63 1.17 30.28
N PHE C 98 -6.46 1.50 30.83
CA PHE C 98 -5.42 2.20 30.09
C PHE C 98 -4.63 0.97 29.61
N THR C 99 -4.54 0.82 28.30
CA THR C 99 -3.93 -0.36 27.70
C THR C 99 -2.54 -0.77 28.15
N LEU C 100 -1.65 0.20 28.33
CA LEU C 100 -0.30 -0.11 28.72
C LEU C 100 -0.16 -0.69 30.13
N TYR C 101 -1.26 -0.87 30.84
CA TYR C 101 -1.18 -1.47 32.20
C TYR C 101 -0.75 -2.94 32.07
N TRP C 102 -0.94 -3.54 30.90
CA TRP C 102 -0.59 -4.96 30.71
C TRP C 102 0.79 -5.19 30.12
N ALA C 103 1.61 -4.12 30.10
CA ALA C 103 2.94 -4.18 29.53
C ALA C 103 3.84 -5.28 30.08
N GLY C 104 3.68 -5.57 31.38
CA GLY C 104 4.52 -6.57 32.00
C GLY C 104 4.20 -7.98 31.57
N ARG C 105 2.98 -8.21 31.09
CA ARG C 105 2.61 -9.54 30.66
C ARG C 105 2.47 -9.64 29.15
N MET C 106 2.19 -8.50 28.49
CA MET C 106 2.04 -8.44 27.03
C MET C 106 2.84 -7.23 26.55
N PRO C 107 4.11 -7.47 26.16
CA PRO C 107 4.96 -6.37 25.69
C PRO C 107 4.32 -5.47 24.63
N VAL C 108 3.50 -6.03 23.76
CA VAL C 108 2.90 -5.24 22.69
C VAL C 108 2.03 -4.11 23.25
N THR C 109 1.47 -4.28 24.45
CA THR C 109 0.63 -3.20 24.96
C THR C 109 1.39 -1.94 25.28
N ALA C 110 2.72 -2.02 25.43
CA ALA C 110 3.50 -0.81 25.69
C ALA C 110 3.51 0.01 24.39
N PHE C 111 3.16 -0.64 23.28
CA PHE C 111 3.08 0.04 21.99
C PHE C 111 1.64 0.33 21.52
N LEU C 112 0.66 0.08 22.39
CA LEU C 112 -0.74 0.34 22.07
C LEU C 112 -1.24 1.60 22.78
N SER C 113 -0.27 2.38 23.25
CA SER C 113 -0.51 3.65 23.92
C SER C 113 0.79 4.41 23.74
N SER C 114 0.76 5.72 23.94
CA SER C 114 1.99 6.48 23.72
C SER C 114 3.14 6.14 24.67
N TYR C 115 4.33 6.38 24.16
CA TYR C 115 5.53 6.16 24.94
C TYR C 115 6.40 7.38 24.67
N ALA C 116 7.35 7.59 25.56
CA ALA C 116 8.20 8.76 25.50
C ALA C 116 8.74 9.20 24.15
N LEU C 117 8.34 10.41 23.77
CA LEU C 117 8.82 11.05 22.56
C LEU C 117 8.60 10.36 21.20
N GLY C 118 7.54 9.55 21.09
CA GLY C 118 7.24 8.92 19.82
C GLY C 118 6.07 9.70 19.23
N LEU C 119 5.20 9.01 18.49
CA LEU C 119 4.01 9.65 17.92
C LEU C 119 3.33 10.37 19.08
N ASP C 120 3.02 11.66 18.89
CA ASP C 120 2.45 12.41 20.01
C ASP C 120 1.15 13.16 19.78
N ARG C 121 0.43 12.84 18.72
CA ARG C 121 -0.85 13.51 18.52
C ARG C 121 -1.95 12.46 18.39
N PRO C 122 -3.17 12.79 18.85
CA PRO C 122 -4.29 11.86 18.76
C PRO C 122 -4.48 11.34 17.33
N ASP C 123 -4.41 12.23 16.34
CA ASP C 123 -4.62 11.82 14.95
C ASP C 123 -3.60 10.85 14.40
N GLN C 124 -2.38 10.87 14.94
CA GLN C 124 -1.35 9.96 14.46
C GLN C 124 -1.65 8.55 14.96
N TRP C 125 -2.08 8.47 16.21
CA TRP C 125 -2.40 7.16 16.77
C TRP C 125 -3.62 6.59 16.10
N GLU C 126 -4.55 7.47 15.73
CA GLU C 126 -5.74 7.03 15.04
C GLU C 126 -5.35 6.44 13.67
N THR C 127 -4.45 7.13 12.95
CA THR C 127 -4.00 6.68 11.64
C THR C 127 -3.27 5.34 11.76
N TRP C 128 -2.41 5.24 12.78
CA TRP C 128 -1.65 4.00 12.95
C TRP C 128 -2.60 2.82 13.21
N PHE C 129 -3.54 2.98 14.13
CA PHE C 129 -4.51 1.91 14.41
C PHE C 129 -5.44 1.60 13.24
N TYR C 130 -5.95 2.65 12.60
CA TYR C 130 -6.94 2.42 11.58
C TYR C 130 -6.61 2.30 10.11
N SER C 131 -5.40 2.65 9.69
CA SER C 131 -5.05 2.46 8.29
C SER C 131 -3.66 1.84 8.14
N LEU C 132 -2.83 1.91 9.20
CA LEU C 132 -1.47 1.34 9.14
C LEU C 132 -1.33 -0.08 9.75
N GLY C 133 -2.46 -0.70 10.08
CA GLY C 133 -2.50 -2.06 10.60
C GLY C 133 -2.40 -2.29 12.09
N GLY C 134 -2.39 -1.23 12.88
CA GLY C 134 -2.28 -1.42 14.32
C GLY C 134 -3.41 -2.18 15.00
N LEU C 135 -4.65 -1.91 14.60
CA LEU C 135 -5.78 -2.58 15.23
C LEU C 135 -5.67 -4.10 15.11
N ASP C 136 -5.26 -4.59 13.94
CA ASP C 136 -5.19 -6.03 13.79
C ASP C 136 -4.09 -6.67 14.66
N ILE C 137 -3.00 -5.94 14.87
CA ILE C 137 -1.94 -6.46 15.73
C ILE C 137 -2.55 -6.60 17.13
N ALA C 138 -3.24 -5.56 17.60
CA ALA C 138 -3.84 -5.64 18.93
C ALA C 138 -4.85 -6.81 19.03
N ARG C 139 -5.68 -6.95 18.00
CA ARG C 139 -6.68 -7.99 17.94
C ARG C 139 -6.01 -9.37 18.05
N ARG C 140 -4.98 -9.62 17.24
CA ARG C 140 -4.31 -10.92 17.30
C ARG C 140 -3.63 -11.17 18.65
N ALA C 141 -2.90 -10.19 19.14
CA ALA C 141 -2.20 -10.36 20.43
C ALA C 141 -3.20 -10.67 21.53
N PHE C 142 -4.29 -9.93 21.60
CA PHE C 142 -5.26 -10.18 22.66
C PHE C 142 -6.05 -11.48 22.53
N ALA C 143 -6.31 -11.90 21.31
CA ALA C 143 -7.07 -13.13 21.09
C ALA C 143 -6.31 -14.30 21.73
N GLU C 144 -4.99 -14.22 21.69
CA GLU C 144 -4.15 -15.27 22.27
C GLU C 144 -4.36 -15.36 23.77
N GLN C 145 -4.86 -14.27 24.36
CA GLN C 145 -5.09 -14.21 25.80
C GLN C 145 -6.53 -14.53 26.15
N GLY C 146 -7.34 -14.82 25.14
CA GLY C 146 -8.74 -15.12 25.36
C GLY C 146 -9.51 -13.81 25.54
N LEU C 147 -9.07 -12.75 24.87
CA LEU C 147 -9.75 -11.45 24.98
C LEU C 147 -9.94 -10.82 23.59
N PHE C 148 -11.03 -10.08 23.43
CA PHE C 148 -11.29 -9.40 22.17
C PHE C 148 -11.02 -7.90 22.40
N TYR C 149 -10.00 -7.37 21.74
CA TYR C 149 -9.65 -5.95 21.86
C TYR C 149 -10.54 -5.25 20.83
N VAL C 150 -11.48 -4.45 21.32
CA VAL C 150 -12.43 -3.78 20.42
C VAL C 150 -11.77 -2.65 19.65
N GLY C 151 -11.18 -1.71 20.40
CA GLY C 151 -10.53 -0.59 19.76
C GLY C 151 -10.04 0.37 20.83
N PRO C 152 -9.19 1.33 20.43
CA PRO C 152 -8.67 2.30 21.39
C PRO C 152 -9.67 3.42 21.68
N VAL C 153 -9.54 4.01 22.86
CA VAL C 153 -10.40 5.13 23.26
C VAL C 153 -9.42 6.30 23.49
N GLN C 154 -9.59 7.35 22.68
CA GLN C 154 -8.73 8.55 22.78
C GLN C 154 -9.04 9.18 24.12
N HIS C 155 -8.06 9.91 24.63
CA HIS C 155 -8.18 10.43 25.97
C HIS C 155 -7.49 11.76 26.21
N ASP C 156 -6.17 11.73 26.41
CA ASP C 156 -5.47 12.96 26.79
C ASP C 156 -3.96 12.73 26.88
N LEU C 157 -3.23 13.82 27.10
CA LEU C 157 -1.80 13.72 27.37
C LEU C 157 -1.83 13.58 28.91
N ASN C 158 -0.68 13.36 29.54
CA ASN C 158 -0.62 13.22 30.99
C ASN C 158 0.32 14.27 31.57
N ILE C 159 0.08 14.65 32.82
CA ILE C 159 0.97 15.60 33.49
C ILE C 159 1.50 15.01 34.79
N ILE C 160 2.55 15.62 35.34
CA ILE C 160 3.15 15.15 36.58
C ILE C 160 2.90 16.18 37.68
N HIS C 161 2.55 15.70 38.87
CA HIS C 161 2.32 16.55 40.03
C HIS C 161 3.47 16.23 40.99
N SER C 162 4.08 17.25 41.58
CA SER C 162 5.21 17.01 42.49
C SER C 162 5.15 17.90 43.73
N LYS C 163 5.63 17.38 44.85
CA LYS C 163 5.62 18.17 46.07
C LYS C 163 6.75 19.20 46.09
N LYS C 164 7.88 18.86 45.48
CA LYS C 164 9.01 19.78 45.38
C LYS C 164 9.24 20.09 43.91
N PRO C 165 9.88 21.24 43.62
CA PRO C 165 10.10 21.57 42.22
C PRO C 165 11.07 20.59 41.53
N ILE C 166 10.78 20.28 40.27
CA ILE C 166 11.64 19.44 39.43
C ILE C 166 11.73 20.38 38.23
N ARG C 167 12.89 21.04 38.08
CA ARG C 167 13.07 22.04 37.04
C ARG C 167 13.98 21.68 35.87
N ARG C 168 14.62 20.53 35.95
CA ARG C 168 15.51 20.10 34.88
C ARG C 168 15.63 18.58 34.89
N PHE C 169 16.16 18.04 33.81
CA PHE C 169 16.34 16.59 33.66
C PHE C 169 17.00 15.96 34.89
N GLU C 170 18.09 16.58 35.35
CA GLU C 170 18.84 16.07 36.49
C GLU C 170 18.07 16.05 37.81
N ASP C 171 17.00 16.83 37.91
CA ASP C 171 16.20 16.85 39.14
C ASP C 171 15.39 15.56 39.36
N PHE C 172 15.28 14.70 38.34
CA PHE C 172 14.56 13.45 38.51
C PHE C 172 15.35 12.42 39.30
N LYS C 173 16.67 12.61 39.38
CA LYS C 173 17.48 11.66 40.11
C LYS C 173 17.07 11.58 41.59
N GLY C 174 16.75 10.37 42.03
CA GLY C 174 16.35 10.17 43.41
C GLY C 174 14.89 10.42 43.75
N VAL C 175 14.11 10.88 42.78
CA VAL C 175 12.69 11.16 43.00
C VAL C 175 11.86 9.88 43.03
N LYS C 176 11.05 9.73 44.07
CA LYS C 176 10.16 8.57 44.20
C LYS C 176 8.95 9.00 43.41
N LEU C 177 8.84 8.40 42.23
CA LEU C 177 7.80 8.74 41.26
C LEU C 177 6.83 7.64 40.89
N ARG C 178 5.53 7.92 41.03
CA ARG C 178 4.51 6.95 40.64
C ARG C 178 4.33 7.09 39.11
N VAL C 179 4.38 5.97 38.41
CA VAL C 179 4.21 5.92 36.95
C VAL C 179 3.52 4.60 36.61
N PRO C 180 2.95 4.48 35.40
CA PRO C 180 2.25 3.25 34.98
C PRO C 180 3.10 2.07 34.51
N GLY C 181 4.31 1.94 35.05
CA GLY C 181 5.17 0.82 34.69
C GLY C 181 5.60 0.76 33.24
N GLY C 182 5.97 -0.43 32.78
CA GLY C 182 6.39 -0.59 31.39
C GLY C 182 7.50 0.30 30.91
N MET C 183 7.39 0.76 29.66
CA MET C 183 8.38 1.65 29.08
C MET C 183 8.41 3.01 29.77
N ILE C 184 7.24 3.48 30.22
CA ILE C 184 7.16 4.79 30.88
C ILE C 184 8.07 4.77 32.12
N ALA C 185 7.89 3.75 32.96
CA ALA C 185 8.72 3.64 34.15
C ALA C 185 10.18 3.44 33.79
N GLU C 186 10.47 2.66 32.74
CA GLU C 186 11.86 2.44 32.40
C GLU C 186 12.58 3.73 32.01
N VAL C 187 11.91 4.59 31.26
CA VAL C 187 12.54 5.87 30.88
C VAL C 187 12.86 6.71 32.12
N PHE C 188 11.92 6.81 33.05
CA PHE C 188 12.17 7.59 34.25
C PHE C 188 13.22 6.95 35.15
N ALA C 189 13.28 5.63 35.15
CA ALA C 189 14.27 4.94 35.96
C ALA C 189 15.67 5.21 35.37
N ALA C 190 15.74 5.27 34.04
CA ALA C 190 17.01 5.52 33.35
C ALA C 190 17.49 6.94 33.65
N ALA C 191 16.55 7.79 34.06
CA ALA C 191 16.86 9.17 34.44
C ALA C 191 17.13 9.29 35.96
N GLY C 192 17.24 8.15 36.64
CA GLY C 192 17.55 8.17 38.07
C GLY C 192 16.39 8.12 39.07
N ALA C 193 15.16 8.09 38.58
CA ALA C 193 14.02 8.05 39.47
C ALA C 193 13.78 6.67 40.04
N SER C 194 13.17 6.61 41.22
CA SER C 194 12.78 5.36 41.87
C SER C 194 11.30 5.27 41.51
N THR C 195 10.96 4.36 40.61
CA THR C 195 9.57 4.26 40.16
C THR C 195 8.68 3.39 41.01
N VAL C 196 7.41 3.78 41.05
CA VAL C 196 6.42 3.09 41.86
C VAL C 196 5.13 2.88 41.08
N LEU C 197 4.56 1.68 41.18
CA LEU C 197 3.31 1.39 40.52
C LEU C 197 2.17 1.50 41.54
N LEU C 198 1.16 2.31 41.20
CA LEU C 198 0.00 2.49 42.06
C LEU C 198 -1.19 2.96 41.23
N PRO C 199 -2.40 2.53 41.61
CA PRO C 199 -3.53 3.01 40.81
C PRO C 199 -3.75 4.51 41.11
N GLY C 200 -4.31 5.23 40.14
CA GLY C 200 -4.52 6.66 40.30
C GLY C 200 -5.23 7.01 41.60
N GLY C 201 -6.15 6.14 42.02
CA GLY C 201 -6.91 6.36 43.24
C GLY C 201 -6.14 6.23 44.54
N GLU C 202 -4.88 5.82 44.47
CA GLU C 202 -4.07 5.67 45.69
C GLU C 202 -2.90 6.65 45.70
N VAL C 203 -2.83 7.48 44.68
CA VAL C 203 -1.77 8.46 44.54
C VAL C 203 -1.82 9.56 45.61
N TYR C 204 -3.01 10.10 45.86
CA TYR C 204 -3.16 11.19 46.84
C TYR C 204 -2.59 10.83 48.23
N PRO C 205 -3.02 9.70 48.82
CA PRO C 205 -2.48 9.34 50.15
C PRO C 205 -0.98 9.09 50.11
N ALA C 206 -0.51 8.44 49.05
CA ALA C 206 0.92 8.16 48.91
C ALA C 206 1.75 9.44 48.88
N LEU C 207 1.23 10.50 48.26
CA LEU C 207 1.94 11.77 48.21
C LEU C 207 1.88 12.41 49.59
N GLU C 208 0.69 12.33 50.18
CA GLU C 208 0.40 12.91 51.49
C GLU C 208 1.27 12.27 52.58
N ARG C 209 1.44 10.95 52.51
CA ARG C 209 2.21 10.21 53.50
C ARG C 209 3.71 10.11 53.20
N GLY C 210 4.17 10.78 52.15
CA GLY C 210 5.58 10.73 51.84
C GLY C 210 6.05 9.40 51.26
N VAL C 211 5.13 8.58 50.76
CA VAL C 211 5.56 7.33 50.14
C VAL C 211 6.16 7.67 48.77
N ILE C 212 5.63 8.70 48.13
CA ILE C 212 6.15 9.13 46.84
C ILE C 212 6.35 10.65 46.88
N ASP C 213 7.24 11.14 46.02
CA ASP C 213 7.56 12.56 45.92
C ASP C 213 6.77 13.24 44.83
N ALA C 214 6.41 12.46 43.81
CA ALA C 214 5.67 13.03 42.69
C ALA C 214 4.92 11.93 41.95
N ALA C 215 4.00 12.34 41.11
CA ALA C 215 3.22 11.36 40.41
C ALA C 215 2.74 11.79 39.07
N ASP C 216 2.83 10.86 38.13
CA ASP C 216 2.26 11.09 36.84
C ASP C 216 0.96 10.29 36.94
N PHE C 217 -0.16 10.81 36.47
CA PHE C 217 -1.38 10.01 36.39
C PHE C 217 -2.02 10.37 35.06
N VAL C 218 -3.05 11.21 35.04
CA VAL C 218 -3.62 11.59 33.74
C VAL C 218 -3.51 13.10 33.51
N GLY C 219 -4.48 13.69 32.82
CA GLY C 219 -4.47 15.11 32.53
C GLY C 219 -4.93 15.99 33.68
N PRO C 220 -5.02 17.32 33.48
CA PRO C 220 -5.42 18.25 34.54
C PRO C 220 -6.80 18.08 35.20
N ALA C 221 -7.85 17.92 34.42
CA ALA C 221 -9.18 17.80 35.01
C ALA C 221 -9.36 16.62 35.96
N VAL C 222 -9.04 15.41 35.51
CA VAL C 222 -9.22 14.26 36.41
C VAL C 222 -8.26 14.28 37.59
N ASN C 223 -7.03 14.74 37.38
CA ASN C 223 -6.09 14.82 38.48
C ASN C 223 -6.66 15.81 39.52
N TYR C 224 -7.38 16.83 39.06
CA TYR C 224 -7.98 17.81 39.98
C TYR C 224 -9.12 17.10 40.72
N ASN C 225 -9.94 16.35 39.98
CA ASN C 225 -11.04 15.60 40.59
C ASN C 225 -10.49 14.74 41.75
N LEU C 226 -9.31 14.15 41.55
CA LEU C 226 -8.71 13.30 42.58
C LEU C 226 -8.03 14.08 43.69
N GLY C 227 -7.98 15.40 43.52
CA GLY C 227 -7.42 16.30 44.51
C GLY C 227 -5.92 16.46 44.62
N PHE C 228 -5.18 16.13 43.57
CA PHE C 228 -3.72 16.22 43.63
C PHE C 228 -3.20 17.61 44.01
N HIS C 229 -3.92 18.64 43.61
CA HIS C 229 -3.54 20.03 43.90
C HIS C 229 -3.54 20.34 45.41
N GLN C 230 -4.16 19.47 46.20
CA GLN C 230 -4.24 19.69 47.64
C GLN C 230 -3.00 19.20 48.38
N VAL C 231 -2.30 18.23 47.80
CA VAL C 231 -1.12 17.66 48.42
C VAL C 231 0.19 17.85 47.65
N ALA C 232 0.13 18.55 46.51
CA ALA C 232 1.33 18.80 45.69
C ALA C 232 1.19 20.17 45.06
N LYS C 233 2.15 21.03 45.36
CA LYS C 233 2.15 22.42 44.88
C LYS C 233 2.67 22.64 43.47
N TYR C 234 3.30 21.63 42.88
CA TYR C 234 3.83 21.79 41.55
C TYR C 234 3.32 20.82 40.51
N ILE C 235 3.25 21.30 39.28
CA ILE C 235 2.88 20.49 38.13
C ILE C 235 4.13 20.59 37.27
N ILE C 236 4.59 19.45 36.78
CA ILE C 236 5.78 19.43 35.94
C ILE C 236 5.36 19.04 34.53
N MET C 237 5.68 19.88 33.55
CA MET C 237 5.33 19.62 32.16
C MET C 237 6.53 19.87 31.27
N GLY C 238 6.43 19.44 30.02
CA GLY C 238 7.53 19.67 29.11
C GLY C 238 7.42 21.08 28.54
N PRO C 239 8.35 21.48 27.67
CA PRO C 239 8.30 22.82 27.07
C PRO C 239 7.07 22.92 26.16
N PRO C 240 6.67 24.15 25.81
CA PRO C 240 5.50 24.33 24.94
C PRO C 240 5.64 23.51 23.66
N GLU C 241 6.88 23.32 23.24
CA GLU C 241 7.18 22.54 22.03
C GLU C 241 6.84 21.06 22.22
N THR C 242 6.99 20.55 23.44
CA THR C 242 6.73 19.15 23.77
C THR C 242 6.12 19.14 25.16
N PRO C 243 4.82 19.49 25.27
CA PRO C 243 4.12 19.54 26.57
C PRO C 243 4.14 18.24 27.37
N ALA C 244 4.06 17.11 26.66
CA ALA C 244 4.04 15.82 27.32
C ALA C 244 5.18 15.01 26.77
N ILE C 245 6.18 14.81 27.61
CA ILE C 245 7.38 14.09 27.19
C ILE C 245 7.19 12.59 27.23
N HIS C 246 6.52 12.10 28.27
CA HIS C 246 6.34 10.67 28.45
C HIS C 246 5.05 10.06 27.89
N GLN C 247 3.92 10.71 28.10
CA GLN C 247 2.65 10.15 27.64
C GLN C 247 1.75 11.20 26.97
N PRO C 248 2.04 11.53 25.71
CA PRO C 248 1.26 12.52 24.96
C PRO C 248 -0.11 12.01 24.51
N VAL C 249 -0.26 10.69 24.33
CA VAL C 249 -1.53 10.11 23.89
C VAL C 249 -1.78 8.87 24.77
N ASP C 250 -2.34 9.10 25.95
CA ASP C 250 -2.58 8.04 26.92
C ASP C 250 -3.91 7.33 26.63
N LEU C 251 -3.85 6.36 25.73
CA LEU C 251 -5.05 5.63 25.31
C LEU C 251 -5.66 4.61 26.26
N MET C 252 -6.98 4.56 26.22
CA MET C 252 -7.74 3.56 26.98
C MET C 252 -8.22 2.63 25.85
N ASP C 253 -9.05 1.64 26.19
CA ASP C 253 -9.60 0.77 25.17
C ASP C 253 -10.80 0.05 25.78
N PHE C 254 -11.45 -0.78 24.98
CA PHE C 254 -12.49 -1.66 25.48
C PHE C 254 -11.99 -3.03 25.09
N THR C 255 -11.92 -3.93 26.05
CA THR C 255 -11.46 -5.30 25.80
C THR C 255 -12.54 -6.18 26.43
N ILE C 256 -13.04 -7.15 25.67
CA ILE C 256 -14.14 -7.99 26.16
C ILE C 256 -13.70 -9.45 26.26
N ASN C 257 -14.24 -10.18 27.22
CA ASN C 257 -13.93 -11.61 27.34
C ASN C 257 -14.23 -12.23 25.96
N LEU C 258 -13.30 -12.99 25.40
CA LEU C 258 -13.48 -13.55 24.06
C LEU C 258 -14.68 -14.48 23.88
N ASN C 259 -14.97 -15.31 24.87
CA ASN C 259 -16.13 -16.20 24.75
C ASN C 259 -17.43 -15.40 24.80
N ARG C 260 -17.45 -14.35 25.63
CA ARG C 260 -18.63 -13.50 25.74
C ARG C 260 -18.82 -12.77 24.41
N TRP C 261 -17.71 -12.32 23.83
CA TRP C 261 -17.77 -11.63 22.54
C TRP C 261 -18.32 -12.55 21.46
N ARG C 262 -17.80 -13.77 21.40
CA ARG C 262 -18.21 -14.74 20.40
C ARG C 262 -19.68 -15.15 20.49
N SER C 263 -20.27 -15.00 21.67
CA SER C 263 -21.67 -15.36 21.88
C SER C 263 -22.61 -14.26 21.38
N LEU C 264 -22.06 -13.07 21.13
CA LEU C 264 -22.86 -11.94 20.66
C LEU C 264 -23.04 -12.04 19.15
N PRO C 265 -24.30 -11.91 18.67
CA PRO C 265 -24.59 -11.97 17.23
C PRO C 265 -23.67 -11.01 16.48
N LYS C 266 -23.23 -11.38 15.29
CA LYS C 266 -22.33 -10.51 14.53
C LYS C 266 -22.85 -9.09 14.32
N PRO C 267 -24.17 -8.94 14.07
CA PRO C 267 -24.68 -7.58 13.86
C PRO C 267 -24.45 -6.71 15.09
N LEU C 268 -24.54 -7.32 16.26
CA LEU C 268 -24.34 -6.58 17.49
C LEU C 268 -22.85 -6.36 17.75
N GLN C 269 -22.01 -7.31 17.35
CA GLN C 269 -20.58 -7.13 17.51
C GLN C 269 -20.17 -5.88 16.71
N GLU C 270 -20.65 -5.80 15.48
CA GLU C 270 -20.29 -4.68 14.63
C GLU C 270 -20.79 -3.38 15.22
N ARG C 271 -21.98 -3.42 15.78
CA ARG C 271 -22.55 -2.21 16.36
C ARG C 271 -21.73 -1.73 17.55
N PHE C 272 -21.22 -2.67 18.35
CA PHE C 272 -20.42 -2.31 19.53
C PHE C 272 -19.08 -1.72 19.08
N ILE C 273 -18.50 -2.27 18.02
CA ILE C 273 -17.24 -1.74 17.51
C ILE C 273 -17.47 -0.28 17.10
N ALA C 274 -18.58 -0.03 16.41
CA ALA C 274 -18.86 1.35 15.99
C ALA C 274 -19.14 2.24 17.20
N ALA C 275 -19.85 1.70 18.19
CA ALA C 275 -20.17 2.48 19.40
C ALA C 275 -18.88 2.88 20.13
N VAL C 276 -17.95 1.94 20.24
CA VAL C 276 -16.69 2.27 20.90
C VAL C 276 -15.88 3.30 20.11
N HIS C 277 -15.92 3.24 18.77
CA HIS C 277 -15.16 4.19 17.99
C HIS C 277 -15.76 5.61 18.13
N GLU C 278 -17.09 5.69 18.15
CA GLU C 278 -17.75 6.99 18.33
C GLU C 278 -17.40 7.50 19.73
N TYR C 279 -17.49 6.63 20.72
CA TYR C 279 -17.20 6.99 22.10
C TYR C 279 -15.77 7.48 22.31
N SER C 280 -14.83 6.86 21.58
CA SER C 280 -13.44 7.25 21.67
C SER C 280 -13.31 8.77 21.61
N TRP C 281 -13.96 9.37 20.60
CA TRP C 281 -13.85 10.80 20.43
C TRP C 281 -14.82 11.61 21.29
N ILE C 282 -15.96 11.02 21.63
CA ILE C 282 -16.89 11.74 22.50
C ILE C 282 -16.20 11.85 23.86
N HIS C 283 -15.48 10.79 24.23
CA HIS C 283 -14.74 10.73 25.50
C HIS C 283 -13.60 11.76 25.44
N TYR C 284 -12.83 11.72 24.35
CA TYR C 284 -11.73 12.66 24.17
C TYR C 284 -12.23 14.12 24.32
N ALA C 285 -13.26 14.47 23.56
CA ALA C 285 -13.82 15.84 23.56
C ALA C 285 -14.22 16.25 24.98
N GLY C 286 -14.91 15.36 25.69
CA GLY C 286 -15.33 15.62 27.05
C GLY C 286 -14.19 15.86 28.00
N ILE C 287 -13.13 15.08 27.85
CA ILE C 287 -11.97 15.28 28.72
C ILE C 287 -11.31 16.62 28.39
N GLN C 288 -11.18 16.94 27.11
CA GLN C 288 -10.53 18.19 26.74
C GLN C 288 -11.31 19.42 27.23
N LYS C 289 -12.63 19.34 27.21
CA LYS C 289 -13.45 20.44 27.68
C LYS C 289 -13.17 20.65 29.17
N ALA C 290 -13.19 19.55 29.93
CA ALA C 290 -12.94 19.63 31.36
C ALA C 290 -11.53 20.14 31.64
N ASN C 291 -10.56 19.77 30.80
CA ASN C 291 -9.20 20.25 31.01
C ASN C 291 -9.14 21.78 30.92
N LEU C 292 -9.81 22.36 29.92
CA LEU C 292 -9.82 23.81 29.78
C LEU C 292 -10.31 24.47 31.08
N GLU C 293 -11.34 23.88 31.67
CA GLU C 293 -11.91 24.42 32.89
C GLU C 293 -11.03 24.18 34.12
N ALA C 294 -10.16 23.18 34.05
CA ALA C 294 -9.27 22.85 35.17
C ALA C 294 -8.09 23.78 35.41
N TRP C 295 -7.42 24.25 34.35
CA TRP C 295 -6.26 25.11 34.56
C TRP C 295 -6.52 26.29 35.48
N PRO C 296 -7.63 27.03 35.28
CA PRO C 296 -7.94 28.18 36.15
C PRO C 296 -8.04 27.77 37.61
N LYS C 297 -8.55 26.55 37.85
CA LYS C 297 -8.69 26.02 39.21
C LYS C 297 -7.33 25.77 39.85
N TYR C 298 -6.37 25.32 39.05
CA TYR C 298 -5.03 25.07 39.58
C TYR C 298 -4.40 26.39 40.03
N ARG C 299 -4.63 27.44 39.24
CA ARG C 299 -4.09 28.76 39.56
C ARG C 299 -4.66 29.20 40.91
N GLN C 300 -5.98 29.07 41.06
CA GLN C 300 -6.65 29.46 42.29
C GLN C 300 -6.25 28.59 43.48
N ALA C 301 -5.76 27.38 43.19
CA ALA C 301 -5.33 26.49 44.27
C ALA C 301 -3.89 26.83 44.63
N GLY C 302 -3.30 27.75 43.87
CA GLY C 302 -1.92 28.13 44.13
C GLY C 302 -0.88 27.16 43.62
N VAL C 303 -1.24 26.34 42.64
CA VAL C 303 -0.26 25.39 42.11
C VAL C 303 0.59 26.07 41.03
N GLU C 304 1.89 25.78 41.05
CA GLU C 304 2.80 26.34 40.06
C GLU C 304 3.08 25.33 38.96
N VAL C 305 2.94 25.75 37.71
CA VAL C 305 3.23 24.89 36.58
C VAL C 305 4.68 25.14 36.18
N ILE C 306 5.50 24.09 36.25
CA ILE C 306 6.91 24.21 35.87
C ILE C 306 7.06 23.61 34.50
N ARG C 307 7.80 24.29 33.64
CA ARG C 307 8.04 23.81 32.28
C ARG C 307 9.50 23.42 32.10
N LEU C 308 9.74 22.19 31.66
CA LEU C 308 11.11 21.75 31.42
C LEU C 308 11.58 22.41 30.12
N SER C 309 12.88 22.33 29.83
CA SER C 309 13.41 22.94 28.63
C SER C 309 13.48 22.00 27.42
N ASN C 310 13.75 22.56 26.25
CA ASN C 310 13.88 21.75 25.04
C ASN C 310 15.13 20.86 25.23
N GLU C 311 16.10 21.39 25.95
CA GLU C 311 17.31 20.62 26.20
C GLU C 311 16.98 19.42 27.09
N ASP C 312 16.07 19.61 28.05
CA ASP C 312 15.68 18.49 28.91
C ASP C 312 15.04 17.37 28.09
N VAL C 313 14.25 17.77 27.11
CA VAL C 313 13.57 16.84 26.21
C VAL C 313 14.62 16.05 25.47
N ARG C 314 15.65 16.74 24.97
CA ARG C 314 16.72 16.06 24.24
C ARG C 314 17.40 15.03 25.10
N LYS C 315 17.57 15.32 26.39
CA LYS C 315 18.22 14.38 27.30
C LYS C 315 17.35 13.15 27.48
N PHE C 316 16.04 13.34 27.61
CA PHE C 316 15.13 12.20 27.74
C PHE C 316 15.12 11.39 26.45
N ARG C 317 15.21 12.08 25.31
CA ARG C 317 15.18 11.40 24.02
C ARG C 317 16.32 10.41 23.85
N ARG C 318 17.50 10.77 24.33
CA ARG C 318 18.68 9.91 24.23
C ARG C 318 18.44 8.63 25.02
N LEU C 319 17.68 8.74 26.11
CA LEU C 319 17.38 7.56 26.93
C LEU C 319 16.22 6.78 26.35
N ALA C 320 15.20 7.51 25.90
CA ALA C 320 13.99 6.89 25.35
C ALA C 320 14.16 5.98 24.14
N ILE C 321 14.85 6.46 23.11
CA ILE C 321 14.97 5.63 21.90
C ILE C 321 15.56 4.24 22.11
N PRO C 322 16.64 4.12 22.88
CA PRO C 322 17.16 2.75 23.05
C PRO C 322 16.16 1.88 23.79
N ILE C 323 15.36 2.50 24.65
CA ILE C 323 14.37 1.75 25.42
C ILE C 323 13.27 1.29 24.47
N TRP C 324 12.92 2.13 23.49
CA TRP C 324 11.91 1.72 22.51
C TRP C 324 12.34 0.39 21.91
N PHE C 325 13.59 0.35 21.46
CA PHE C 325 14.14 -0.84 20.81
C PHE C 325 14.22 -2.05 21.70
N LYS C 326 14.58 -1.83 22.96
CA LYS C 326 14.69 -2.93 23.92
C LYS C 326 13.33 -3.57 24.07
N TRP C 327 12.28 -2.75 24.21
CA TRP C 327 10.93 -3.27 24.33
C TRP C 327 10.40 -3.86 23.03
N ALA C 328 10.72 -3.23 21.89
CA ALA C 328 10.21 -3.72 20.62
C ALA C 328 10.59 -5.16 20.28
N LYS C 329 11.84 -5.52 20.54
CA LYS C 329 12.29 -6.86 20.21
C LYS C 329 11.72 -7.99 21.05
N MET C 330 11.00 -7.68 22.13
CA MET C 330 10.48 -8.72 23.03
C MET C 330 9.74 -9.91 22.43
N ASP C 331 8.76 -9.67 21.56
CA ASP C 331 8.06 -10.79 20.92
C ASP C 331 7.58 -10.38 19.54
N LYS C 332 6.93 -11.29 18.84
CA LYS C 332 6.53 -10.98 17.48
C LYS C 332 5.52 -9.83 17.36
N TYR C 333 4.71 -9.62 18.40
CA TYR C 333 3.71 -8.56 18.36
C TYR C 333 4.33 -7.19 18.60
N SER C 334 5.19 -7.11 19.62
CA SER C 334 5.87 -5.84 19.89
C SER C 334 6.74 -5.50 18.67
N ARG C 335 7.40 -6.51 18.09
CA ARG C 335 8.24 -6.24 16.94
C ARG C 335 7.44 -5.66 15.77
N GLU C 336 6.26 -6.24 15.51
CA GLU C 336 5.41 -5.81 14.42
C GLU C 336 4.84 -4.40 14.64
N ALA C 337 4.40 -4.13 15.86
CA ALA C 337 3.80 -2.82 16.19
C ALA C 337 4.88 -1.73 16.10
N PHE C 338 6.04 -1.96 16.70
CA PHE C 338 7.08 -0.95 16.62
C PHE C 338 7.56 -0.77 15.17
N ALA C 339 7.65 -1.85 14.42
CA ALA C 339 8.13 -1.72 13.04
C ALA C 339 7.29 -0.73 12.24
N SER C 340 5.97 -0.85 12.32
CA SER C 340 5.13 0.07 11.53
C SER C 340 5.07 1.47 12.15
N GLN C 341 5.19 1.58 13.48
CA GLN C 341 5.20 2.89 14.10
C GLN C 341 6.48 3.63 13.71
N LEU C 342 7.59 2.88 13.66
CA LEU C 342 8.87 3.45 13.29
C LEU C 342 8.84 3.90 11.83
N GLU C 343 8.26 3.08 10.95
CA GLU C 343 8.17 3.47 9.55
C GLU C 343 7.36 4.76 9.40
N TYR C 344 6.27 4.85 10.17
CA TYR C 344 5.39 6.02 10.15
C TYR C 344 6.18 7.22 10.66
N MET C 345 6.88 7.04 11.78
CA MET C 345 7.65 8.15 12.36
C MET C 345 8.70 8.67 11.37
N LYS C 346 9.31 7.77 10.62
CA LYS C 346 10.32 8.22 9.65
C LYS C 346 9.61 9.01 8.56
N GLY C 347 8.43 8.54 8.17
CA GLY C 347 7.66 9.20 7.14
C GLY C 347 7.29 10.63 7.50
N ILE C 348 6.99 10.91 8.78
CA ILE C 348 6.63 12.27 9.15
C ILE C 348 7.74 13.07 9.84
N GLY C 349 8.96 12.58 9.76
CA GLY C 349 10.09 13.26 10.35
C GLY C 349 10.26 13.24 11.87
N TYR C 350 9.64 12.29 12.56
CA TYR C 350 9.77 12.21 14.01
C TYR C 350 11.06 11.53 14.45
N VAL C 351 11.66 10.77 13.54
CA VAL C 351 12.92 10.09 13.83
C VAL C 351 13.71 10.09 12.53
N THR C 352 15.03 10.22 12.63
CA THR C 352 15.86 10.19 11.43
C THR C 352 16.83 9.02 11.51
N ASP C 353 17.13 8.43 10.35
CA ASP C 353 18.07 7.31 10.31
C ASP C 353 19.41 7.80 10.83
N GLU C 354 19.68 9.08 10.58
CA GLU C 354 20.93 9.69 11.00
C GLU C 354 20.94 9.66 12.53
N GLU C 355 19.78 9.89 13.10
CA GLU C 355 19.61 9.90 14.54
C GLU C 355 19.82 8.50 15.12
N LEU C 356 19.23 7.52 14.48
CA LEU C 356 19.34 6.13 14.91
C LEU C 356 20.81 5.67 14.85
N LYS C 357 21.53 6.10 13.83
CA LYS C 357 22.94 5.75 13.70
C LYS C 357 23.79 6.71 14.53
N ARG D 33 -24.37 -12.12 -25.03
CA ARG D 33 -24.99 -10.80 -24.91
C ARG D 33 -24.08 -9.71 -25.48
N TYR D 34 -22.77 -9.87 -25.32
CA TYR D 34 -21.83 -8.89 -25.86
C TYR D 34 -20.86 -9.55 -26.84
N ARG D 35 -20.78 -9.00 -28.05
CA ARG D 35 -19.89 -9.54 -29.06
C ARG D 35 -18.94 -8.47 -29.56
N TRP D 36 -17.65 -8.78 -29.54
CA TRP D 36 -16.61 -7.85 -29.96
C TRP D 36 -15.76 -8.41 -31.09
N ARG D 37 -15.46 -7.58 -32.07
CA ARG D 37 -14.59 -7.99 -33.17
C ARG D 37 -13.21 -7.45 -32.82
N ILE D 38 -12.23 -8.33 -32.68
CA ILE D 38 -10.88 -7.89 -32.35
C ILE D 38 -9.88 -8.47 -33.35
N GLN D 39 -9.06 -7.61 -33.93
CA GLN D 39 -8.06 -8.04 -34.89
C GLN D 39 -6.68 -8.00 -34.24
N THR D 40 -5.89 -9.04 -34.47
CA THR D 40 -4.54 -9.11 -33.92
C THR D 40 -3.49 -8.76 -34.95
N ALA D 41 -2.30 -8.41 -34.47
CA ALA D 41 -1.19 -8.12 -35.37
C ALA D 41 -0.59 -9.43 -35.90
N TRP D 42 -0.99 -10.57 -35.32
CA TRP D 42 -0.49 -11.88 -35.77
C TRP D 42 -1.16 -12.35 -37.08
N ASP D 43 -0.37 -12.83 -38.05
CA ASP D 43 -0.92 -13.30 -39.32
C ASP D 43 -1.48 -14.71 -39.16
N ALA D 44 -2.50 -15.09 -39.93
CA ALA D 44 -3.07 -16.43 -39.80
C ALA D 44 -2.00 -17.46 -40.17
N GLY D 45 -1.98 -18.57 -39.45
CA GLY D 45 -1.00 -19.59 -39.75
C GLY D 45 0.20 -19.49 -38.82
N THR D 46 0.32 -18.38 -38.10
CA THR D 46 1.46 -18.24 -37.19
C THR D 46 1.09 -18.80 -35.81
N VAL D 47 2.12 -19.13 -35.04
CA VAL D 47 1.88 -19.66 -33.70
C VAL D 47 1.10 -18.63 -32.91
N GLY D 48 1.45 -17.37 -33.08
CA GLY D 48 0.76 -16.31 -32.37
C GLY D 48 -0.73 -16.28 -32.63
N TYR D 49 -1.13 -16.40 -33.89
CA TYR D 49 -2.56 -16.37 -34.18
C TYR D 49 -3.29 -17.57 -33.58
N SER D 50 -2.67 -18.75 -33.56
CA SER D 50 -3.34 -19.88 -32.95
C SER D 50 -3.60 -19.61 -31.47
N LEU D 51 -2.63 -18.98 -30.81
CA LEU D 51 -2.77 -18.66 -29.38
C LEU D 51 -3.90 -17.66 -29.16
N PHE D 52 -3.97 -16.66 -30.03
CA PHE D 52 -4.99 -15.63 -29.96
C PHE D 52 -6.39 -16.22 -30.18
N GLN D 53 -6.50 -17.11 -31.15
CA GLN D 53 -7.79 -17.76 -31.42
C GLN D 53 -8.23 -18.51 -30.17
N LYS D 54 -7.29 -19.22 -29.54
CA LYS D 54 -7.62 -19.96 -28.33
C LYS D 54 -8.07 -19.05 -27.20
N PHE D 55 -7.49 -17.85 -27.14
CA PHE D 55 -7.85 -16.88 -26.12
C PHE D 55 -9.33 -16.52 -26.21
N THR D 56 -9.85 -16.38 -27.43
CA THR D 56 -11.25 -16.03 -27.56
C THR D 56 -12.17 -17.10 -26.96
N GLU D 57 -11.73 -18.36 -27.00
CA GLU D 57 -12.53 -19.44 -26.42
C GLU D 57 -12.46 -19.35 -24.90
N ARG D 58 -11.28 -18.98 -24.38
CA ARG D 58 -11.08 -18.86 -22.94
C ARG D 58 -11.97 -17.73 -22.40
N VAL D 59 -12.04 -16.62 -23.13
CA VAL D 59 -12.87 -15.50 -22.72
C VAL D 59 -14.34 -15.92 -22.60
N LYS D 60 -14.82 -16.66 -23.61
CA LYS D 60 -16.21 -17.12 -23.59
C LYS D 60 -16.44 -17.97 -22.33
N GLU D 61 -15.48 -18.84 -22.03
CA GLU D 61 -15.57 -19.71 -20.85
C GLU D 61 -15.58 -18.90 -19.54
N LEU D 62 -14.69 -17.91 -19.45
CA LEU D 62 -14.61 -17.09 -18.24
C LEU D 62 -15.80 -16.17 -18.00
N THR D 63 -16.58 -15.90 -19.04
CA THR D 63 -17.72 -15.00 -18.87
C THR D 63 -19.03 -15.75 -19.09
N ASP D 64 -18.97 -17.08 -19.03
CA ASP D 64 -20.14 -17.92 -19.25
C ASP D 64 -20.87 -17.58 -20.55
N GLY D 65 -20.11 -17.20 -21.57
CA GLY D 65 -20.68 -16.87 -22.86
C GLY D 65 -21.23 -15.46 -23.02
N GLN D 66 -21.18 -14.67 -21.95
CA GLN D 66 -21.70 -13.31 -22.03
C GLN D 66 -20.85 -12.37 -22.86
N LEU D 67 -19.55 -12.65 -22.93
CA LEU D 67 -18.68 -11.81 -23.73
C LEU D 67 -17.96 -12.68 -24.74
N GLU D 68 -18.27 -12.46 -26.01
CA GLU D 68 -17.65 -13.25 -27.05
C GLU D 68 -16.85 -12.35 -27.99
N VAL D 69 -15.58 -12.70 -28.16
CA VAL D 69 -14.71 -11.95 -29.02
C VAL D 69 -14.53 -12.73 -30.31
N GLN D 70 -14.73 -12.05 -31.44
CA GLN D 70 -14.55 -12.69 -32.74
C GLN D 70 -13.14 -12.32 -33.18
N PRO D 71 -12.26 -13.32 -33.30
CA PRO D 71 -10.89 -13.05 -33.71
C PRO D 71 -10.70 -12.87 -35.21
N PHE D 72 -9.85 -11.91 -35.58
CA PHE D 72 -9.52 -11.63 -36.98
C PHE D 72 -8.00 -11.57 -37.10
N PRO D 73 -7.43 -12.33 -38.05
CA PRO D 73 -5.98 -12.30 -38.22
C PRO D 73 -5.56 -10.97 -38.83
N ALA D 74 -4.27 -10.68 -38.83
CA ALA D 74 -3.76 -9.45 -39.38
C ALA D 74 -4.23 -9.24 -40.83
N GLY D 75 -4.70 -8.03 -41.11
CA GLY D 75 -5.16 -7.67 -42.45
C GLY D 75 -6.56 -8.09 -42.84
N ALA D 76 -7.23 -8.89 -42.02
CA ALA D 76 -8.57 -9.38 -42.35
C ALA D 76 -9.65 -8.31 -42.39
N VAL D 77 -9.65 -7.41 -41.41
CA VAL D 77 -10.65 -6.34 -41.38
C VAL D 77 -10.03 -5.08 -41.94
N VAL D 78 -8.84 -4.74 -41.46
CA VAL D 78 -8.11 -3.57 -41.93
C VAL D 78 -6.61 -3.89 -41.89
N GLY D 79 -5.81 -2.99 -42.46
CA GLY D 79 -4.37 -3.20 -42.45
C GLY D 79 -3.86 -3.08 -41.03
N THR D 80 -2.79 -3.82 -40.71
CA THR D 80 -2.21 -3.79 -39.37
C THR D 80 -2.00 -2.40 -38.81
N PHE D 81 -1.33 -1.53 -39.56
CA PHE D 81 -1.10 -0.19 -39.06
C PHE D 81 -2.35 0.68 -39.01
N ASP D 82 -3.44 0.19 -39.58
CA ASP D 82 -4.69 0.94 -39.56
C ASP D 82 -5.61 0.50 -38.43
N MET D 83 -5.15 -0.40 -37.57
CA MET D 83 -6.02 -0.87 -36.49
C MET D 83 -6.35 0.23 -35.48
N PHE D 84 -5.37 1.06 -35.17
CA PHE D 84 -5.54 2.15 -34.22
C PHE D 84 -6.78 2.95 -34.58
N ASP D 85 -6.82 3.46 -35.80
CA ASP D 85 -7.97 4.24 -36.22
C ASP D 85 -9.24 3.43 -36.33
N ALA D 86 -9.13 2.17 -36.72
CA ALA D 86 -10.31 1.32 -36.85
C ALA D 86 -11.01 1.14 -35.50
N VAL D 87 -10.22 0.96 -34.44
CA VAL D 87 -10.78 0.78 -33.12
C VAL D 87 -11.29 2.11 -32.56
N LYS D 88 -10.53 3.19 -32.79
CA LYS D 88 -10.94 4.50 -32.28
C LYS D 88 -12.33 4.88 -32.84
N THR D 89 -12.53 4.66 -34.13
CA THR D 89 -13.81 4.98 -34.77
C THR D 89 -14.87 3.90 -34.55
N GLY D 90 -14.44 2.73 -34.10
CA GLY D 90 -15.41 1.67 -33.87
C GLY D 90 -15.58 0.66 -35.00
N VAL D 91 -14.80 0.79 -36.07
CA VAL D 91 -14.87 -0.16 -37.17
C VAL D 91 -14.51 -1.51 -36.55
N LEU D 92 -13.58 -1.47 -35.59
CA LEU D 92 -13.16 -2.64 -34.84
C LEU D 92 -13.49 -2.32 -33.38
N ASP D 93 -13.91 -3.32 -32.62
CA ASP D 93 -14.23 -3.10 -31.21
C ASP D 93 -12.94 -3.07 -30.40
N GLY D 94 -11.92 -3.73 -30.92
CA GLY D 94 -10.64 -3.78 -30.22
C GLY D 94 -9.52 -4.31 -31.09
N MET D 95 -8.31 -4.32 -30.53
CA MET D 95 -7.16 -4.80 -31.27
C MET D 95 -6.12 -5.41 -30.33
N ASN D 96 -5.28 -6.28 -30.89
CA ASN D 96 -4.19 -6.95 -30.19
C ASN D 96 -2.93 -6.66 -31.02
N PRO D 97 -2.39 -5.44 -30.88
CA PRO D 97 -1.20 -5.02 -31.62
C PRO D 97 0.09 -5.13 -30.83
N PHE D 98 1.18 -4.73 -31.48
CA PHE D 98 2.48 -4.64 -30.83
C PHE D 98 2.37 -3.17 -30.51
N THR D 99 2.36 -2.85 -29.23
CA THR D 99 2.13 -1.49 -28.77
C THR D 99 2.96 -0.36 -29.38
N LEU D 100 4.25 -0.59 -29.60
CA LEU D 100 5.08 0.46 -30.16
C LEU D 100 4.75 0.85 -31.61
N TYR D 101 3.77 0.20 -32.21
CA TYR D 101 3.38 0.57 -33.59
C TYR D 101 2.79 1.98 -33.60
N TRP D 102 2.33 2.46 -32.44
CA TRP D 102 1.71 3.78 -32.38
C TRP D 102 2.68 4.87 -31.94
N ALA D 103 3.97 4.56 -31.96
CA ALA D 103 5.00 5.52 -31.53
C ALA D 103 4.98 6.85 -32.26
N GLY D 104 4.59 6.82 -33.53
CA GLY D 104 4.54 8.05 -34.31
C GLY D 104 3.47 9.01 -33.84
N ARG D 105 2.31 8.47 -33.43
CA ARG D 105 1.22 9.32 -32.97
C ARG D 105 1.14 9.50 -31.46
N MET D 106 1.64 8.51 -30.71
CA MET D 106 1.64 8.53 -29.23
C MET D 106 3.06 8.18 -28.80
N PRO D 107 3.90 9.19 -28.53
CA PRO D 107 5.28 8.96 -28.11
C PRO D 107 5.43 8.00 -26.91
N VAL D 108 4.47 8.03 -26.00
CA VAL D 108 4.53 7.17 -24.81
C VAL D 108 4.57 5.69 -25.19
N THR D 109 4.02 5.33 -26.34
CA THR D 109 4.00 3.93 -26.73
C THR D 109 5.39 3.36 -27.04
N ALA D 110 6.37 4.22 -27.29
CA ALA D 110 7.73 3.73 -27.52
C ALA D 110 8.28 3.26 -26.16
N PHE D 111 7.63 3.69 -25.08
CA PHE D 111 8.02 3.31 -23.73
C PHE D 111 7.07 2.28 -23.13
N LEU D 112 6.15 1.75 -23.92
CA LEU D 112 5.22 0.75 -23.41
C LEU D 112 5.55 -0.61 -24.02
N SER D 113 6.79 -0.71 -24.51
CA SER D 113 7.35 -1.92 -25.10
C SER D 113 8.86 -1.67 -25.00
N SER D 114 9.65 -2.74 -25.03
CA SER D 114 11.07 -2.56 -24.87
C SER D 114 11.75 -1.70 -25.94
N TYR D 115 12.84 -1.06 -25.53
CA TYR D 115 13.65 -0.25 -26.42
C TYR D 115 15.10 -0.63 -26.16
N ALA D 116 15.99 -0.31 -27.10
CA ALA D 116 17.40 -0.67 -27.02
C ALA D 116 18.13 -0.46 -25.71
N LEU D 117 18.65 -1.56 -25.17
CA LEU D 117 19.42 -1.57 -23.94
C LEU D 117 18.74 -1.08 -22.67
N GLY D 118 17.41 -1.11 -22.63
CA GLY D 118 16.70 -0.72 -21.41
C GLY D 118 16.34 -1.97 -20.61
N LEU D 119 15.22 -1.95 -19.90
CA LEU D 119 14.78 -3.11 -19.12
C LEU D 119 14.65 -4.23 -20.15
N ASP D 120 15.25 -5.38 -19.86
CA ASP D 120 15.27 -6.46 -20.83
C ASP D 120 14.73 -7.83 -20.42
N ARG D 121 14.00 -7.90 -19.32
CA ARG D 121 13.42 -9.16 -18.89
C ARG D 121 11.91 -9.03 -18.76
N PRO D 122 11.15 -10.09 -19.11
CA PRO D 122 9.70 -9.99 -18.99
C PRO D 122 9.28 -9.58 -17.60
N ASP D 123 9.93 -10.12 -16.57
CA ASP D 123 9.53 -9.81 -15.20
C ASP D 123 9.72 -8.33 -14.83
N GLN D 124 10.71 -7.67 -15.43
CA GLN D 124 10.94 -6.24 -15.15
C GLN D 124 9.80 -5.39 -15.73
N TRP D 125 9.38 -5.69 -16.96
CA TRP D 125 8.26 -4.97 -17.55
C TRP D 125 6.98 -5.26 -16.80
N GLU D 126 6.85 -6.49 -16.30
CA GLU D 126 5.65 -6.84 -15.55
C GLU D 126 5.61 -6.02 -14.28
N THR D 127 6.77 -5.87 -13.62
CA THR D 127 6.85 -5.10 -12.39
C THR D 127 6.57 -3.61 -12.67
N TRP D 128 7.17 -3.10 -13.73
CA TRP D 128 6.98 -1.69 -14.05
C TRP D 128 5.52 -1.40 -14.29
N PHE D 129 4.85 -2.25 -15.06
CA PHE D 129 3.44 -2.03 -15.37
C PHE D 129 2.53 -2.19 -14.16
N TYR D 130 2.70 -3.31 -13.46
CA TYR D 130 1.80 -3.60 -12.36
C TYR D 130 2.04 -3.09 -10.94
N SER D 131 3.24 -2.59 -10.65
CA SER D 131 3.43 -2.07 -9.30
C SER D 131 4.16 -0.74 -9.30
N LEU D 132 4.84 -0.41 -10.40
CA LEU D 132 5.57 0.85 -10.43
C LEU D 132 4.83 2.00 -11.14
N GLY D 133 3.55 1.80 -11.42
CA GLY D 133 2.74 2.84 -12.03
C GLY D 133 2.56 2.87 -13.53
N GLY D 134 3.20 1.94 -14.24
CA GLY D 134 3.08 1.93 -15.69
C GLY D 134 1.70 1.70 -16.28
N LEU D 135 0.90 0.82 -15.69
CA LEU D 135 -0.43 0.55 -16.25
C LEU D 135 -1.30 1.81 -16.24
N ASP D 136 -1.28 2.54 -15.14
CA ASP D 136 -2.07 3.77 -15.01
C ASP D 136 -1.67 4.81 -16.05
N ILE D 137 -0.37 4.94 -16.31
CA ILE D 137 0.11 5.89 -17.30
C ILE D 137 -0.44 5.50 -18.67
N ALA D 138 -0.32 4.22 -18.99
CA ALA D 138 -0.81 3.71 -20.27
C ALA D 138 -2.31 3.96 -20.42
N ARG D 139 -3.08 3.66 -19.37
CA ARG D 139 -4.52 3.85 -19.47
C ARG D 139 -4.93 5.31 -19.65
N ARG D 140 -4.24 6.22 -18.99
CA ARG D 140 -4.58 7.64 -19.09
C ARG D 140 -4.25 8.15 -20.48
N ALA D 141 -3.10 7.75 -21.01
CA ALA D 141 -2.68 8.21 -22.32
C ALA D 141 -3.60 7.69 -23.43
N PHE D 142 -4.08 6.46 -23.27
CA PHE D 142 -4.97 5.88 -24.28
C PHE D 142 -6.40 6.42 -24.15
N ALA D 143 -6.81 6.75 -22.94
CA ALA D 143 -8.16 7.28 -22.73
C ALA D 143 -8.30 8.60 -23.48
N GLU D 144 -7.21 9.35 -23.58
CA GLU D 144 -7.26 10.63 -24.29
C GLU D 144 -7.48 10.39 -25.79
N GLN D 145 -7.21 9.16 -26.23
CA GLN D 145 -7.36 8.78 -27.62
C GLN D 145 -8.70 8.08 -27.88
N GLY D 146 -9.50 7.97 -26.83
CA GLY D 146 -10.79 7.31 -26.95
C GLY D 146 -10.59 5.80 -27.02
N LEU D 147 -9.61 5.30 -26.27
CA LEU D 147 -9.29 3.88 -26.26
C LEU D 147 -9.03 3.39 -24.83
N PHE D 148 -9.41 2.16 -24.54
CA PHE D 148 -9.13 1.62 -23.21
C PHE D 148 -8.01 0.58 -23.32
N TYR D 149 -6.86 0.89 -22.73
CA TYR D 149 -5.70 0.00 -22.74
C TYR D 149 -5.93 -1.00 -21.60
N VAL D 150 -6.27 -2.23 -21.94
CA VAL D 150 -6.54 -3.24 -20.93
C VAL D 150 -5.28 -3.59 -20.15
N GLY D 151 -4.26 -4.00 -20.88
CA GLY D 151 -3.01 -4.36 -20.24
C GLY D 151 -2.04 -4.93 -21.25
N PRO D 152 -0.77 -5.10 -20.88
CA PRO D 152 0.26 -5.63 -21.77
C PRO D 152 0.16 -7.14 -21.92
N VAL D 153 0.65 -7.64 -23.04
CA VAL D 153 0.67 -9.09 -23.31
C VAL D 153 2.12 -9.46 -23.58
N GLN D 154 2.65 -10.33 -22.73
CA GLN D 154 4.05 -10.75 -22.85
C GLN D 154 4.19 -11.54 -24.13
N HIS D 155 5.41 -11.56 -24.65
CA HIS D 155 5.62 -12.19 -25.93
C HIS D 155 6.99 -12.80 -26.15
N ASP D 156 8.00 -11.98 -26.38
CA ASP D 156 9.29 -12.55 -26.74
C ASP D 156 10.30 -11.44 -27.01
N LEU D 157 11.53 -11.86 -27.30
CA LEU D 157 12.56 -10.91 -27.73
C LEU D 157 12.42 -11.03 -29.26
N ASN D 158 13.12 -10.20 -30.02
CA ASN D 158 13.05 -10.26 -31.49
C ASN D 158 14.44 -10.55 -32.01
N ILE D 159 14.51 -11.15 -33.19
CA ILE D 159 15.78 -11.45 -33.84
C ILE D 159 15.77 -10.84 -35.24
N ILE D 160 16.95 -10.76 -35.84
CA ILE D 160 17.10 -10.20 -37.18
C ILE D 160 17.44 -11.28 -38.19
N HIS D 161 16.87 -11.16 -39.39
CA HIS D 161 17.12 -12.09 -40.48
C HIS D 161 17.82 -11.26 -41.55
N SER D 162 18.90 -11.79 -42.10
CA SER D 162 19.65 -11.07 -43.11
C SER D 162 20.14 -11.95 -44.24
N LYS D 163 20.19 -11.38 -45.43
CA LYS D 163 20.66 -12.09 -46.62
C LYS D 163 22.18 -12.15 -46.64
N LYS D 164 22.80 -11.12 -46.08
CA LYS D 164 24.27 -11.08 -46.02
C LYS D 164 24.68 -11.16 -44.55
N PRO D 165 25.90 -11.64 -44.28
CA PRO D 165 26.33 -11.74 -42.88
C PRO D 165 26.61 -10.38 -42.28
N ILE D 166 26.09 -10.15 -41.08
CA ILE D 166 26.32 -8.91 -40.35
C ILE D 166 26.97 -9.45 -39.07
N ARG D 167 28.30 -9.38 -39.02
CA ARG D 167 29.04 -9.94 -37.90
C ARG D 167 29.57 -8.98 -36.86
N ARG D 168 29.45 -7.68 -37.11
CA ARG D 168 29.93 -6.69 -36.16
C ARG D 168 29.16 -5.39 -36.34
N PHE D 169 29.26 -4.52 -35.34
CA PHE D 169 28.56 -3.26 -35.34
C PHE D 169 28.71 -2.49 -36.65
N GLU D 170 29.94 -2.43 -37.13
CA GLU D 170 30.26 -1.72 -38.36
C GLU D 170 29.55 -2.24 -39.61
N ASP D 171 29.10 -3.49 -39.58
CA ASP D 171 28.42 -4.08 -40.74
C ASP D 171 26.99 -3.58 -40.94
N PHE D 172 26.45 -2.85 -39.98
CA PHE D 172 25.09 -2.31 -40.11
C PHE D 172 25.05 -1.12 -41.07
N LYS D 173 26.19 -0.47 -41.26
CA LYS D 173 26.24 0.69 -42.15
C LYS D 173 25.83 0.30 -43.58
N GLY D 174 24.87 1.03 -44.12
CA GLY D 174 24.39 0.77 -45.47
C GLY D 174 23.33 -0.31 -45.60
N VAL D 175 23.01 -0.99 -44.50
CA VAL D 175 22.00 -2.03 -44.58
C VAL D 175 20.61 -1.46 -44.65
N LYS D 176 19.82 -1.95 -45.60
CA LYS D 176 18.42 -1.53 -45.77
C LYS D 176 17.73 -2.47 -44.80
N LEU D 177 17.27 -1.94 -43.69
CA LEU D 177 16.67 -2.78 -42.66
C LEU D 177 15.23 -2.50 -42.28
N ARG D 178 14.39 -3.54 -42.31
CA ARG D 178 13.01 -3.38 -41.91
C ARG D 178 12.94 -3.44 -40.37
N VAL D 179 12.34 -2.42 -39.77
CA VAL D 179 12.15 -2.33 -38.33
C VAL D 179 10.79 -1.71 -38.05
N PRO D 180 10.27 -1.83 -36.82
CA PRO D 180 8.97 -1.27 -36.45
C PRO D 180 8.94 0.23 -36.14
N GLY D 181 9.77 1.01 -36.83
CA GLY D 181 9.81 2.44 -36.63
C GLY D 181 10.10 2.92 -35.22
N GLY D 182 9.66 4.13 -34.91
CA GLY D 182 9.86 4.69 -33.58
C GLY D 182 11.30 4.75 -33.10
N MET D 183 11.48 4.51 -31.81
CA MET D 183 12.80 4.52 -31.19
C MET D 183 13.71 3.41 -31.72
N ILE D 184 13.11 2.26 -32.05
CA ILE D 184 13.87 1.12 -32.55
C ILE D 184 14.55 1.47 -33.88
N ALA D 185 13.79 2.13 -34.74
CA ALA D 185 14.32 2.52 -36.04
C ALA D 185 15.42 3.56 -35.90
N GLU D 186 15.24 4.52 -34.99
CA GLU D 186 16.22 5.57 -34.82
C GLU D 186 17.58 5.06 -34.36
N VAL D 187 17.57 4.06 -33.47
CA VAL D 187 18.83 3.51 -32.99
C VAL D 187 19.57 2.85 -34.15
N PHE D 188 18.83 2.12 -34.98
CA PHE D 188 19.46 1.48 -36.12
C PHE D 188 19.91 2.52 -37.15
N ALA D 189 19.17 3.61 -37.27
CA ALA D 189 19.55 4.68 -38.21
C ALA D 189 20.85 5.28 -37.68
N ALA D 190 20.93 5.43 -36.36
CA ALA D 190 22.12 5.98 -35.74
C ALA D 190 23.34 5.10 -35.99
N ALA D 191 23.10 3.81 -36.27
CA ALA D 191 24.20 2.89 -36.55
C ALA D 191 24.53 2.80 -38.03
N GLY D 192 23.89 3.64 -38.85
CA GLY D 192 24.19 3.63 -40.28
C GLY D 192 23.30 2.83 -41.20
N ALA D 193 22.24 2.24 -40.68
CA ALA D 193 21.33 1.46 -41.52
C ALA D 193 20.27 2.36 -42.13
N SER D 194 19.68 1.90 -43.23
CA SER D 194 18.59 2.63 -43.87
C SER D 194 17.37 1.83 -43.45
N THR D 195 16.59 2.38 -42.53
CA THR D 195 15.42 1.71 -42.01
C THR D 195 14.15 1.87 -42.84
N VAL D 196 13.33 0.82 -42.88
CA VAL D 196 12.07 0.85 -43.62
C VAL D 196 10.97 0.22 -42.75
N LEU D 197 9.75 0.72 -42.88
CA LEU D 197 8.63 0.18 -42.11
C LEU D 197 7.72 -0.64 -43.01
N LEU D 198 7.49 -1.88 -42.60
CA LEU D 198 6.64 -2.82 -43.33
C LEU D 198 6.00 -3.77 -42.33
N PRO D 199 4.72 -4.12 -42.55
CA PRO D 199 4.09 -5.05 -41.60
C PRO D 199 4.74 -6.42 -41.86
N GLY D 200 4.84 -7.23 -40.81
CA GLY D 200 5.47 -8.54 -40.93
C GLY D 200 5.10 -9.36 -42.15
N GLY D 201 3.87 -9.21 -42.63
CA GLY D 201 3.42 -9.96 -43.78
C GLY D 201 4.01 -9.54 -45.12
N GLU D 202 4.72 -8.42 -45.12
CA GLU D 202 5.33 -7.91 -46.36
C GLU D 202 6.84 -8.10 -46.40
N VAL D 203 7.40 -8.59 -45.30
CA VAL D 203 8.84 -8.79 -45.21
C VAL D 203 9.42 -9.82 -46.18
N TYR D 204 8.77 -10.98 -46.33
CA TYR D 204 9.28 -12.03 -47.22
C TYR D 204 9.54 -11.56 -48.67
N PRO D 205 8.51 -10.97 -49.31
CA PRO D 205 8.71 -10.51 -50.69
C PRO D 205 9.73 -9.38 -50.78
N ALA D 206 9.75 -8.51 -49.77
CA ALA D 206 10.70 -7.41 -49.77
C ALA D 206 12.13 -7.93 -49.71
N LEU D 207 12.33 -9.03 -49.00
CA LEU D 207 13.66 -9.63 -48.90
C LEU D 207 14.01 -10.34 -50.18
N GLU D 208 13.05 -11.10 -50.71
CA GLU D 208 13.28 -11.84 -51.92
C GLU D 208 13.51 -10.96 -53.15
N ARG D 209 12.93 -9.77 -53.15
CA ARG D 209 13.09 -8.87 -54.29
C ARG D 209 14.20 -7.84 -54.14
N GLY D 210 14.96 -7.93 -53.05
CA GLY D 210 16.06 -7.00 -52.84
C GLY D 210 15.69 -5.64 -52.31
N VAL D 211 14.42 -5.46 -51.94
CA VAL D 211 13.95 -4.18 -51.41
C VAL D 211 14.65 -3.91 -50.08
N ILE D 212 14.86 -4.96 -49.30
CA ILE D 212 15.57 -4.80 -48.02
C ILE D 212 16.63 -5.89 -47.93
N ASP D 213 17.68 -5.61 -47.17
CA ASP D 213 18.79 -6.55 -47.00
C ASP D 213 18.54 -7.41 -45.77
N ALA D 214 17.84 -6.85 -44.80
CA ALA D 214 17.57 -7.57 -43.57
C ALA D 214 16.29 -7.13 -42.93
N ALA D 215 15.81 -7.94 -41.98
CA ALA D 215 14.59 -7.58 -41.30
C ALA D 215 14.55 -8.06 -39.87
N ASP D 216 14.08 -7.19 -38.99
CA ASP D 216 13.87 -7.54 -37.60
C ASP D 216 12.36 -7.66 -37.51
N PHE D 217 11.82 -8.83 -37.19
CA PHE D 217 10.37 -8.91 -37.02
C PHE D 217 10.14 -9.47 -35.62
N VAL D 218 9.82 -10.76 -35.46
CA VAL D 218 9.66 -11.22 -34.09
C VAL D 218 10.67 -12.31 -33.74
N GLY D 219 10.26 -13.25 -32.89
CA GLY D 219 11.14 -14.34 -32.49
C GLY D 219 11.31 -15.38 -33.56
N PRO D 220 12.11 -16.44 -33.32
CA PRO D 220 12.37 -17.52 -34.28
C PRO D 220 11.21 -18.33 -34.84
N ALA D 221 10.31 -18.80 -33.99
CA ALA D 221 9.17 -19.61 -34.45
C ALA D 221 8.24 -18.92 -35.48
N VAL D 222 7.77 -17.72 -35.15
CA VAL D 222 6.85 -17.03 -36.06
C VAL D 222 7.58 -16.56 -37.32
N ASN D 223 8.83 -16.14 -37.18
CA ASN D 223 9.59 -15.73 -38.36
C ASN D 223 9.72 -16.93 -39.28
N TYR D 224 9.84 -18.11 -38.68
CA TYR D 224 9.95 -19.33 -39.48
C TYR D 224 8.61 -19.60 -40.16
N ASN D 225 7.51 -19.44 -39.40
CA ASN D 225 6.17 -19.63 -39.98
C ASN D 225 6.05 -18.75 -41.23
N LEU D 226 6.61 -17.54 -41.16
CA LEU D 226 6.51 -16.61 -42.30
C LEU D 226 7.49 -16.89 -43.42
N GLY D 227 8.33 -17.91 -43.22
CA GLY D 227 9.26 -18.34 -44.25
C GLY D 227 10.54 -17.56 -44.47
N PHE D 228 10.93 -16.70 -43.52
CA PHE D 228 12.14 -15.91 -43.72
C PHE D 228 13.38 -16.76 -44.05
N HIS D 229 13.43 -17.98 -43.55
CA HIS D 229 14.58 -18.86 -43.80
C HIS D 229 14.72 -19.25 -45.29
N GLN D 230 13.67 -19.07 -46.07
CA GLN D 230 13.76 -19.43 -47.49
C GLN D 230 14.44 -18.32 -48.28
N VAL D 231 14.41 -17.10 -47.76
CA VAL D 231 14.99 -15.97 -48.47
C VAL D 231 16.18 -15.28 -47.82
N ALA D 232 16.61 -15.75 -46.64
CA ALA D 232 17.74 -15.14 -45.94
C ALA D 232 18.40 -16.28 -45.17
N LYS D 233 19.70 -16.48 -45.35
CA LYS D 233 20.34 -17.59 -44.66
C LYS D 233 21.12 -17.24 -43.40
N TYR D 234 20.88 -16.05 -42.86
CA TYR D 234 21.53 -15.61 -41.62
C TYR D 234 20.54 -15.01 -40.63
N ILE D 235 20.80 -15.30 -39.36
CA ILE D 235 20.04 -14.73 -38.26
C ILE D 235 21.10 -14.00 -37.45
N ILE D 236 20.82 -12.76 -37.11
CA ILE D 236 21.75 -11.93 -36.34
C ILE D 236 21.16 -11.69 -34.96
N MET D 237 21.93 -12.04 -33.93
CA MET D 237 21.52 -11.84 -32.54
C MET D 237 22.68 -11.23 -31.75
N GLY D 238 22.39 -10.78 -30.53
CA GLY D 238 23.43 -10.21 -29.70
C GLY D 238 24.20 -11.32 -29.03
N PRO D 239 25.18 -10.97 -28.18
CA PRO D 239 25.98 -11.98 -27.48
C PRO D 239 25.11 -12.72 -26.47
N PRO D 240 25.58 -13.86 -25.94
CA PRO D 240 24.80 -14.63 -24.96
C PRO D 240 24.34 -13.77 -23.79
N GLU D 241 25.17 -12.79 -23.44
CA GLU D 241 24.90 -11.90 -22.32
C GLU D 241 23.83 -10.85 -22.64
N THR D 242 23.58 -10.62 -23.92
CA THR D 242 22.60 -9.64 -24.37
C THR D 242 22.11 -10.14 -25.73
N PRO D 243 21.33 -11.25 -25.75
CA PRO D 243 20.82 -11.83 -27.00
C PRO D 243 19.96 -10.92 -27.87
N ALA D 244 19.27 -9.99 -27.23
CA ALA D 244 18.41 -9.04 -27.94
C ALA D 244 18.86 -7.63 -27.62
N ILE D 245 19.47 -6.96 -28.58
CA ILE D 245 19.93 -5.61 -28.33
C ILE D 245 18.86 -4.53 -28.45
N HIS D 246 17.99 -4.64 -29.46
N HIS D 246 18.03 -4.65 -29.48
CA HIS D 246 16.97 -3.62 -29.63
CA HIS D 246 16.98 -3.67 -29.73
C HIS D 246 15.59 -3.91 -29.07
C HIS D 246 15.62 -3.93 -29.08
N GLN D 247 15.14 -5.17 -29.16
CA GLN D 247 13.83 -5.50 -28.62
C GLN D 247 13.79 -6.81 -27.82
N PRO D 248 14.24 -6.75 -26.56
CA PRO D 248 14.27 -7.89 -25.65
C PRO D 248 12.89 -8.29 -25.11
N VAL D 249 11.97 -7.31 -25.04
CA VAL D 249 10.61 -7.55 -24.53
C VAL D 249 9.61 -6.81 -25.42
N ASP D 250 9.26 -7.46 -26.52
CA ASP D 250 8.38 -6.92 -27.55
C ASP D 250 6.91 -7.16 -27.19
N LEU D 251 6.35 -6.28 -26.37
CA LEU D 251 4.99 -6.42 -25.87
C LEU D 251 3.84 -6.14 -26.82
N MET D 252 2.79 -6.93 -26.68
CA MET D 252 1.58 -6.72 -27.44
C MET D 252 0.65 -6.19 -26.35
N ASP D 253 -0.61 -5.97 -26.68
CA ASP D 253 -1.55 -5.48 -25.68
C ASP D 253 -2.94 -5.71 -26.23
N PHE D 254 -3.92 -5.38 -25.41
CA PHE D 254 -5.32 -5.42 -25.83
C PHE D 254 -5.80 -4.01 -25.55
N THR D 255 -6.40 -3.39 -26.57
CA THR D 255 -6.91 -2.02 -26.48
C THR D 255 -8.31 -2.09 -27.05
N ILE D 256 -9.28 -1.56 -26.31
CA ILE D 256 -10.67 -1.59 -26.73
C ILE D 256 -11.23 -0.20 -26.96
N ASN D 257 -12.14 -0.07 -27.92
CA ASN D 257 -12.78 1.22 -28.19
C ASN D 257 -13.36 1.67 -26.84
N LEU D 258 -13.09 2.91 -26.43
CA LEU D 258 -13.55 3.37 -25.11
C LEU D 258 -15.06 3.27 -24.86
N ASN D 259 -15.89 3.61 -25.84
CA ASN D 259 -17.33 3.52 -25.66
C ASN D 259 -17.78 2.08 -25.56
N ARG D 260 -17.14 1.20 -26.32
CA ARG D 260 -17.47 -0.21 -26.26
C ARG D 260 -17.16 -0.73 -24.86
N TRP D 261 -16.03 -0.30 -24.33
CA TRP D 261 -15.59 -0.70 -23.00
C TRP D 261 -16.53 -0.19 -21.89
N ARG D 262 -16.89 1.09 -21.96
CA ARG D 262 -17.78 1.68 -20.97
C ARG D 262 -19.19 1.11 -21.06
N SER D 263 -19.53 0.50 -22.18
CA SER D 263 -20.86 -0.08 -22.36
C SER D 263 -20.91 -1.45 -21.73
N LEU D 264 -19.73 -2.01 -21.43
CA LEU D 264 -19.64 -3.33 -20.82
C LEU D 264 -19.75 -3.23 -19.31
N PRO D 265 -20.65 -4.01 -18.71
CA PRO D 265 -20.86 -4.01 -17.25
C PRO D 265 -19.57 -4.30 -16.49
N LYS D 266 -19.39 -3.58 -15.38
CA LYS D 266 -18.20 -3.70 -14.55
C LYS D 266 -17.73 -5.14 -14.29
N PRO D 267 -18.64 -6.03 -13.88
CA PRO D 267 -18.21 -7.41 -13.62
C PRO D 267 -17.46 -8.02 -14.80
N LEU D 268 -18.01 -7.85 -16.00
CA LEU D 268 -17.40 -8.38 -17.20
C LEU D 268 -16.11 -7.63 -17.55
N GLN D 269 -16.07 -6.34 -17.25
CA GLN D 269 -14.85 -5.57 -17.52
C GLN D 269 -13.72 -6.21 -16.72
N GLU D 270 -14.00 -6.44 -15.44
CA GLU D 270 -13.00 -7.03 -14.54
C GLU D 270 -12.60 -8.42 -14.99
N ARG D 271 -13.57 -9.22 -15.43
CA ARG D 271 -13.24 -10.57 -15.87
C ARG D 271 -12.37 -10.56 -17.12
N PHE D 272 -12.58 -9.57 -17.98
CA PHE D 272 -11.78 -9.45 -19.20
C PHE D 272 -10.37 -9.02 -18.86
N ILE D 273 -10.24 -8.13 -17.87
CA ILE D 273 -8.91 -7.67 -17.45
C ILE D 273 -8.11 -8.86 -16.93
N ALA D 274 -8.75 -9.71 -16.13
CA ALA D 274 -8.07 -10.89 -15.60
C ALA D 274 -7.77 -11.87 -16.74
N ALA D 275 -8.71 -11.97 -17.68
CA ALA D 275 -8.52 -12.88 -18.82
C ALA D 275 -7.28 -12.48 -19.64
N VAL D 276 -7.11 -11.19 -19.87
CA VAL D 276 -5.97 -10.73 -20.65
C VAL D 276 -4.67 -10.91 -19.86
N HIS D 277 -4.72 -10.73 -18.55
CA HIS D 277 -3.50 -10.90 -17.77
C HIS D 277 -3.06 -12.36 -17.76
N GLU D 278 -4.03 -13.26 -17.65
CA GLU D 278 -3.74 -14.70 -17.70
C GLU D 278 -3.18 -15.04 -19.09
N TYR D 279 -3.86 -14.52 -20.12
CA TYR D 279 -3.45 -14.78 -21.51
C TYR D 279 -2.04 -14.30 -21.80
N SER D 280 -1.70 -13.14 -21.26
CA SER D 280 -0.37 -12.56 -21.44
C SER D 280 0.70 -13.63 -21.29
N TRP D 281 0.62 -14.38 -20.20
CA TRP D 281 1.60 -15.40 -19.90
C TRP D 281 1.37 -16.73 -20.62
N ILE D 282 0.12 -17.09 -20.89
CA ILE D 282 -0.15 -18.34 -21.64
C ILE D 282 0.44 -18.12 -23.05
N HIS D 283 0.25 -16.92 -23.58
CA HIS D 283 0.77 -16.51 -24.90
C HIS D 283 2.30 -16.56 -24.88
N TYR D 284 2.90 -15.90 -23.89
CA TYR D 284 4.36 -15.89 -23.73
C TYR D 284 4.89 -17.32 -23.74
N ALA D 285 4.29 -18.18 -22.91
CA ALA D 285 4.76 -19.56 -22.79
C ALA D 285 4.64 -20.34 -24.10
N GLY D 286 3.54 -20.10 -24.82
CA GLY D 286 3.30 -20.78 -26.09
C GLY D 286 4.33 -20.37 -27.12
N ILE D 287 4.63 -19.07 -27.16
CA ILE D 287 5.65 -18.57 -28.08
C ILE D 287 7.01 -19.18 -27.74
N GLN D 288 7.36 -19.18 -26.45
CA GLN D 288 8.65 -19.71 -26.06
C GLN D 288 8.78 -21.20 -26.39
N LYS D 289 7.71 -21.96 -26.23
CA LYS D 289 7.77 -23.40 -26.58
C LYS D 289 8.06 -23.55 -28.09
N ALA D 290 7.32 -22.79 -28.89
CA ALA D 290 7.50 -22.82 -30.34
C ALA D 290 8.94 -22.41 -30.70
N ASN D 291 9.49 -21.42 -30.01
CA ASN D 291 10.86 -20.97 -30.27
C ASN D 291 11.89 -22.07 -30.07
N LEU D 292 11.76 -22.83 -28.99
CA LEU D 292 12.70 -23.91 -28.71
C LEU D 292 12.68 -24.94 -29.85
N GLU D 293 11.49 -25.15 -30.42
CA GLU D 293 11.32 -26.09 -31.52
C GLU D 293 11.77 -25.55 -32.87
N ALA D 294 11.86 -24.22 -32.97
CA ALA D 294 12.26 -23.57 -34.22
C ALA D 294 13.77 -23.58 -34.51
N TRP D 295 14.60 -23.43 -33.47
CA TRP D 295 16.04 -23.41 -33.71
C TRP D 295 16.53 -24.62 -34.51
N PRO D 296 16.03 -25.83 -34.21
CA PRO D 296 16.51 -26.98 -34.99
C PRO D 296 16.09 -26.90 -36.45
N LYS D 297 14.96 -26.25 -36.71
CA LYS D 297 14.47 -26.11 -38.08
C LYS D 297 15.35 -25.16 -38.88
N TYR D 298 15.84 -24.11 -38.23
CA TYR D 298 16.73 -23.17 -38.91
C TYR D 298 18.04 -23.87 -39.26
N ARG D 299 18.50 -24.76 -38.39
CA ARG D 299 19.73 -25.50 -38.64
C ARG D 299 19.52 -26.38 -39.87
N GLN D 300 18.40 -27.07 -39.91
CA GLN D 300 18.08 -27.96 -41.02
C GLN D 300 17.88 -27.19 -42.33
N ALA D 301 17.53 -25.91 -42.23
CA ALA D 301 17.32 -25.08 -43.42
C ALA D 301 18.62 -24.40 -43.84
N GLY D 302 19.71 -24.73 -43.17
CA GLY D 302 21.00 -24.14 -43.51
C GLY D 302 21.18 -22.67 -43.16
N VAL D 303 20.45 -22.20 -42.15
CA VAL D 303 20.59 -20.81 -41.73
C VAL D 303 21.66 -20.74 -40.65
N GLU D 304 22.54 -19.75 -40.73
CA GLU D 304 23.60 -19.59 -39.72
C GLU D 304 23.17 -18.53 -38.69
N VAL D 305 23.33 -18.85 -37.41
CA VAL D 305 23.00 -17.90 -36.35
C VAL D 305 24.29 -17.17 -35.99
N ILE D 306 24.30 -15.87 -36.25
CA ILE D 306 25.46 -15.04 -35.95
C ILE D 306 25.24 -14.30 -34.65
N ARG D 307 26.28 -14.29 -33.81
CA ARG D 307 26.22 -13.60 -32.55
C ARG D 307 27.19 -12.44 -32.57
N LEU D 308 26.70 -11.26 -32.21
CA LEU D 308 27.52 -10.06 -32.15
C LEU D 308 28.27 -10.14 -30.81
N SER D 309 29.27 -9.28 -30.61
CA SER D 309 30.07 -9.28 -29.39
C SER D 309 29.60 -8.31 -28.31
N ASN D 310 30.24 -8.41 -27.14
CA ASN D 310 29.91 -7.52 -26.05
C ASN D 310 30.30 -6.10 -26.43
N GLU D 311 31.34 -5.96 -27.25
CA GLU D 311 31.79 -4.65 -27.68
C GLU D 311 30.75 -4.03 -28.63
N ASP D 312 30.15 -4.85 -29.50
CA ASP D 312 29.12 -4.34 -30.40
C ASP D 312 27.97 -3.77 -29.58
N VAL D 313 27.64 -4.44 -28.48
CA VAL D 313 26.56 -4.00 -27.60
C VAL D 313 26.89 -2.63 -26.99
N ARG D 314 28.14 -2.44 -26.57
CA ARG D 314 28.54 -1.17 -25.98
C ARG D 314 28.41 -0.05 -27.00
N LYS D 315 28.76 -0.34 -28.25
CA LYS D 315 28.67 0.65 -29.31
C LYS D 315 27.22 1.09 -29.52
N PHE D 316 26.29 0.14 -29.51
CA PHE D 316 24.88 0.47 -29.68
C PHE D 316 24.40 1.24 -28.45
N ARG D 317 24.89 0.83 -27.29
CA ARG D 317 24.51 1.46 -26.04
C ARG D 317 24.81 2.97 -26.05
N ARG D 318 26.00 3.36 -26.49
CA ARG D 318 26.37 4.76 -26.55
C ARG D 318 25.38 5.54 -27.41
N LEU D 319 24.85 4.91 -28.46
CA LEU D 319 23.89 5.56 -29.33
C LEU D 319 22.48 5.60 -28.73
N ALA D 320 22.08 4.50 -28.13
CA ALA D 320 20.74 4.36 -27.57
C ALA D 320 20.37 5.30 -26.42
N ILE D 321 21.25 5.42 -25.44
CA ILE D 321 20.96 6.25 -24.28
C ILE D 321 20.49 7.65 -24.65
N PRO D 322 21.25 8.35 -25.50
CA PRO D 322 20.82 9.70 -25.86
C PRO D 322 19.45 9.70 -26.53
N ILE D 323 19.16 8.66 -27.32
CA ILE D 323 17.88 8.58 -28.01
C ILE D 323 16.72 8.37 -27.04
N TRP D 324 16.96 7.64 -25.96
CA TRP D 324 15.93 7.44 -24.95
C TRP D 324 15.40 8.81 -24.50
N PHE D 325 16.33 9.71 -24.15
CA PHE D 325 15.98 11.05 -23.68
C PHE D 325 15.28 11.91 -24.72
N LYS D 326 15.70 11.75 -25.98
CA LYS D 326 15.09 12.50 -27.05
C LYS D 326 13.60 12.15 -27.12
N TRP D 327 13.30 10.85 -27.13
CA TRP D 327 11.92 10.40 -27.16
C TRP D 327 11.19 10.65 -25.85
N ALA D 328 11.89 10.55 -24.74
CA ALA D 328 11.27 10.76 -23.44
C ALA D 328 10.66 12.15 -23.28
N LYS D 329 11.38 13.15 -23.77
CA LYS D 329 10.96 14.54 -23.66
C LYS D 329 9.80 15.00 -24.55
N MET D 330 9.32 14.12 -25.43
CA MET D 330 8.24 14.50 -26.36
C MET D 330 6.92 14.98 -25.77
N ASP D 331 6.44 14.39 -24.68
CA ASP D 331 5.22 14.88 -24.06
C ASP D 331 5.06 14.45 -22.62
N LYS D 332 3.96 14.87 -22.00
CA LYS D 332 3.72 14.56 -20.60
C LYS D 332 3.69 13.07 -20.28
N TYR D 333 3.19 12.26 -21.19
CA TYR D 333 3.11 10.82 -20.94
C TYR D 333 4.46 10.11 -21.12
N SER D 334 5.19 10.42 -22.18
CA SER D 334 6.49 9.80 -22.39
C SER D 334 7.46 10.24 -21.28
N ARG D 335 7.32 11.48 -20.81
CA ARG D 335 8.19 11.99 -19.75
C ARG D 335 7.91 11.25 -18.46
N GLU D 336 6.64 10.99 -18.19
CA GLU D 336 6.22 10.28 -16.98
C GLU D 336 6.69 8.82 -17.02
N ALA D 337 6.49 8.17 -18.16
CA ALA D 337 6.87 6.77 -18.29
C ALA D 337 8.38 6.54 -18.17
N PHE D 338 9.16 7.30 -18.93
CA PHE D 338 10.60 7.15 -18.89
C PHE D 338 11.18 7.52 -17.52
N ALA D 339 10.64 8.55 -16.90
CA ALA D 339 11.15 8.97 -15.59
C ALA D 339 11.06 7.79 -14.64
N SER D 340 9.92 7.10 -14.71
CA SER D 340 9.66 5.95 -13.87
C SER D 340 10.59 4.78 -14.21
N GLN D 341 10.78 4.52 -15.50
CA GLN D 341 11.63 3.43 -15.91
C GLN D 341 13.11 3.69 -15.62
N LEU D 342 13.51 4.94 -15.75
CA LEU D 342 14.88 5.31 -15.50
C LEU D 342 15.25 5.10 -14.03
N GLU D 343 14.31 5.45 -13.15
CA GLU D 343 14.55 5.29 -11.72
C GLU D 343 14.66 3.79 -11.42
N TYR D 344 13.85 2.99 -12.10
CA TYR D 344 13.85 1.55 -11.87
C TYR D 344 15.19 1.01 -12.34
N MET D 345 15.61 1.40 -13.54
CA MET D 345 16.88 0.94 -14.09
C MET D 345 18.06 1.32 -13.22
N LYS D 346 18.04 2.50 -12.62
CA LYS D 346 19.13 2.88 -11.74
C LYS D 346 19.06 2.05 -10.48
N GLY D 347 17.84 1.74 -10.05
CA GLY D 347 17.65 0.94 -8.86
C GLY D 347 18.21 -0.47 -8.98
N ILE D 348 18.18 -1.03 -10.20
CA ILE D 348 18.68 -2.38 -10.40
C ILE D 348 20.02 -2.43 -11.15
N GLY D 349 20.72 -1.30 -11.20
CA GLY D 349 22.02 -1.24 -11.85
C GLY D 349 22.11 -1.32 -13.36
N TYR D 350 21.01 -1.04 -14.05
CA TYR D 350 21.00 -1.09 -15.51
C TYR D 350 21.61 0.11 -16.20
N VAL D 351 21.78 1.21 -15.48
CA VAL D 351 22.40 2.43 -16.02
C VAL D 351 23.23 3.08 -14.92
N THR D 352 24.33 3.71 -15.31
CA THR D 352 25.21 4.38 -14.35
C THR D 352 25.13 5.90 -14.59
N ASP D 353 25.42 6.68 -13.55
CA ASP D 353 25.38 8.13 -13.70
C ASP D 353 26.41 8.58 -14.72
N GLU D 354 27.51 7.85 -14.80
CA GLU D 354 28.56 8.17 -15.76
C GLU D 354 27.99 8.19 -17.17
N GLU D 355 27.25 7.14 -17.52
CA GLU D 355 26.66 7.03 -18.85
C GLU D 355 25.64 8.11 -19.13
N LEU D 356 25.03 8.62 -18.06
CA LEU D 356 24.00 9.65 -18.21
C LEU D 356 24.56 11.07 -18.19
N LYS D 357 25.89 11.20 -18.15
CA LYS D 357 26.54 12.51 -18.11
C LYS D 357 25.99 13.46 -19.17
N GLY D 358 25.47 14.59 -18.71
CA GLY D 358 24.92 15.58 -19.63
C GLY D 358 23.55 15.29 -20.21
N LEU D 359 22.82 14.36 -19.61
CA LEU D 359 21.49 14.00 -20.10
C LEU D 359 20.46 14.17 -18.99
N SER D 360 19.42 14.95 -19.27
CA SER D 360 18.38 15.19 -18.29
C SER D 360 17.00 15.21 -18.95
N LEU D 361 16.06 14.48 -18.35
CA LEU D 361 14.69 14.40 -18.87
C LEU D 361 13.78 15.32 -18.09
C LAC E . 11.57 -20.43 2.68
CA LAC E . 10.99 -20.24 1.31
CB LAC E . 10.72 -21.42 0.60
O LAC E . 12.77 -20.41 2.83
OHN LAC E . 11.86 -19.35 0.63
OXT LAC E . 10.77 -20.63 3.74
P PO4 F . 6.61 -19.71 7.18
O1 PO4 F . 7.07 -18.26 7.72
O2 PO4 F . 5.93 -19.51 5.77
O3 PO4 F . 7.87 -20.62 7.05
O4 PO4 F . 5.58 -20.30 8.19
C1 GOL G . 4.71 -21.36 12.38
O1 GOL G . 4.09 -22.50 11.80
C2 GOL G . 4.49 -20.14 11.49
O2 GOL G . 3.32 -19.44 11.92
C3 GOL G . 5.70 -19.21 11.58
O3 GOL G . 5.98 -18.67 10.28
C LAC H . -11.33 22.43 -1.71
CA LAC H . -11.63 21.93 -0.32
CB LAC H . -12.78 22.43 0.27
O LAC H . -10.47 23.27 -1.88
OHN LAC H . -10.46 22.15 0.47
OXT LAC H . -12.03 21.97 -2.76
P PO4 I . -15.16 18.66 -6.58
O1 PO4 I . -14.80 20.18 -6.17
O2 PO4 I . -16.22 18.72 -7.75
O3 PO4 I . -13.87 17.94 -7.06
O4 PO4 I . -15.79 17.98 -5.33
C LAC J . -1.65 6.04 34.29
CA LAC J . -2.27 6.09 32.93
CB LAC J . -1.73 5.15 32.02
O LAC J . -0.76 6.80 34.58
OHN LAC J . -2.16 7.44 32.50
OXT LAC J . -2.09 5.14 35.17
CA CA K . 0.06 8.55 33.04
C LAC L . 7.66 -5.72 -35.19
CA LAC L . 7.29 -5.96 -33.76
CB LAC L . 7.19 -4.82 -32.96
O LAC L . 8.82 -5.74 -35.52
OHN LAC L . 8.21 -6.94 -33.27
OXT LAC L . 6.70 -5.47 -36.09
C1 GOL M . -1.12 -8.00 -43.79
O1 GOL M . -0.54 -9.12 -43.12
C2 GOL M . -1.25 -6.83 -42.81
O2 GOL M . -0.07 -6.75 -41.99
C3 GOL M . -1.44 -5.53 -43.58
O3 GOL M . -1.31 -4.41 -42.71
#